data_2N28
# 
_entry.id   2N28 
# 
_audit_conform.dict_name       mmcif_pdbx.dic 
_audit_conform.dict_version    5.391 
_audit_conform.dict_location   http://mmcif.pdb.org/dictionaries/ascii/mmcif_pdbx.dic 
# 
loop_
_database_2.database_code 
_database_2.database_id 
_database_2.pdbx_database_accession 
_database_2.pdbx_DOI 
RCSB104329   RCSB  ?            ?                   
2N28         PDB   pdb_00002n28 10.2210/pdb2n28/pdb 
25591        BMRB  ?            10.13018/BMR25591   
D_1000104329 WWPDB ?            ?                   
# 
loop_
_pdbx_audit_revision_history.ordinal 
_pdbx_audit_revision_history.data_content_type 
_pdbx_audit_revision_history.major_revision 
_pdbx_audit_revision_history.minor_revision 
_pdbx_audit_revision_history.revision_date 
1 'Structure model' 1 0 2015-09-30 
2 'Structure model' 1 1 2015-10-14 
3 'Structure model' 1 2 2024-05-01 
# 
_pdbx_audit_revision_details.ordinal             1 
_pdbx_audit_revision_details.revision_ordinal    1 
_pdbx_audit_revision_details.data_content_type   'Structure model' 
_pdbx_audit_revision_details.provider            repository 
_pdbx_audit_revision_details.type                'Initial release' 
_pdbx_audit_revision_details.description         ? 
_pdbx_audit_revision_details.details             ? 
# 
loop_
_pdbx_audit_revision_group.ordinal 
_pdbx_audit_revision_group.revision_ordinal 
_pdbx_audit_revision_group.data_content_type 
_pdbx_audit_revision_group.group 
1 2 'Structure model' 'Database references' 
2 3 'Structure model' 'Data collection'     
3 3 'Structure model' 'Database references' 
# 
loop_
_pdbx_audit_revision_category.ordinal 
_pdbx_audit_revision_category.revision_ordinal 
_pdbx_audit_revision_category.data_content_type 
_pdbx_audit_revision_category.category 
1 3 'Structure model' chem_comp_atom        
2 3 'Structure model' chem_comp_bond        
3 3 'Structure model' database_2            
4 3 'Structure model' pdbx_nmr_spectrometer 
5 3 'Structure model' struct_ref_seq_dif    
# 
loop_
_pdbx_audit_revision_item.ordinal 
_pdbx_audit_revision_item.revision_ordinal 
_pdbx_audit_revision_item.data_content_type 
_pdbx_audit_revision_item.item 
1 3 'Structure model' '_database_2.pdbx_DOI'                
2 3 'Structure model' '_database_2.pdbx_database_accession' 
3 3 'Structure model' '_pdbx_nmr_spectrometer.model'        
4 3 'Structure model' '_struct_ref_seq_dif.details'         
# 
_pdbx_database_status.deposit_site                    BMRB 
_pdbx_database_status.entry_id                        2N28 
_pdbx_database_status.process_site                    RCSB 
_pdbx_database_status.recvd_initial_deposition_date   2015-05-01 
_pdbx_database_status.SG_entry                        ? 
_pdbx_database_status.status_code                     REL 
_pdbx_database_status.status_code_mr                  REL 
_pdbx_database_status.status_code_sf                  ? 
_pdbx_database_status.status_code_cs                  REL 
_pdbx_database_status.methods_development_category    ? 
_pdbx_database_status.pdb_format_compatible           Y 
_pdbx_database_status.status_code_nmr_data            ? 
# 
loop_
_pdbx_database_related.db_id 
_pdbx_database_related.db_name 
_pdbx_database_related.content_type 
_pdbx_database_related.details 
25591 BMRB unspecified . 
2N29  PDB  unspecified . 
# 
loop_
_audit_author.name 
_audit_author.pdbx_ordinal 
'Zhang, H.'    1 
'Lin, E.C.'    2 
'Tian, Y.'     3 
'Das, B.B.'    4 
'Opella, S.J.' 5 
# 
_citation.id                        primary 
_citation.title                     'Structural determination of virus protein U from HIV-1 by NMR in membrane environments.' 
_citation.journal_abbrev            Biochim.Biophys.Acta 
_citation.journal_volume            1848 
_citation.page_first                3007 
_citation.page_last                 3018 
_citation.year                      2015 
_citation.journal_id_ASTM           BBACAQ 
_citation.country                   NE 
_citation.journal_id_ISSN           0006-3002 
_citation.journal_id_CSD            0113 
_citation.book_publisher            ? 
_citation.pdbx_database_id_PubMed   26362058 
_citation.pdbx_database_id_DOI      10.1016/j.bbamem.2015.09.008 
# 
loop_
_citation_author.citation_id 
_citation_author.name 
_citation_author.ordinal 
_citation_author.identifier_ORCID 
primary 'Zhang, H.'    1 ? 
primary 'Lin, E.C.'    2 ? 
primary 'Das, B.B.'    3 ? 
primary 'Tian, Y.'     4 ? 
primary 'Opella, S.J.' 5 ? 
# 
_entity.id                         1 
_entity.type                       polymer 
_entity.src_method                 man 
_entity.pdbx_description           'Protein Vpu' 
_entity.formula_weight             9147.644 
_entity.pdbx_number_of_molecules   1 
_entity.pdbx_ec                    ? 
_entity.pdbx_mutation              ? 
_entity.pdbx_fragment              ? 
_entity.details                    ? 
# 
_entity_name_com.entity_id   1 
_entity_name_com.name        'U ORF protein, Viral protein U' 
# 
_entity_poly.entity_id                      1 
_entity_poly.type                           'polypeptide(L)' 
_entity_poly.nstd_linkage                   no 
_entity_poly.nstd_monomer                   no 
_entity_poly.pdbx_seq_one_letter_code       
;MQPIQIAIVALVVAIIIAIVVWSIVIIEYRKILRQRKIDRLIDRLIERAEDSGNESEGEISALVELGVELGHHAPWDVDD
L
;
_entity_poly.pdbx_seq_one_letter_code_can   
;MQPIQIAIVALVVAIIIAIVVWSIVIIEYRKILRQRKIDRLIDRLIERAEDSGNESEGEISALVELGVELGHHAPWDVDD
L
;
_entity_poly.pdbx_strand_id                 A 
_entity_poly.pdbx_target_identifier         ? 
# 
loop_
_entity_poly_seq.entity_id 
_entity_poly_seq.num 
_entity_poly_seq.mon_id 
_entity_poly_seq.hetero 
1 1  MET n 
1 2  GLN n 
1 3  PRO n 
1 4  ILE n 
1 5  GLN n 
1 6  ILE n 
1 7  ALA n 
1 8  ILE n 
1 9  VAL n 
1 10 ALA n 
1 11 LEU n 
1 12 VAL n 
1 13 VAL n 
1 14 ALA n 
1 15 ILE n 
1 16 ILE n 
1 17 ILE n 
1 18 ALA n 
1 19 ILE n 
1 20 VAL n 
1 21 VAL n 
1 22 TRP n 
1 23 SER n 
1 24 ILE n 
1 25 VAL n 
1 26 ILE n 
1 27 ILE n 
1 28 GLU n 
1 29 TYR n 
1 30 ARG n 
1 31 LYS n 
1 32 ILE n 
1 33 LEU n 
1 34 ARG n 
1 35 GLN n 
1 36 ARG n 
1 37 LYS n 
1 38 ILE n 
1 39 ASP n 
1 40 ARG n 
1 41 LEU n 
1 42 ILE n 
1 43 ASP n 
1 44 ARG n 
1 45 LEU n 
1 46 ILE n 
1 47 GLU n 
1 48 ARG n 
1 49 ALA n 
1 50 GLU n 
1 51 ASP n 
1 52 SER n 
1 53 GLY n 
1 54 ASN n 
1 55 GLU n 
1 56 SER n 
1 57 GLU n 
1 58 GLY n 
1 59 GLU n 
1 60 ILE n 
1 61 SER n 
1 62 ALA n 
1 63 LEU n 
1 64 VAL n 
1 65 GLU n 
1 66 LEU n 
1 67 GLY n 
1 68 VAL n 
1 69 GLU n 
1 70 LEU n 
1 71 GLY n 
1 72 HIS n 
1 73 HIS n 
1 74 ALA n 
1 75 PRO n 
1 76 TRP n 
1 77 ASP n 
1 78 VAL n 
1 79 ASP n 
1 80 ASP n 
1 81 LEU n 
# 
_entity_src_gen.entity_id                          1 
_entity_src_gen.pdbx_src_id                        1 
_entity_src_gen.pdbx_alt_source_flag               sample 
_entity_src_gen.pdbx_seq_type                      ? 
_entity_src_gen.pdbx_beg_seq_num                   ? 
_entity_src_gen.pdbx_end_seq_num                   ? 
_entity_src_gen.gene_src_common_name               HIV-1 
_entity_src_gen.gene_src_genus                     ? 
_entity_src_gen.pdbx_gene_src_gene                 vpu 
_entity_src_gen.gene_src_species                   ? 
_entity_src_gen.gene_src_strain                    ? 
_entity_src_gen.gene_src_tissue                    ? 
_entity_src_gen.gene_src_tissue_fraction           ? 
_entity_src_gen.gene_src_details                   ? 
_entity_src_gen.pdbx_gene_src_fragment             ? 
_entity_src_gen.pdbx_gene_src_scientific_name      'Human immunodeficiency virus 1' 
_entity_src_gen.pdbx_gene_src_ncbi_taxonomy_id     11676 
_entity_src_gen.pdbx_gene_src_variant              ? 
_entity_src_gen.pdbx_gene_src_cell_line            ? 
_entity_src_gen.pdbx_gene_src_atcc                 ? 
_entity_src_gen.pdbx_gene_src_organ                ? 
_entity_src_gen.pdbx_gene_src_organelle            ? 
_entity_src_gen.pdbx_gene_src_cell                 ? 
_entity_src_gen.pdbx_gene_src_cellular_location    ? 
_entity_src_gen.host_org_common_name               ? 
_entity_src_gen.pdbx_host_org_scientific_name      'Escherichia coli' 
_entity_src_gen.pdbx_host_org_ncbi_taxonomy_id     562 
_entity_src_gen.host_org_genus                     ? 
_entity_src_gen.pdbx_host_org_gene                 ? 
_entity_src_gen.pdbx_host_org_organ                ? 
_entity_src_gen.host_org_species                   ? 
_entity_src_gen.pdbx_host_org_tissue               ? 
_entity_src_gen.pdbx_host_org_tissue_fraction      ? 
_entity_src_gen.pdbx_host_org_strain               C41 
_entity_src_gen.pdbx_host_org_variant              ? 
_entity_src_gen.pdbx_host_org_cell_line            ? 
_entity_src_gen.pdbx_host_org_atcc                 ? 
_entity_src_gen.pdbx_host_org_culture_collection   ? 
_entity_src_gen.pdbx_host_org_cell                 ? 
_entity_src_gen.pdbx_host_org_organelle            ? 
_entity_src_gen.pdbx_host_org_cellular_location    ? 
_entity_src_gen.pdbx_host_org_vector_type          plasmid 
_entity_src_gen.pdbx_host_org_vector               ? 
_entity_src_gen.host_org_details                   ? 
_entity_src_gen.expression_system_id               ? 
_entity_src_gen.plasmid_name                       pET31b+ 
_entity_src_gen.plasmid_details                    ? 
_entity_src_gen.pdbx_description                   ? 
# 
loop_
_chem_comp.id 
_chem_comp.type 
_chem_comp.mon_nstd_flag 
_chem_comp.name 
_chem_comp.pdbx_synonyms 
_chem_comp.formula 
_chem_comp.formula_weight 
ALA 'L-peptide linking' y ALANINE         ? 'C3 H7 N O2'     89.093  
ARG 'L-peptide linking' y ARGININE        ? 'C6 H15 N4 O2 1' 175.209 
ASN 'L-peptide linking' y ASPARAGINE      ? 'C4 H8 N2 O3'    132.118 
ASP 'L-peptide linking' y 'ASPARTIC ACID' ? 'C4 H7 N O4'     133.103 
GLN 'L-peptide linking' y GLUTAMINE       ? 'C5 H10 N2 O3'   146.144 
GLU 'L-peptide linking' y 'GLUTAMIC ACID' ? 'C5 H9 N O4'     147.129 
GLY 'peptide linking'   y GLYCINE         ? 'C2 H5 N O2'     75.067  
HIS 'L-peptide linking' y HISTIDINE       ? 'C6 H10 N3 O2 1' 156.162 
ILE 'L-peptide linking' y ISOLEUCINE      ? 'C6 H13 N O2'    131.173 
LEU 'L-peptide linking' y LEUCINE         ? 'C6 H13 N O2'    131.173 
LYS 'L-peptide linking' y LYSINE          ? 'C6 H15 N2 O2 1' 147.195 
MET 'L-peptide linking' y METHIONINE      ? 'C5 H11 N O2 S'  149.211 
PRO 'L-peptide linking' y PROLINE         ? 'C5 H9 N O2'     115.130 
SER 'L-peptide linking' y SERINE          ? 'C3 H7 N O3'     105.093 
TRP 'L-peptide linking' y TRYPTOPHAN      ? 'C11 H12 N2 O2'  204.225 
TYR 'L-peptide linking' y TYROSINE        ? 'C9 H11 N O3'    181.189 
VAL 'L-peptide linking' y VALINE          ? 'C5 H11 N O2'    117.146 
# 
loop_
_pdbx_poly_seq_scheme.asym_id 
_pdbx_poly_seq_scheme.entity_id 
_pdbx_poly_seq_scheme.seq_id 
_pdbx_poly_seq_scheme.mon_id 
_pdbx_poly_seq_scheme.ndb_seq_num 
_pdbx_poly_seq_scheme.pdb_seq_num 
_pdbx_poly_seq_scheme.auth_seq_num 
_pdbx_poly_seq_scheme.pdb_mon_id 
_pdbx_poly_seq_scheme.auth_mon_id 
_pdbx_poly_seq_scheme.pdb_strand_id 
_pdbx_poly_seq_scheme.pdb_ins_code 
_pdbx_poly_seq_scheme.hetero 
A 1 1  MET 1  1  1  MET MET A . n 
A 1 2  GLN 2  2  2  GLN GLN A . n 
A 1 3  PRO 3  3  3  PRO PRO A . n 
A 1 4  ILE 4  4  4  ILE ILE A . n 
A 1 5  GLN 5  5  5  GLN GLN A . n 
A 1 6  ILE 6  6  6  ILE ILE A . n 
A 1 7  ALA 7  7  7  ALA ALA A . n 
A 1 8  ILE 8  8  8  ILE ILE A . n 
A 1 9  VAL 9  9  9  VAL VAL A . n 
A 1 10 ALA 10 10 10 ALA ALA A . n 
A 1 11 LEU 11 11 11 LEU LEU A . n 
A 1 12 VAL 12 12 12 VAL VAL A . n 
A 1 13 VAL 13 13 13 VAL VAL A . n 
A 1 14 ALA 14 14 14 ALA ALA A . n 
A 1 15 ILE 15 15 15 ILE ILE A . n 
A 1 16 ILE 16 16 16 ILE ILE A . n 
A 1 17 ILE 17 17 17 ILE ILE A . n 
A 1 18 ALA 18 18 18 ALA ALA A . n 
A 1 19 ILE 19 19 19 ILE ILE A . n 
A 1 20 VAL 20 20 20 VAL VAL A . n 
A 1 21 VAL 21 21 21 VAL VAL A . n 
A 1 22 TRP 22 22 22 TRP TRP A . n 
A 1 23 SER 23 23 23 SER SER A . n 
A 1 24 ILE 24 24 24 ILE ILE A . n 
A 1 25 VAL 25 25 25 VAL VAL A . n 
A 1 26 ILE 26 26 26 ILE ILE A . n 
A 1 27 ILE 27 27 27 ILE ILE A . n 
A 1 28 GLU 28 28 28 GLU GLU A . n 
A 1 29 TYR 29 29 29 TYR TYR A . n 
A 1 30 ARG 30 30 30 ARG ARG A . n 
A 1 31 LYS 31 31 31 LYS LYS A . n 
A 1 32 ILE 32 32 32 ILE ILE A . n 
A 1 33 LEU 33 33 33 LEU LEU A . n 
A 1 34 ARG 34 34 34 ARG ARG A . n 
A 1 35 GLN 35 35 35 GLN GLN A . n 
A 1 36 ARG 36 36 36 ARG ARG A . n 
A 1 37 LYS 37 37 37 LYS LYS A . n 
A 1 38 ILE 38 38 38 ILE ILE A . n 
A 1 39 ASP 39 39 39 ASP ASP A . n 
A 1 40 ARG 40 40 40 ARG ARG A . n 
A 1 41 LEU 41 41 41 LEU LEU A . n 
A 1 42 ILE 42 42 42 ILE ILE A . n 
A 1 43 ASP 43 43 43 ASP ASP A . n 
A 1 44 ARG 44 44 44 ARG ARG A . n 
A 1 45 LEU 45 45 45 LEU LEU A . n 
A 1 46 ILE 46 46 46 ILE ILE A . n 
A 1 47 GLU 47 47 47 GLU GLU A . n 
A 1 48 ARG 48 48 48 ARG ARG A . n 
A 1 49 ALA 49 49 49 ALA ALA A . n 
A 1 50 GLU 50 50 50 GLU GLU A . n 
A 1 51 ASP 51 51 51 ASP ASP A . n 
A 1 52 SER 52 52 52 SER SER A . n 
A 1 53 GLY 53 53 53 GLY GLY A . n 
A 1 54 ASN 54 54 54 ASN ASN A . n 
A 1 55 GLU 55 55 55 GLU GLU A . n 
A 1 56 SER 56 56 56 SER SER A . n 
A 1 57 GLU 57 57 57 GLU GLU A . n 
A 1 58 GLY 58 58 58 GLY GLY A . n 
A 1 59 GLU 59 59 59 GLU GLU A . n 
A 1 60 ILE 60 60 60 ILE ILE A . n 
A 1 61 SER 61 61 61 SER SER A . n 
A 1 62 ALA 62 62 62 ALA ALA A . n 
A 1 63 LEU 63 63 63 LEU LEU A . n 
A 1 64 VAL 64 64 64 VAL VAL A . n 
A 1 65 GLU 65 65 65 GLU GLU A . n 
A 1 66 LEU 66 66 66 LEU LEU A . n 
A 1 67 GLY 67 67 67 GLY GLY A . n 
A 1 68 VAL 68 68 68 VAL VAL A . n 
A 1 69 GLU 69 69 69 GLU GLU A . n 
A 1 70 LEU 70 70 70 LEU LEU A . n 
A 1 71 GLY 71 71 71 GLY GLY A . n 
A 1 72 HIS 72 72 72 HIS HIS A . n 
A 1 73 HIS 73 73 73 HIS HIS A . n 
A 1 74 ALA 74 74 74 ALA ALA A . n 
A 1 75 PRO 75 75 75 PRO PRO A . n 
A 1 76 TRP 76 76 76 TRP TRP A . n 
A 1 77 ASP 77 77 77 ASP ASP A . n 
A 1 78 VAL 78 78 78 VAL VAL A . n 
A 1 79 ASP 79 79 79 ASP ASP A . n 
A 1 80 ASP 80 80 80 ASP ASP A . n 
A 1 81 LEU 81 81 81 LEU LEU A . n 
# 
_exptl.absorpt_coefficient_mu     ? 
_exptl.absorpt_correction_T_max   ? 
_exptl.absorpt_correction_T_min   ? 
_exptl.absorpt_correction_type    ? 
_exptl.absorpt_process_details    ? 
_exptl.crystals_number            ? 
_exptl.details                    ? 
_exptl.entry_id                   2N28 
_exptl.method                     'SOLID-STATE NMR' 
_exptl.method_details             ? 
# 
_struct.entry_id                  2N28 
_struct.title                     'Solid-state NMR structure of Vpu' 
_struct.pdbx_model_details        'lowest energy, model1' 
_struct.pdbx_CASP_flag            ? 
_struct.pdbx_model_type_details   ? 
# 
_struct_keywords.entry_id        2N28 
_struct_keywords.pdbx_keywords   'VIRAL PROTEIN' 
_struct_keywords.text            'alpha helix, VIRAL PROTEIN' 
# 
_struct_asym.id                            A 
_struct_asym.pdbx_blank_PDB_chainid_flag   N 
_struct_asym.pdbx_modified                 N 
_struct_asym.entity_id                     1 
_struct_asym.details                       ? 
# 
_struct_ref.id                         1 
_struct_ref.db_name                    UNP 
_struct_ref.db_code                    VPU_HV1H3 
_struct_ref.pdbx_db_accession          P69700 
_struct_ref.entity_id                  1 
_struct_ref.pdbx_seq_one_letter_code   
;MQPIQIAIVALVVAIIIAIVVWSIVIIEYRKILRQRKIDRLIDRLIERAEDSGNESEGEISALVEMGVEMGHHAPWDVDD
L
;
_struct_ref.pdbx_align_begin           1 
_struct_ref.pdbx_db_isoform            ? 
# 
_struct_ref_seq.align_id                      1 
_struct_ref_seq.ref_id                        1 
_struct_ref_seq.pdbx_PDB_id_code              2N28 
_struct_ref_seq.pdbx_strand_id                A 
_struct_ref_seq.seq_align_beg                 1 
_struct_ref_seq.pdbx_seq_align_beg_ins_code   ? 
_struct_ref_seq.seq_align_end                 81 
_struct_ref_seq.pdbx_seq_align_end_ins_code   ? 
_struct_ref_seq.pdbx_db_accession             P69700 
_struct_ref_seq.db_align_beg                  1 
_struct_ref_seq.pdbx_db_align_beg_ins_code    ? 
_struct_ref_seq.db_align_end                  81 
_struct_ref_seq.pdbx_db_align_end_ins_code    ? 
_struct_ref_seq.pdbx_auth_seq_align_beg       1 
_struct_ref_seq.pdbx_auth_seq_align_end       81 
# 
loop_
_struct_ref_seq_dif.align_id 
_struct_ref_seq_dif.pdbx_pdb_id_code 
_struct_ref_seq_dif.mon_id 
_struct_ref_seq_dif.pdbx_pdb_strand_id 
_struct_ref_seq_dif.seq_num 
_struct_ref_seq_dif.pdbx_pdb_ins_code 
_struct_ref_seq_dif.pdbx_seq_db_name 
_struct_ref_seq_dif.pdbx_seq_db_accession_code 
_struct_ref_seq_dif.db_mon_id 
_struct_ref_seq_dif.pdbx_seq_db_seq_num 
_struct_ref_seq_dif.details 
_struct_ref_seq_dif.pdbx_auth_seq_num 
_struct_ref_seq_dif.pdbx_ordinal 
1 2N28 LEU A 66 ? UNP P69700 MET 66 conflict 66 1 
1 2N28 LEU A 70 ? UNP P69700 MET 70 conflict 70 2 
# 
_pdbx_struct_assembly.id                   1 
_pdbx_struct_assembly.details              author_defined_assembly 
_pdbx_struct_assembly.method_details       ? 
_pdbx_struct_assembly.oligomeric_details   monomeric 
_pdbx_struct_assembly.oligomeric_count     1 
# 
_pdbx_struct_assembly_gen.assembly_id       1 
_pdbx_struct_assembly_gen.oper_expression   1 
_pdbx_struct_assembly_gen.asym_id_list      A 
# 
_pdbx_struct_oper_list.id                   1 
_pdbx_struct_oper_list.type                 'identity operation' 
_pdbx_struct_oper_list.name                 1_555 
_pdbx_struct_oper_list.symmetry_operation   x,y,z 
_pdbx_struct_oper_list.matrix[1][1]         1.0000000000 
_pdbx_struct_oper_list.matrix[1][2]         0.0000000000 
_pdbx_struct_oper_list.matrix[1][3]         0.0000000000 
_pdbx_struct_oper_list.vector[1]            0.0000000000 
_pdbx_struct_oper_list.matrix[2][1]         0.0000000000 
_pdbx_struct_oper_list.matrix[2][2]         1.0000000000 
_pdbx_struct_oper_list.matrix[2][3]         0.0000000000 
_pdbx_struct_oper_list.vector[2]            0.0000000000 
_pdbx_struct_oper_list.matrix[3][1]         0.0000000000 
_pdbx_struct_oper_list.matrix[3][2]         0.0000000000 
_pdbx_struct_oper_list.matrix[3][3]         1.0000000000 
_pdbx_struct_oper_list.vector[3]            0.0000000000 
# 
_struct_biol.id        1 
_struct_biol.details   ? 
# 
loop_
_struct_conf.conf_type_id 
_struct_conf.id 
_struct_conf.pdbx_PDB_helix_id 
_struct_conf.beg_label_comp_id 
_struct_conf.beg_label_asym_id 
_struct_conf.beg_label_seq_id 
_struct_conf.pdbx_beg_PDB_ins_code 
_struct_conf.end_label_comp_id 
_struct_conf.end_label_asym_id 
_struct_conf.end_label_seq_id 
_struct_conf.pdbx_end_PDB_ins_code 
_struct_conf.beg_auth_comp_id 
_struct_conf.beg_auth_asym_id 
_struct_conf.beg_auth_seq_id 
_struct_conf.end_auth_comp_id 
_struct_conf.end_auth_asym_id 
_struct_conf.end_auth_seq_id 
_struct_conf.pdbx_PDB_helix_class 
_struct_conf.details 
_struct_conf.pdbx_PDB_helix_length 
HELX_P HELX_P1 1 ILE A 8  ? GLU A 28 ? ILE A 8  GLU A 28 1 ? 21 
HELX_P HELX_P2 2 ARG A 34 ? ARG A 40 ? ARG A 34 ARG A 40 1 ? 7  
HELX_P HELX_P3 3 ARG A 40 ? ALA A 49 ? ARG A 40 ALA A 49 1 ? 10 
HELX_P HELX_P4 4 GLY A 58 ? GLY A 71 ? GLY A 58 GLY A 71 1 ? 14 
# 
_struct_conf_type.id          HELX_P 
_struct_conf_type.criteria    ? 
_struct_conf_type.reference   ? 
# 
loop_
_pdbx_validate_close_contact.id 
_pdbx_validate_close_contact.PDB_model_num 
_pdbx_validate_close_contact.auth_atom_id_1 
_pdbx_validate_close_contact.auth_asym_id_1 
_pdbx_validate_close_contact.auth_comp_id_1 
_pdbx_validate_close_contact.auth_seq_id_1 
_pdbx_validate_close_contact.PDB_ins_code_1 
_pdbx_validate_close_contact.label_alt_id_1 
_pdbx_validate_close_contact.auth_atom_id_2 
_pdbx_validate_close_contact.auth_asym_id_2 
_pdbx_validate_close_contact.auth_comp_id_2 
_pdbx_validate_close_contact.auth_seq_id_2 
_pdbx_validate_close_contact.PDB_ins_code_2 
_pdbx_validate_close_contact.label_alt_id_2 
_pdbx_validate_close_contact.dist 
1 1 HD23 A LEU 41 ? ? HH21 A ARG 44 ? ? 0.39 
2 1 CD2  A LEU 41 ? ? HH21 A ARG 44 ? ? 1.16 
3 1 HD23 A LEU 41 ? ? NH2  A ARG 44 ? ? 1.23 
4 1 CD2  A LEU 41 ? ? NH2  A ARG 44 ? ? 1.89 
# 
loop_
_pdbx_validate_torsion.id 
_pdbx_validate_torsion.PDB_model_num 
_pdbx_validate_torsion.auth_comp_id 
_pdbx_validate_torsion.auth_asym_id 
_pdbx_validate_torsion.auth_seq_id 
_pdbx_validate_torsion.PDB_ins_code 
_pdbx_validate_torsion.label_alt_id 
_pdbx_validate_torsion.phi 
_pdbx_validate_torsion.psi 
1 1 ARG A 34 ? ? 61.87  -10.92 
2 1 ALA A 49 ? ? 175.63 142.47 
# 
_pdbx_nmr_ensemble.average_constraint_violations_per_residue     ? 
_pdbx_nmr_ensemble.average_constraints_per_residue               ? 
_pdbx_nmr_ensemble.average_distance_constraint_violation         ? 
_pdbx_nmr_ensemble.average_torsion_angle_constraint_violation    ? 
_pdbx_nmr_ensemble.conformer_selection_criteria                  'structures with the lowest energy' 
_pdbx_nmr_ensemble.conformers_calculated_total_number            100 
_pdbx_nmr_ensemble.conformers_submitted_total_number             1 
_pdbx_nmr_ensemble.distance_constraint_violation_method          ? 
_pdbx_nmr_ensemble.entry_id                                      2N28 
_pdbx_nmr_ensemble.maximum_distance_constraint_violation         ? 
_pdbx_nmr_ensemble.maximum_lower_distance_constraint_violation   ? 
_pdbx_nmr_ensemble.maximum_torsion_angle_constraint_violation    ? 
_pdbx_nmr_ensemble.maximum_upper_distance_constraint_violation   ? 
_pdbx_nmr_ensemble.torsion_angle_constraint_violation_method     ? 
# 
_pdbx_nmr_representative.conformer_id         1 
_pdbx_nmr_representative.entry_id             2N28 
_pdbx_nmr_representative.selection_criteria   'lowest energy' 
# 
_pdbx_nmr_sample_details.contents         '8.5 mM [U-100% 13C; U-100% 15N] HIV-1 Virus protein U, 100% H2O' 
_pdbx_nmr_sample_details.solution_id      1 
_pdbx_nmr_sample_details.solvent_system   100%H2O 
# 
_pdbx_nmr_exptl_sample.component             'HIV-1 Virus protein U-1' 
_pdbx_nmr_exptl_sample.concentration         8.5 
_pdbx_nmr_exptl_sample.concentration_range   ? 
_pdbx_nmr_exptl_sample.concentration_units   mM 
_pdbx_nmr_exptl_sample.isotopic_labeling     '[U-100% 13C; U-100% 15N]' 
_pdbx_nmr_exptl_sample.solution_id           1 
# 
_pdbx_nmr_exptl_sample_conditions.conditions_id       1 
_pdbx_nmr_exptl_sample_conditions.ionic_strength      20 
_pdbx_nmr_exptl_sample_conditions.pH                  7.3 
_pdbx_nmr_exptl_sample_conditions.pressure            1 
_pdbx_nmr_exptl_sample_conditions.pressure_units      atm 
_pdbx_nmr_exptl_sample_conditions.temperature         298 
_pdbx_nmr_exptl_sample_conditions.temperature_units   K 
# 
loop_
_pdbx_nmr_exptl.conditions_id 
_pdbx_nmr_exptl.experiment_id 
_pdbx_nmr_exptl.solution_id 
_pdbx_nmr_exptl.type 
1 1 1 2D_13C/13C_PDSD           
1 2 1 2D_13C/15N_HETCOR         
1 3 1 2D_13C/13C_TOBSY          
1 4 1 2D_13C-1H_DC/13C_SLF      
1 5 1 2D_15N-1H_DC/13C_SLF      
1 6 1 3D_15N/13CA/13C           
1 7 1 "3D_15N/13C'/13C"         
1 8 1 3D_1H-15N_DC/15N/13CA_SLF 
1 9 1 3D_1H-13C_DC/15N/13CA_SLF 
# 
_pdbx_nmr_refine.entry_id           2N28 
_pdbx_nmr_refine.method             'simulated annealing' 
_pdbx_nmr_refine.details            
;THE ANI COORDINATES HAVE BEEN INCLUDED IN THE RESTRAINT FILE.  THE ANI Z AXIS SPECIFIES THE DIRECTION OF THE NORMAL TO THE PLANE OF THE LIPID BILAYER MEMBRANE.
;
_pdbx_nmr_refine.software_ordinal   1 
# 
_pdbx_nmr_software.authors          'Brunger, A.T. et.al.' 
_pdbx_nmr_software.classification   refinement 
_pdbx_nmr_software.name             CNS 
_pdbx_nmr_software.version          ? 
_pdbx_nmr_software.ordinal          1 
# 
loop_
_chem_comp_atom.comp_id 
_chem_comp_atom.atom_id 
_chem_comp_atom.type_symbol 
_chem_comp_atom.pdbx_aromatic_flag 
_chem_comp_atom.pdbx_stereo_config 
_chem_comp_atom.pdbx_ordinal 
ALA N    N N N 1   
ALA CA   C N S 2   
ALA C    C N N 3   
ALA O    O N N 4   
ALA CB   C N N 5   
ALA OXT  O N N 6   
ALA H    H N N 7   
ALA H2   H N N 8   
ALA HA   H N N 9   
ALA HB1  H N N 10  
ALA HB2  H N N 11  
ALA HB3  H N N 12  
ALA HXT  H N N 13  
ARG N    N N N 14  
ARG CA   C N S 15  
ARG C    C N N 16  
ARG O    O N N 17  
ARG CB   C N N 18  
ARG CG   C N N 19  
ARG CD   C N N 20  
ARG NE   N N N 21  
ARG CZ   C N N 22  
ARG NH1  N N N 23  
ARG NH2  N N N 24  
ARG OXT  O N N 25  
ARG H    H N N 26  
ARG H2   H N N 27  
ARG HA   H N N 28  
ARG HB2  H N N 29  
ARG HB3  H N N 30  
ARG HG2  H N N 31  
ARG HG3  H N N 32  
ARG HD2  H N N 33  
ARG HD3  H N N 34  
ARG HE   H N N 35  
ARG HH11 H N N 36  
ARG HH12 H N N 37  
ARG HH21 H N N 38  
ARG HH22 H N N 39  
ARG HXT  H N N 40  
ASN N    N N N 41  
ASN CA   C N S 42  
ASN C    C N N 43  
ASN O    O N N 44  
ASN CB   C N N 45  
ASN CG   C N N 46  
ASN OD1  O N N 47  
ASN ND2  N N N 48  
ASN OXT  O N N 49  
ASN H    H N N 50  
ASN H2   H N N 51  
ASN HA   H N N 52  
ASN HB2  H N N 53  
ASN HB3  H N N 54  
ASN HD21 H N N 55  
ASN HD22 H N N 56  
ASN HXT  H N N 57  
ASP N    N N N 58  
ASP CA   C N S 59  
ASP C    C N N 60  
ASP O    O N N 61  
ASP CB   C N N 62  
ASP CG   C N N 63  
ASP OD1  O N N 64  
ASP OD2  O N N 65  
ASP OXT  O N N 66  
ASP H    H N N 67  
ASP H2   H N N 68  
ASP HA   H N N 69  
ASP HB2  H N N 70  
ASP HB3  H N N 71  
ASP HD2  H N N 72  
ASP HXT  H N N 73  
GLN N    N N N 74  
GLN CA   C N S 75  
GLN C    C N N 76  
GLN O    O N N 77  
GLN CB   C N N 78  
GLN CG   C N N 79  
GLN CD   C N N 80  
GLN OE1  O N N 81  
GLN NE2  N N N 82  
GLN OXT  O N N 83  
GLN H    H N N 84  
GLN H2   H N N 85  
GLN HA   H N N 86  
GLN HB2  H N N 87  
GLN HB3  H N N 88  
GLN HG2  H N N 89  
GLN HG3  H N N 90  
GLN HE21 H N N 91  
GLN HE22 H N N 92  
GLN HXT  H N N 93  
GLU N    N N N 94  
GLU CA   C N S 95  
GLU C    C N N 96  
GLU O    O N N 97  
GLU CB   C N N 98  
GLU CG   C N N 99  
GLU CD   C N N 100 
GLU OE1  O N N 101 
GLU OE2  O N N 102 
GLU OXT  O N N 103 
GLU H    H N N 104 
GLU H2   H N N 105 
GLU HA   H N N 106 
GLU HB2  H N N 107 
GLU HB3  H N N 108 
GLU HG2  H N N 109 
GLU HG3  H N N 110 
GLU HE2  H N N 111 
GLU HXT  H N N 112 
GLY N    N N N 113 
GLY CA   C N N 114 
GLY C    C N N 115 
GLY O    O N N 116 
GLY OXT  O N N 117 
GLY H    H N N 118 
GLY H2   H N N 119 
GLY HA2  H N N 120 
GLY HA3  H N N 121 
GLY HXT  H N N 122 
HIS N    N N N 123 
HIS CA   C N S 124 
HIS C    C N N 125 
HIS O    O N N 126 
HIS CB   C N N 127 
HIS CG   C Y N 128 
HIS ND1  N Y N 129 
HIS CD2  C Y N 130 
HIS CE1  C Y N 131 
HIS NE2  N Y N 132 
HIS OXT  O N N 133 
HIS H    H N N 134 
HIS H2   H N N 135 
HIS HA   H N N 136 
HIS HB2  H N N 137 
HIS HB3  H N N 138 
HIS HD1  H N N 139 
HIS HD2  H N N 140 
HIS HE1  H N N 141 
HIS HE2  H N N 142 
HIS HXT  H N N 143 
ILE N    N N N 144 
ILE CA   C N S 145 
ILE C    C N N 146 
ILE O    O N N 147 
ILE CB   C N S 148 
ILE CG1  C N N 149 
ILE CG2  C N N 150 
ILE CD1  C N N 151 
ILE OXT  O N N 152 
ILE H    H N N 153 
ILE H2   H N N 154 
ILE HA   H N N 155 
ILE HB   H N N 156 
ILE HG12 H N N 157 
ILE HG13 H N N 158 
ILE HG21 H N N 159 
ILE HG22 H N N 160 
ILE HG23 H N N 161 
ILE HD11 H N N 162 
ILE HD12 H N N 163 
ILE HD13 H N N 164 
ILE HXT  H N N 165 
LEU N    N N N 166 
LEU CA   C N S 167 
LEU C    C N N 168 
LEU O    O N N 169 
LEU CB   C N N 170 
LEU CG   C N N 171 
LEU CD1  C N N 172 
LEU CD2  C N N 173 
LEU OXT  O N N 174 
LEU H    H N N 175 
LEU H2   H N N 176 
LEU HA   H N N 177 
LEU HB2  H N N 178 
LEU HB3  H N N 179 
LEU HG   H N N 180 
LEU HD11 H N N 181 
LEU HD12 H N N 182 
LEU HD13 H N N 183 
LEU HD21 H N N 184 
LEU HD22 H N N 185 
LEU HD23 H N N 186 
LEU HXT  H N N 187 
LYS N    N N N 188 
LYS CA   C N S 189 
LYS C    C N N 190 
LYS O    O N N 191 
LYS CB   C N N 192 
LYS CG   C N N 193 
LYS CD   C N N 194 
LYS CE   C N N 195 
LYS NZ   N N N 196 
LYS OXT  O N N 197 
LYS H    H N N 198 
LYS H2   H N N 199 
LYS HA   H N N 200 
LYS HB2  H N N 201 
LYS HB3  H N N 202 
LYS HG2  H N N 203 
LYS HG3  H N N 204 
LYS HD2  H N N 205 
LYS HD3  H N N 206 
LYS HE2  H N N 207 
LYS HE3  H N N 208 
LYS HZ1  H N N 209 
LYS HZ2  H N N 210 
LYS HZ3  H N N 211 
LYS HXT  H N N 212 
MET N    N N N 213 
MET CA   C N S 214 
MET C    C N N 215 
MET O    O N N 216 
MET CB   C N N 217 
MET CG   C N N 218 
MET SD   S N N 219 
MET CE   C N N 220 
MET OXT  O N N 221 
MET H    H N N 222 
MET H2   H N N 223 
MET HA   H N N 224 
MET HB2  H N N 225 
MET HB3  H N N 226 
MET HG2  H N N 227 
MET HG3  H N N 228 
MET HE1  H N N 229 
MET HE2  H N N 230 
MET HE3  H N N 231 
MET HXT  H N N 232 
PRO N    N N N 233 
PRO CA   C N S 234 
PRO C    C N N 235 
PRO O    O N N 236 
PRO CB   C N N 237 
PRO CG   C N N 238 
PRO CD   C N N 239 
PRO OXT  O N N 240 
PRO H    H N N 241 
PRO HA   H N N 242 
PRO HB2  H N N 243 
PRO HB3  H N N 244 
PRO HG2  H N N 245 
PRO HG3  H N N 246 
PRO HD2  H N N 247 
PRO HD3  H N N 248 
PRO HXT  H N N 249 
SER N    N N N 250 
SER CA   C N S 251 
SER C    C N N 252 
SER O    O N N 253 
SER CB   C N N 254 
SER OG   O N N 255 
SER OXT  O N N 256 
SER H    H N N 257 
SER H2   H N N 258 
SER HA   H N N 259 
SER HB2  H N N 260 
SER HB3  H N N 261 
SER HG   H N N 262 
SER HXT  H N N 263 
TRP N    N N N 264 
TRP CA   C N S 265 
TRP C    C N N 266 
TRP O    O N N 267 
TRP CB   C N N 268 
TRP CG   C Y N 269 
TRP CD1  C Y N 270 
TRP CD2  C Y N 271 
TRP NE1  N Y N 272 
TRP CE2  C Y N 273 
TRP CE3  C Y N 274 
TRP CZ2  C Y N 275 
TRP CZ3  C Y N 276 
TRP CH2  C Y N 277 
TRP OXT  O N N 278 
TRP H    H N N 279 
TRP H2   H N N 280 
TRP HA   H N N 281 
TRP HB2  H N N 282 
TRP HB3  H N N 283 
TRP HD1  H N N 284 
TRP HE1  H N N 285 
TRP HE3  H N N 286 
TRP HZ2  H N N 287 
TRP HZ3  H N N 288 
TRP HH2  H N N 289 
TRP HXT  H N N 290 
TYR N    N N N 291 
TYR CA   C N S 292 
TYR C    C N N 293 
TYR O    O N N 294 
TYR CB   C N N 295 
TYR CG   C Y N 296 
TYR CD1  C Y N 297 
TYR CD2  C Y N 298 
TYR CE1  C Y N 299 
TYR CE2  C Y N 300 
TYR CZ   C Y N 301 
TYR OH   O N N 302 
TYR OXT  O N N 303 
TYR H    H N N 304 
TYR H2   H N N 305 
TYR HA   H N N 306 
TYR HB2  H N N 307 
TYR HB3  H N N 308 
TYR HD1  H N N 309 
TYR HD2  H N N 310 
TYR HE1  H N N 311 
TYR HE2  H N N 312 
TYR HH   H N N 313 
TYR HXT  H N N 314 
VAL N    N N N 315 
VAL CA   C N S 316 
VAL C    C N N 317 
VAL O    O N N 318 
VAL CB   C N N 319 
VAL CG1  C N N 320 
VAL CG2  C N N 321 
VAL OXT  O N N 322 
VAL H    H N N 323 
VAL H2   H N N 324 
VAL HA   H N N 325 
VAL HB   H N N 326 
VAL HG11 H N N 327 
VAL HG12 H N N 328 
VAL HG13 H N N 329 
VAL HG21 H N N 330 
VAL HG22 H N N 331 
VAL HG23 H N N 332 
VAL HXT  H N N 333 
# 
loop_
_chem_comp_bond.comp_id 
_chem_comp_bond.atom_id_1 
_chem_comp_bond.atom_id_2 
_chem_comp_bond.value_order 
_chem_comp_bond.pdbx_aromatic_flag 
_chem_comp_bond.pdbx_stereo_config 
_chem_comp_bond.pdbx_ordinal 
ALA N   CA   sing N N 1   
ALA N   H    sing N N 2   
ALA N   H2   sing N N 3   
ALA CA  C    sing N N 4   
ALA CA  CB   sing N N 5   
ALA CA  HA   sing N N 6   
ALA C   O    doub N N 7   
ALA C   OXT  sing N N 8   
ALA CB  HB1  sing N N 9   
ALA CB  HB2  sing N N 10  
ALA CB  HB3  sing N N 11  
ALA OXT HXT  sing N N 12  
ARG N   CA   sing N N 13  
ARG N   H    sing N N 14  
ARG N   H2   sing N N 15  
ARG CA  C    sing N N 16  
ARG CA  CB   sing N N 17  
ARG CA  HA   sing N N 18  
ARG C   O    doub N N 19  
ARG C   OXT  sing N N 20  
ARG CB  CG   sing N N 21  
ARG CB  HB2  sing N N 22  
ARG CB  HB3  sing N N 23  
ARG CG  CD   sing N N 24  
ARG CG  HG2  sing N N 25  
ARG CG  HG3  sing N N 26  
ARG CD  NE   sing N N 27  
ARG CD  HD2  sing N N 28  
ARG CD  HD3  sing N N 29  
ARG NE  CZ   sing N N 30  
ARG NE  HE   sing N N 31  
ARG CZ  NH1  sing N N 32  
ARG CZ  NH2  doub N N 33  
ARG NH1 HH11 sing N N 34  
ARG NH1 HH12 sing N N 35  
ARG NH2 HH21 sing N N 36  
ARG NH2 HH22 sing N N 37  
ARG OXT HXT  sing N N 38  
ASN N   CA   sing N N 39  
ASN N   H    sing N N 40  
ASN N   H2   sing N N 41  
ASN CA  C    sing N N 42  
ASN CA  CB   sing N N 43  
ASN CA  HA   sing N N 44  
ASN C   O    doub N N 45  
ASN C   OXT  sing N N 46  
ASN CB  CG   sing N N 47  
ASN CB  HB2  sing N N 48  
ASN CB  HB3  sing N N 49  
ASN CG  OD1  doub N N 50  
ASN CG  ND2  sing N N 51  
ASN ND2 HD21 sing N N 52  
ASN ND2 HD22 sing N N 53  
ASN OXT HXT  sing N N 54  
ASP N   CA   sing N N 55  
ASP N   H    sing N N 56  
ASP N   H2   sing N N 57  
ASP CA  C    sing N N 58  
ASP CA  CB   sing N N 59  
ASP CA  HA   sing N N 60  
ASP C   O    doub N N 61  
ASP C   OXT  sing N N 62  
ASP CB  CG   sing N N 63  
ASP CB  HB2  sing N N 64  
ASP CB  HB3  sing N N 65  
ASP CG  OD1  doub N N 66  
ASP CG  OD2  sing N N 67  
ASP OD2 HD2  sing N N 68  
ASP OXT HXT  sing N N 69  
GLN N   CA   sing N N 70  
GLN N   H    sing N N 71  
GLN N   H2   sing N N 72  
GLN CA  C    sing N N 73  
GLN CA  CB   sing N N 74  
GLN CA  HA   sing N N 75  
GLN C   O    doub N N 76  
GLN C   OXT  sing N N 77  
GLN CB  CG   sing N N 78  
GLN CB  HB2  sing N N 79  
GLN CB  HB3  sing N N 80  
GLN CG  CD   sing N N 81  
GLN CG  HG2  sing N N 82  
GLN CG  HG3  sing N N 83  
GLN CD  OE1  doub N N 84  
GLN CD  NE2  sing N N 85  
GLN NE2 HE21 sing N N 86  
GLN NE2 HE22 sing N N 87  
GLN OXT HXT  sing N N 88  
GLU N   CA   sing N N 89  
GLU N   H    sing N N 90  
GLU N   H2   sing N N 91  
GLU CA  C    sing N N 92  
GLU CA  CB   sing N N 93  
GLU CA  HA   sing N N 94  
GLU C   O    doub N N 95  
GLU C   OXT  sing N N 96  
GLU CB  CG   sing N N 97  
GLU CB  HB2  sing N N 98  
GLU CB  HB3  sing N N 99  
GLU CG  CD   sing N N 100 
GLU CG  HG2  sing N N 101 
GLU CG  HG3  sing N N 102 
GLU CD  OE1  doub N N 103 
GLU CD  OE2  sing N N 104 
GLU OE2 HE2  sing N N 105 
GLU OXT HXT  sing N N 106 
GLY N   CA   sing N N 107 
GLY N   H    sing N N 108 
GLY N   H2   sing N N 109 
GLY CA  C    sing N N 110 
GLY CA  HA2  sing N N 111 
GLY CA  HA3  sing N N 112 
GLY C   O    doub N N 113 
GLY C   OXT  sing N N 114 
GLY OXT HXT  sing N N 115 
HIS N   CA   sing N N 116 
HIS N   H    sing N N 117 
HIS N   H2   sing N N 118 
HIS CA  C    sing N N 119 
HIS CA  CB   sing N N 120 
HIS CA  HA   sing N N 121 
HIS C   O    doub N N 122 
HIS C   OXT  sing N N 123 
HIS CB  CG   sing N N 124 
HIS CB  HB2  sing N N 125 
HIS CB  HB3  sing N N 126 
HIS CG  ND1  sing Y N 127 
HIS CG  CD2  doub Y N 128 
HIS ND1 CE1  doub Y N 129 
HIS ND1 HD1  sing N N 130 
HIS CD2 NE2  sing Y N 131 
HIS CD2 HD2  sing N N 132 
HIS CE1 NE2  sing Y N 133 
HIS CE1 HE1  sing N N 134 
HIS NE2 HE2  sing N N 135 
HIS OXT HXT  sing N N 136 
ILE N   CA   sing N N 137 
ILE N   H    sing N N 138 
ILE N   H2   sing N N 139 
ILE CA  C    sing N N 140 
ILE CA  CB   sing N N 141 
ILE CA  HA   sing N N 142 
ILE C   O    doub N N 143 
ILE C   OXT  sing N N 144 
ILE CB  CG1  sing N N 145 
ILE CB  CG2  sing N N 146 
ILE CB  HB   sing N N 147 
ILE CG1 CD1  sing N N 148 
ILE CG1 HG12 sing N N 149 
ILE CG1 HG13 sing N N 150 
ILE CG2 HG21 sing N N 151 
ILE CG2 HG22 sing N N 152 
ILE CG2 HG23 sing N N 153 
ILE CD1 HD11 sing N N 154 
ILE CD1 HD12 sing N N 155 
ILE CD1 HD13 sing N N 156 
ILE OXT HXT  sing N N 157 
LEU N   CA   sing N N 158 
LEU N   H    sing N N 159 
LEU N   H2   sing N N 160 
LEU CA  C    sing N N 161 
LEU CA  CB   sing N N 162 
LEU CA  HA   sing N N 163 
LEU C   O    doub N N 164 
LEU C   OXT  sing N N 165 
LEU CB  CG   sing N N 166 
LEU CB  HB2  sing N N 167 
LEU CB  HB3  sing N N 168 
LEU CG  CD1  sing N N 169 
LEU CG  CD2  sing N N 170 
LEU CG  HG   sing N N 171 
LEU CD1 HD11 sing N N 172 
LEU CD1 HD12 sing N N 173 
LEU CD1 HD13 sing N N 174 
LEU CD2 HD21 sing N N 175 
LEU CD2 HD22 sing N N 176 
LEU CD2 HD23 sing N N 177 
LEU OXT HXT  sing N N 178 
LYS N   CA   sing N N 179 
LYS N   H    sing N N 180 
LYS N   H2   sing N N 181 
LYS CA  C    sing N N 182 
LYS CA  CB   sing N N 183 
LYS CA  HA   sing N N 184 
LYS C   O    doub N N 185 
LYS C   OXT  sing N N 186 
LYS CB  CG   sing N N 187 
LYS CB  HB2  sing N N 188 
LYS CB  HB3  sing N N 189 
LYS CG  CD   sing N N 190 
LYS CG  HG2  sing N N 191 
LYS CG  HG3  sing N N 192 
LYS CD  CE   sing N N 193 
LYS CD  HD2  sing N N 194 
LYS CD  HD3  sing N N 195 
LYS CE  NZ   sing N N 196 
LYS CE  HE2  sing N N 197 
LYS CE  HE3  sing N N 198 
LYS NZ  HZ1  sing N N 199 
LYS NZ  HZ2  sing N N 200 
LYS NZ  HZ3  sing N N 201 
LYS OXT HXT  sing N N 202 
MET N   CA   sing N N 203 
MET N   H    sing N N 204 
MET N   H2   sing N N 205 
MET CA  C    sing N N 206 
MET CA  CB   sing N N 207 
MET CA  HA   sing N N 208 
MET C   O    doub N N 209 
MET C   OXT  sing N N 210 
MET CB  CG   sing N N 211 
MET CB  HB2  sing N N 212 
MET CB  HB3  sing N N 213 
MET CG  SD   sing N N 214 
MET CG  HG2  sing N N 215 
MET CG  HG3  sing N N 216 
MET SD  CE   sing N N 217 
MET CE  HE1  sing N N 218 
MET CE  HE2  sing N N 219 
MET CE  HE3  sing N N 220 
MET OXT HXT  sing N N 221 
PRO N   CA   sing N N 222 
PRO N   CD   sing N N 223 
PRO N   H    sing N N 224 
PRO CA  C    sing N N 225 
PRO CA  CB   sing N N 226 
PRO CA  HA   sing N N 227 
PRO C   O    doub N N 228 
PRO C   OXT  sing N N 229 
PRO CB  CG   sing N N 230 
PRO CB  HB2  sing N N 231 
PRO CB  HB3  sing N N 232 
PRO CG  CD   sing N N 233 
PRO CG  HG2  sing N N 234 
PRO CG  HG3  sing N N 235 
PRO CD  HD2  sing N N 236 
PRO CD  HD3  sing N N 237 
PRO OXT HXT  sing N N 238 
SER N   CA   sing N N 239 
SER N   H    sing N N 240 
SER N   H2   sing N N 241 
SER CA  C    sing N N 242 
SER CA  CB   sing N N 243 
SER CA  HA   sing N N 244 
SER C   O    doub N N 245 
SER C   OXT  sing N N 246 
SER CB  OG   sing N N 247 
SER CB  HB2  sing N N 248 
SER CB  HB3  sing N N 249 
SER OG  HG   sing N N 250 
SER OXT HXT  sing N N 251 
TRP N   CA   sing N N 252 
TRP N   H    sing N N 253 
TRP N   H2   sing N N 254 
TRP CA  C    sing N N 255 
TRP CA  CB   sing N N 256 
TRP CA  HA   sing N N 257 
TRP C   O    doub N N 258 
TRP C   OXT  sing N N 259 
TRP CB  CG   sing N N 260 
TRP CB  HB2  sing N N 261 
TRP CB  HB3  sing N N 262 
TRP CG  CD1  doub Y N 263 
TRP CG  CD2  sing Y N 264 
TRP CD1 NE1  sing Y N 265 
TRP CD1 HD1  sing N N 266 
TRP CD2 CE2  doub Y N 267 
TRP CD2 CE3  sing Y N 268 
TRP NE1 CE2  sing Y N 269 
TRP NE1 HE1  sing N N 270 
TRP CE2 CZ2  sing Y N 271 
TRP CE3 CZ3  doub Y N 272 
TRP CE3 HE3  sing N N 273 
TRP CZ2 CH2  doub Y N 274 
TRP CZ2 HZ2  sing N N 275 
TRP CZ3 CH2  sing Y N 276 
TRP CZ3 HZ3  sing N N 277 
TRP CH2 HH2  sing N N 278 
TRP OXT HXT  sing N N 279 
TYR N   CA   sing N N 280 
TYR N   H    sing N N 281 
TYR N   H2   sing N N 282 
TYR CA  C    sing N N 283 
TYR CA  CB   sing N N 284 
TYR CA  HA   sing N N 285 
TYR C   O    doub N N 286 
TYR C   OXT  sing N N 287 
TYR CB  CG   sing N N 288 
TYR CB  HB2  sing N N 289 
TYR CB  HB3  sing N N 290 
TYR CG  CD1  doub Y N 291 
TYR CG  CD2  sing Y N 292 
TYR CD1 CE1  sing Y N 293 
TYR CD1 HD1  sing N N 294 
TYR CD2 CE2  doub Y N 295 
TYR CD2 HD2  sing N N 296 
TYR CE1 CZ   doub Y N 297 
TYR CE1 HE1  sing N N 298 
TYR CE2 CZ   sing Y N 299 
TYR CE2 HE2  sing N N 300 
TYR CZ  OH   sing N N 301 
TYR OH  HH   sing N N 302 
TYR OXT HXT  sing N N 303 
VAL N   CA   sing N N 304 
VAL N   H    sing N N 305 
VAL N   H2   sing N N 306 
VAL CA  C    sing N N 307 
VAL CA  CB   sing N N 308 
VAL CA  HA   sing N N 309 
VAL C   O    doub N N 310 
VAL C   OXT  sing N N 311 
VAL CB  CG1  sing N N 312 
VAL CB  CG2  sing N N 313 
VAL CB  HB   sing N N 314 
VAL CG1 HG11 sing N N 315 
VAL CG1 HG12 sing N N 316 
VAL CG1 HG13 sing N N 317 
VAL CG2 HG21 sing N N 318 
VAL CG2 HG22 sing N N 319 
VAL CG2 HG23 sing N N 320 
VAL OXT HXT  sing N N 321 
# 
_pdbx_nmr_spectrometer.field_strength    700 
_pdbx_nmr_spectrometer.manufacturer      Bruker 
_pdbx_nmr_spectrometer.model             AVANCE 
_pdbx_nmr_spectrometer.spectrometer_id   1 
_pdbx_nmr_spectrometer.type              'Bruker Avance' 
# 
_atom_sites.entry_id                    2N28 
_atom_sites.fract_transf_matrix[1][1]   1.000000 
_atom_sites.fract_transf_matrix[1][2]   0.000000 
_atom_sites.fract_transf_matrix[1][3]   0.000000 
_atom_sites.fract_transf_matrix[2][1]   0.000000 
_atom_sites.fract_transf_matrix[2][2]   1.000000 
_atom_sites.fract_transf_matrix[2][3]   0.000000 
_atom_sites.fract_transf_matrix[3][1]   0.000000 
_atom_sites.fract_transf_matrix[3][2]   0.000000 
_atom_sites.fract_transf_matrix[3][3]   1.000000 
_atom_sites.fract_transf_vector[1]      0.00000 
_atom_sites.fract_transf_vector[2]      0.00000 
_atom_sites.fract_transf_vector[3]      0.00000 
# 
loop_
_atom_type.symbol 
C 
H 
N 
O 
S 
# 
loop_
_atom_site.group_PDB 
_atom_site.id 
_atom_site.type_symbol 
_atom_site.label_atom_id 
_atom_site.label_alt_id 
_atom_site.label_comp_id 
_atom_site.label_asym_id 
_atom_site.label_entity_id 
_atom_site.label_seq_id 
_atom_site.pdbx_PDB_ins_code 
_atom_site.Cartn_x 
_atom_site.Cartn_y 
_atom_site.Cartn_z 
_atom_site.occupancy 
_atom_site.B_iso_or_equiv 
_atom_site.pdbx_formal_charge 
_atom_site.auth_seq_id 
_atom_site.auth_comp_id 
_atom_site.auth_asym_id 
_atom_site.auth_atom_id 
_atom_site.pdbx_PDB_model_num 
ATOM 1    N N    . MET A 1 1  ? -31.015 -26.139 16.043  1.00 0.00 ?  1  MET A N    1 
ATOM 2    C CA   . MET A 1 1  ? -30.855 -25.893 14.581  1.00 0.00 ?  1  MET A CA   1 
ATOM 3    C C    . MET A 1 1  ? -29.826 -24.789 14.365  1.00 0.00 ?  1  MET A C    1 
ATOM 4    O O    . MET A 1 1  ? -29.733 -24.217 13.279  1.00 0.00 ?  1  MET A O    1 
ATOM 5    C CB   . MET A 1 1  ? -32.202 -25.476 13.982  1.00 0.00 ?  1  MET A CB   1 
ATOM 6    C CG   . MET A 1 1  ? -33.310 -26.385 14.521  1.00 0.00 ?  1  MET A CG   1 
ATOM 7    S SD   . MET A 1 1  ? -32.944 -28.104 14.092  1.00 0.00 ?  1  MET A SD   1 
ATOM 8    C CE   . MET A 1 1  ? -34.289 -28.865 15.031  1.00 0.00 ?  1  MET A CE   1 
ATOM 9    H H1   . MET A 1 1  ? -31.380 -27.101 16.195  1.00 0.00 ?  1  MET A H1   1 
ATOM 10   H H2   . MET A 1 1  ? -31.685 -25.447 16.439  1.00 0.00 ?  1  MET A H2   1 
ATOM 11   H H3   . MET A 1 1  ? -30.094 -26.041 16.514  1.00 0.00 ?  1  MET A H3   1 
ATOM 12   H HA   . MET A 1 1  ? -30.514 -26.798 14.101  1.00 0.00 ?  1  MET A HA   1 
ATOM 13   H HB2  . MET A 1 1  ? -32.414 -24.451 14.252  1.00 0.00 ?  1  MET A HB2  1 
ATOM 14   H HB3  . MET A 1 1  ? -32.159 -25.564 12.907  1.00 0.00 ?  1  MET A HB3  1 
ATOM 15   H HG2  . MET A 1 1  ? -33.369 -26.286 15.596  1.00 0.00 ?  1  MET A HG2  1 
ATOM 16   H HG3  . MET A 1 1  ? -34.254 -26.098 14.082  1.00 0.00 ?  1  MET A HG3  1 
ATOM 17   H HE1  . MET A 1 1  ? -34.186 -28.611 16.077  1.00 0.00 ?  1  MET A HE1  1 
ATOM 18   H HE2  . MET A 1 1  ? -34.247 -29.936 14.918  1.00 0.00 ?  1  MET A HE2  1 
ATOM 19   H HE3  . MET A 1 1  ? -35.237 -28.502 14.658  1.00 0.00 ?  1  MET A HE3  1 
ATOM 20   N N    . GLN A 1 2  ? -29.053 -24.495 15.406  1.00 0.00 ?  2  GLN A N    1 
ATOM 21   C CA   . GLN A 1 2  ? -28.032 -23.458 15.318  1.00 0.00 ?  2  GLN A CA   1 
ATOM 22   C C    . GLN A 1 2  ? -26.878 -23.930 14.427  1.00 0.00 ?  2  GLN A C    1 
ATOM 23   O O    . GLN A 1 2  ? -26.592 -25.125 14.367  1.00 0.00 ?  2  GLN A O    1 
ATOM 24   C CB   . GLN A 1 2  ? -27.500 -23.143 16.723  1.00 0.00 ?  2  GLN A CB   1 
ATOM 25   C CG   . GLN A 1 2  ? -28.607 -22.517 17.580  1.00 0.00 ?  2  GLN A CG   1 
ATOM 26   C CD   . GLN A 1 2  ? -29.061 -21.188 16.982  1.00 0.00 ?  2  GLN A CD   1 
ATOM 27   O OE1  . GLN A 1 2  ? -28.243 -20.301 16.743  1.00 0.00 ?  2  GLN A OE1  1 
ATOM 28   N NE2  . GLN A 1 2  ? -30.327 -20.999 16.727  1.00 0.00 ?  2  GLN A NE2  1 
ATOM 29   H H    . GLN A 1 2  ? -29.171 -24.985 16.247  1.00 0.00 ?  2  GLN A H    1 
ATOM 30   H HA   . GLN A 1 2  ? -28.476 -22.572 14.897  1.00 0.00 ?  2  GLN A HA   1 
ATOM 31   H HB2  . GLN A 1 2  ? -27.163 -24.058 17.189  1.00 0.00 ?  2  GLN A HB2  1 
ATOM 32   H HB3  . GLN A 1 2  ? -26.673 -22.455 16.650  1.00 0.00 ?  2  GLN A HB3  1 
ATOM 33   H HG2  . GLN A 1 2  ? -29.448 -23.194 17.626  1.00 0.00 ?  2  GLN A HG2  1 
ATOM 34   H HG3  . GLN A 1 2  ? -28.231 -22.348 18.580  1.00 0.00 ?  2  GLN A HG3  1 
ATOM 35   H HE21 . GLN A 1 2  ? -30.977 -21.706 16.918  1.00 0.00 ?  2  GLN A HE21 1 
ATOM 36   H HE22 . GLN A 1 2  ? -30.627 -20.148 16.344  1.00 0.00 ?  2  GLN A HE22 1 
ATOM 37   N N    . PRO A 1 3  ? -26.213 -23.032 13.735  1.00 0.00 ?  3  PRO A N    1 
ATOM 38   C CA   . PRO A 1 3  ? -25.073 -23.400 12.841  1.00 0.00 ?  3  PRO A CA   1 
ATOM 39   C C    . PRO A 1 3  ? -23.844 -23.839 13.637  1.00 0.00 ?  3  PRO A C    1 
ATOM 40   O O    . PRO A 1 3  ? -23.644 -23.413 14.776  1.00 0.00 ?  3  PRO A O    1 
ATOM 41   C CB   . PRO A 1 3  ? -24.805 -22.108 12.055  1.00 0.00 ?  3  PRO A CB   1 
ATOM 42   C CG   . PRO A 1 3  ? -25.255 -21.014 12.967  1.00 0.00 ?  3  PRO A CG   1 
ATOM 43   C CD   . PRO A 1 3  ? -26.461 -21.576 13.722  1.00 0.00 ?  3  PRO A CD   1 
ATOM 44   H HA   . PRO A 1 3  ? -25.371 -24.181 12.162  1.00 0.00 ?  3  PRO A HA   1 
ATOM 45   H HB2  . PRO A 1 3  ? -23.749 -22.009 11.830  1.00 0.00 ?  3  PRO A HB2  1 
ATOM 46   H HB3  . PRO A 1 3  ? -25.386 -22.093 11.145  1.00 0.00 ?  3  PRO A HB3  1 
ATOM 47   H HG2  . PRO A 1 3  ? -24.462 -20.756 13.659  1.00 0.00 ?  3  PRO A HG2  1 
ATOM 48   H HG3  . PRO A 1 3  ? -25.552 -20.146 12.398  1.00 0.00 ?  3  PRO A HG3  1 
ATOM 49   H HD2  . PRO A 1 3  ? -26.495 -21.180 14.727  1.00 0.00 ?  3  PRO A HD2  1 
ATOM 50   H HD3  . PRO A 1 3  ? -27.377 -21.360 13.196  1.00 0.00 ?  3  PRO A HD3  1 
ATOM 51   N N    . ILE A 1 4  ? -23.024 -24.694 13.029  1.00 0.00 ?  4  ILE A N    1 
ATOM 52   C CA   . ILE A 1 4  ? -21.814 -25.195 13.683  1.00 0.00 ?  4  ILE A CA   1 
ATOM 53   C C    . ILE A 1 4  ? -20.680 -25.334 12.674  1.00 0.00 ?  4  ILE A C    1 
ATOM 54   O O    . ILE A 1 4  ? -20.905 -25.673 11.513  1.00 0.00 ?  4  ILE A O    1 
ATOM 55   C CB   . ILE A 1 4  ? -22.095 -26.555 14.325  1.00 0.00 ?  4  ILE A CB   1 
ATOM 56   C CG1  . ILE A 1 4  ? -20.872 -27.000 15.132  1.00 0.00 ?  4  ILE A CG1  1 
ATOM 57   C CG2  . ILE A 1 4  ? -22.388 -27.586 13.234  1.00 0.00 ?  4  ILE A CG2  1 
ATOM 58   C CD1  . ILE A 1 4  ? -21.247 -28.194 16.011  1.00 0.00 ?  4  ILE A CD1  1 
ATOM 59   H H    . ILE A 1 4  ? -23.239 -24.999 12.122  1.00 0.00 ?  4  ILE A H    1 
ATOM 60   H HA   . ILE A 1 4  ? -21.511 -24.502 14.454  1.00 0.00 ?  4  ILE A HA   1 
ATOM 61   H HB   . ILE A 1 4  ? -22.950 -26.473 14.981  1.00 0.00 ?  4  ILE A HB   1 
ATOM 62   H HG12 . ILE A 1 4  ? -20.080 -27.286 14.454  1.00 0.00 ?  4  ILE A HG12 1 
ATOM 63   H HG13 . ILE A 1 4  ? -20.535 -26.187 15.757  1.00 0.00 ?  4  ILE A HG13 1 
ATOM 64   H HG21 . ILE A 1 4  ? -21.470 -27.842 12.725  1.00 0.00 ?  4  ILE A HG21 1 
ATOM 65   H HG22 . ILE A 1 4  ? -23.088 -27.170 12.525  1.00 0.00 ?  4  ILE A HG22 1 
ATOM 66   H HG23 . ILE A 1 4  ? -22.812 -28.472 13.682  1.00 0.00 ?  4  ILE A HG23 1 
ATOM 67   H HD11 . ILE A 1 4  ? -21.478 -29.044 15.386  1.00 0.00 ?  4  ILE A HD11 1 
ATOM 68   H HD12 . ILE A 1 4  ? -22.110 -27.944 16.610  1.00 0.00 ?  4  ILE A HD12 1 
ATOM 69   H HD13 . ILE A 1 4  ? -20.418 -28.439 16.660  1.00 0.00 ?  4  ILE A HD13 1 
ATOM 70   N N    . GLN A 1 5  ? -19.457 -25.070 13.127  1.00 0.00 ?  5  GLN A N    1 
ATOM 71   C CA   . GLN A 1 5  ? -18.282 -25.167 12.261  1.00 0.00 ?  5  GLN A CA   1 
ATOM 72   C C    . GLN A 1 5  ? -17.051 -25.552 13.074  1.00 0.00 ?  5  GLN A C    1 
ATOM 73   O O    . GLN A 1 5  ? -17.014 -25.358 14.290  1.00 0.00 ?  5  GLN A O    1 
ATOM 74   C CB   . GLN A 1 5  ? -18.041 -23.828 11.558  1.00 0.00 ?  5  GLN A CB   1 
ATOM 75   C CG   . GLN A 1 5  ? -17.787 -22.736 12.600  1.00 0.00 ?  5  GLN A CG   1 
ATOM 76   C CD   . GLN A 1 5  ? -17.653 -21.382 11.910  1.00 0.00 ?  5  GLN A CD   1 
ATOM 77   O OE1  . GLN A 1 5  ? -16.785 -21.204 11.056  1.00 0.00 ?  5  GLN A OE1  1 
ATOM 78   N NE2  . GLN A 1 5  ? -18.466 -20.413 12.232  1.00 0.00 ?  5  GLN A NE2  1 
ATOM 79   H H    . GLN A 1 5  ? -19.340 -24.805 14.063  1.00 0.00 ?  5  GLN A H    1 
ATOM 80   H HA   . GLN A 1 5  ? -18.455 -25.927 11.512  1.00 0.00 ?  5  GLN A HA   1 
ATOM 81   H HB2  . GLN A 1 5  ? -17.183 -23.913 10.908  1.00 0.00 ?  5  GLN A HB2  1 
ATOM 82   H HB3  . GLN A 1 5  ? -18.911 -23.568 10.971  1.00 0.00 ?  5  GLN A HB3  1 
ATOM 83   H HG2  . GLN A 1 5  ? -18.613 -22.704 13.294  1.00 0.00 ?  5  GLN A HG2  1 
ATOM 84   H HG3  . GLN A 1 5  ? -16.876 -22.954 13.134  1.00 0.00 ?  5  GLN A HG3  1 
ATOM 85   H HE21 . GLN A 1 5  ? -19.156 -20.558 12.911  1.00 0.00 ?  5  GLN A HE21 1 
ATOM 86   H HE22 . GLN A 1 5  ? -18.385 -19.540 11.794  1.00 0.00 ?  5  GLN A HE22 1 
ATOM 87   N N    . ILE A 1 6  ? -16.049 -26.101 12.396  1.00 0.00 ?  6  ILE A N    1 
ATOM 88   C CA   . ILE A 1 6  ? -14.823 -26.516 13.070  1.00 0.00 ?  6  ILE A CA   1 
ATOM 89   C C    . ILE A 1 6  ? -14.138 -25.315 13.720  1.00 0.00 ?  6  ILE A C    1 
ATOM 90   O O    . ILE A 1 6  ? -13.712 -25.383 14.872  1.00 0.00 ?  6  ILE A O    1 
ATOM 91   C CB   . ILE A 1 6  ? -13.876 -27.175 12.061  1.00 0.00 ?  6  ILE A CB   1 
ATOM 92   C CG1  . ILE A 1 6  ? -14.475 -28.506 11.601  1.00 0.00 ?  6  ILE A CG1  1 
ATOM 93   C CG2  . ILE A 1 6  ? -12.515 -27.434 12.718  1.00 0.00 ?  6  ILE A CG2  1 
ATOM 94   C CD1  . ILE A 1 6  ? -13.691 -29.034 10.400  1.00 0.00 ?  6  ILE A CD1  1 
ATOM 95   H H    . ILE A 1 6  ? -16.137 -26.235 11.430  1.00 0.00 ?  6  ILE A H    1 
ATOM 96   H HA   . ILE A 1 6  ? -15.071 -27.235 13.836  1.00 0.00 ?  6  ILE A HA   1 
ATOM 97   H HB   . ILE A 1 6  ? -13.747 -26.524 11.209  1.00 0.00 ?  6  ILE A HB   1 
ATOM 98   H HG12 . ILE A 1 6  ? -14.423 -29.222 12.408  1.00 0.00 ?  6  ILE A HG12 1 
ATOM 99   H HG13 . ILE A 1 6  ? -15.507 -28.359 11.318  1.00 0.00 ?  6  ILE A HG13 1 
ATOM 100  H HG21 . ILE A 1 6  ? -12.664 -27.881 13.689  1.00 0.00 ?  6  ILE A HG21 1 
ATOM 101  H HG22 . ILE A 1 6  ? -11.986 -26.501 12.828  1.00 0.00 ?  6  ILE A HG22 1 
ATOM 102  H HG23 . ILE A 1 6  ? -11.939 -28.105 12.097  1.00 0.00 ?  6  ILE A HG23 1 
ATOM 103  H HD11 . ILE A 1 6  ? -12.671 -29.237 10.696  1.00 0.00 ?  6  ILE A HD11 1 
ATOM 104  H HD12 . ILE A 1 6  ? -13.696 -28.294 9.612   1.00 0.00 ?  6  ILE A HD12 1 
ATOM 105  H HD13 . ILE A 1 6  ? -14.148 -29.945 10.040  1.00 0.00 ?  6  ILE A HD13 1 
ATOM 106  N N    . ALA A 1 7  ? -14.032 -24.220 12.973  1.00 0.00 ?  7  ALA A N    1 
ATOM 107  C CA   . ALA A 1 7  ? -13.394 -23.012 13.491  1.00 0.00 ?  7  ALA A CA   1 
ATOM 108  C C    . ALA A 1 7  ? -13.877 -21.778 12.736  1.00 0.00 ?  7  ALA A C    1 
ATOM 109  O O    . ALA A 1 7  ? -14.301 -21.867 11.584  1.00 0.00 ?  7  ALA A O    1 
ATOM 110  C CB   . ALA A 1 7  ? -11.875 -23.129 13.358  1.00 0.00 ?  7  ALA A CB   1 
ATOM 111  H H    . ALA A 1 7  ? -14.389 -24.223 12.060  1.00 0.00 ?  7  ALA A H    1 
ATOM 112  H HA   . ALA A 1 7  ? -13.644 -22.902 14.536  1.00 0.00 ?  7  ALA A HA   1 
ATOM 113  H HB1  . ALA A 1 7  ? -11.550 -24.076 13.765  1.00 0.00 ?  7  ALA A HB1  1 
ATOM 114  H HB2  . ALA A 1 7  ? -11.403 -22.324 13.899  1.00 0.00 ?  7  ALA A HB2  1 
ATOM 115  H HB3  . ALA A 1 7  ? -11.600 -23.073 12.315  1.00 0.00 ?  7  ALA A HB3  1 
ATOM 116  N N    . ILE A 1 8  ? -13.803 -20.623 13.396  1.00 0.00 ?  8  ILE A N    1 
ATOM 117  C CA   . ILE A 1 8  ? -14.227 -19.362 12.787  1.00 0.00 ?  8  ILE A CA   1 
ATOM 118  C C    . ILE A 1 8  ? -13.036 -18.658 12.142  1.00 0.00 ?  8  ILE A C    1 
ATOM 119  O O    . ILE A 1 8  ? -13.163 -17.553 11.615  1.00 0.00 ?  8  ILE A O    1 
ATOM 120  C CB   . ILE A 1 8  ? -14.858 -18.456 13.851  1.00 0.00 ?  8  ILE A CB   1 
ATOM 121  C CG1  . ILE A 1 8  ? -13.858 -18.201 14.986  1.00 0.00 ?  8  ILE A CG1  1 
ATOM 122  C CG2  . ILE A 1 8  ? -16.106 -19.135 14.420  1.00 0.00 ?  8  ILE A CG2  1 
ATOM 123  C CD1  . ILE A 1 8  ? -14.430 -17.152 15.940  1.00 0.00 ?  8  ILE A CD1  1 
ATOM 124  H H    . ILE A 1 8  ? -13.451 -20.617 14.310  1.00 0.00 ?  8  ILE A H    1 
ATOM 125  H HA   . ILE A 1 8  ? -14.965 -19.564 12.024  1.00 0.00 ?  8  ILE A HA   1 
ATOM 126  H HB   . ILE A 1 8  ? -15.138 -17.516 13.399  1.00 0.00 ?  8  ILE A HB   1 
ATOM 127  H HG12 . ILE A 1 8  ? -13.685 -19.122 15.524  1.00 0.00 ?  8  ILE A HG12 1 
ATOM 128  H HG13 . ILE A 1 8  ? -12.927 -17.842 14.579  1.00 0.00 ?  8  ILE A HG13 1 
ATOM 129  H HG21 . ILE A 1 8  ? -15.820 -20.046 14.925  1.00 0.00 ?  8  ILE A HG21 1 
ATOM 130  H HG22 . ILE A 1 8  ? -16.787 -19.368 13.615  1.00 0.00 ?  8  ILE A HG22 1 
ATOM 131  H HG23 . ILE A 1 8  ? -16.589 -18.470 15.120  1.00 0.00 ?  8  ILE A HG23 1 
ATOM 132  H HD11 . ILE A 1 8  ? -14.646 -16.247 15.391  1.00 0.00 ?  8  ILE A HD11 1 
ATOM 133  H HD12 . ILE A 1 8  ? -13.709 -16.939 16.715  1.00 0.00 ?  8  ILE A HD12 1 
ATOM 134  H HD13 . ILE A 1 8  ? -15.339 -17.528 16.386  1.00 0.00 ?  8  ILE A HD13 1 
ATOM 135  N N    . VAL A 1 9  ? -11.877 -19.304 12.204  1.00 0.00 ?  9  VAL A N    1 
ATOM 136  C CA   . VAL A 1 9  ? -10.657 -18.740 11.641  1.00 0.00 ?  9  VAL A CA   1 
ATOM 137  C C    . VAL A 1 9  ? -10.803 -18.512 10.138  1.00 0.00 ?  9  VAL A C    1 
ATOM 138  O O    . VAL A 1 9  ? -10.350 -17.495 9.612   1.00 0.00 ?  9  VAL A O    1 
ATOM 139  C CB   . VAL A 1 9  ? -9.482  -19.689 11.910  1.00 0.00 ?  9  VAL A CB   1 
ATOM 140  C CG1  . VAL A 1 9  ? -8.240  -19.217 11.147  1.00 0.00 ?  9  VAL A CG1  1 
ATOM 141  C CG2  . VAL A 1 9  ? -9.180  -19.708 13.409  1.00 0.00 ?  9  VAL A CG2  1 
ATOM 142  H H    . VAL A 1 9  ? -11.834 -20.174 12.653  1.00 0.00 ?  9  VAL A H    1 
ATOM 143  H HA   . VAL A 1 9  ? -10.453 -17.797 12.124  1.00 0.00 ?  9  VAL A HA   1 
ATOM 144  H HB   . VAL A 1 9  ? -9.746  -20.685 11.584  1.00 0.00 ?  9  VAL A HB   1 
ATOM 145  H HG11 . VAL A 1 9  ? -8.118  -18.153 11.283  1.00 0.00 ?  9  VAL A HG11 1 
ATOM 146  H HG12 . VAL A 1 9  ? -8.358  -19.436 10.096  1.00 0.00 ?  9  VAL A HG12 1 
ATOM 147  H HG13 . VAL A 1 9  ? -7.368  -19.731 11.526  1.00 0.00 ?  9  VAL A HG13 1 
ATOM 148  H HG21 . VAL A 1 9  ? -10.099 -19.840 13.962  1.00 0.00 ?  9  VAL A HG21 1 
ATOM 149  H HG22 . VAL A 1 9  ? -8.719  -18.773 13.695  1.00 0.00 ?  9  VAL A HG22 1 
ATOM 150  H HG23 . VAL A 1 9  ? -8.508  -20.524 13.632  1.00 0.00 ?  9  VAL A HG23 1 
ATOM 151  N N    . ALA A 1 10 ? -11.415 -19.467 9.446   1.00 0.00 ?  10 ALA A N    1 
ATOM 152  C CA   . ALA A 1 10 ? -11.583 -19.353 8.002   1.00 0.00 ?  10 ALA A CA   1 
ATOM 153  C C    . ALA A 1 10 ? -12.392 -18.104 7.661   1.00 0.00 ?  10 ALA A C    1 
ATOM 154  O O    . ALA A 1 10 ? -12.107 -17.405 6.689   1.00 0.00 ?  10 ALA A O    1 
ATOM 155  C CB   . ALA A 1 10 ? -12.295 -20.591 7.455   1.00 0.00 ?  10 ALA A CB   1 
ATOM 156  H H    . ALA A 1 10 ? -11.745 -20.266 9.910   1.00 0.00 ?  10 ALA A H    1 
ATOM 157  H HA   . ALA A 1 10 ? -10.596 -19.296 7.567   1.00 0.00 ?  10 ALA A HA   1 
ATOM 158  H HB1  . ALA A 1 10 ? -12.609 -20.406 6.440   1.00 0.00 ?  10 ALA A HB1  1 
ATOM 159  H HB2  . ALA A 1 10 ? -13.159 -20.809 8.066   1.00 0.00 ?  10 ALA A HB2  1 
ATOM 160  H HB3  . ALA A 1 10 ? -11.618 -21.433 7.475   1.00 0.00 ?  10 ALA A HB3  1 
ATOM 161  N N    . LEU A 1 11 ? -13.398 -17.834 8.489   1.00 0.00 ?  11 LEU A N    1 
ATOM 162  C CA   . LEU A 1 11 ? -14.249 -16.666 8.300   1.00 0.00 ?  11 LEU A CA   1 
ATOM 163  C C    . LEU A 1 11 ? -13.416 -15.392 8.406   1.00 0.00 ?  11 LEU A C    1 
ATOM 164  O O    . LEU A 1 11 ? -13.534 -14.495 7.574   1.00 0.00 ?  11 LEU A O    1 
ATOM 165  C CB   . LEU A 1 11 ? -15.361 -16.655 9.359   1.00 0.00 ?  11 LEU A CB   1 
ATOM 166  C CG   . LEU A 1 11 ? -16.257 -15.417 9.195   1.00 0.00 ?  11 LEU A CG   1 
ATOM 167  C CD1  . LEU A 1 11 ? -16.920 -15.418 7.807   1.00 0.00 ?  11 LEU A CD1  1 
ATOM 168  C CD2  . LEU A 1 11 ? -17.339 -15.442 10.281  1.00 0.00 ?  11 LEU A CD2  1 
ATOM 169  H H    . LEU A 1 11 ? -13.543 -18.427 9.255   1.00 0.00 ?  11 LEU A H    1 
ATOM 170  H HA   . LEU A 1 11 ? -14.700 -16.700 7.322   1.00 0.00 ?  11 LEU A HA   1 
ATOM 171  H HB2  . LEU A 1 11 ? -15.962 -17.547 9.253   1.00 0.00 ?  11 LEU A HB2  1 
ATOM 172  H HB3  . LEU A 1 11 ? -14.916 -16.642 10.343  1.00 0.00 ?  11 LEU A HB3  1 
ATOM 173  H HG   . LEU A 1 11 ? -15.664 -14.522 9.306   1.00 0.00 ?  11 LEU A HG   1 
ATOM 174  H HD11 . LEU A 1 11 ? -17.827 -14.830 7.835   1.00 0.00 ?  11 LEU A HD11 1 
ATOM 175  H HD12 . LEU A 1 11 ? -17.161 -16.431 7.519   1.00 0.00 ?  11 LEU A HD12 1 
ATOM 176  H HD13 . LEU A 1 11 ? -16.241 -14.989 7.085   1.00 0.00 ?  11 LEU A HD13 1 
ATOM 177  H HD21 . LEU A 1 11 ? -16.883 -15.644 11.239  1.00 0.00 ?  11 LEU A HD21 1 
ATOM 178  H HD22 . LEU A 1 11 ? -18.058 -16.216 10.055  1.00 0.00 ?  11 LEU A HD22 1 
ATOM 179  H HD23 . LEU A 1 11 ? -17.838 -14.485 10.314  1.00 0.00 ?  11 LEU A HD23 1 
ATOM 180  N N    . VAL A 1 12 ? -12.576 -15.320 9.432   1.00 0.00 ?  12 VAL A N    1 
ATOM 181  C CA   . VAL A 1 12 ? -11.736 -14.142 9.627   1.00 0.00 ?  12 VAL A CA   1 
ATOM 182  C C    . VAL A 1 12 ? -10.832 -13.954 8.414   1.00 0.00 ?  12 VAL A C    1 
ATOM 183  O O    . VAL A 1 12 ? -10.670 -12.837 7.924   1.00 0.00 ?  12 VAL A O    1 
ATOM 184  C CB   . VAL A 1 12 ? -10.904 -14.277 10.906  1.00 0.00 ?  12 VAL A CB   1 
ATOM 185  C CG1  . VAL A 1 12 ? -9.876  -13.143 10.979  1.00 0.00 ?  12 VAL A CG1  1 
ATOM 186  C CG2  . VAL A 1 12 ? -11.828 -14.200 12.124  1.00 0.00 ?  12 VAL A CG2  1 
ATOM 187  H H    . VAL A 1 12 ? -12.537 -16.068 10.066  1.00 0.00 ?  12 VAL A H    1 
ATOM 188  H HA   . VAL A 1 12 ? -12.376 -13.277 9.700   1.00 0.00 ?  12 VAL A HA   1 
ATOM 189  H HB   . VAL A 1 12 ? -10.390 -15.226 10.902  1.00 0.00 ?  12 VAL A HB   1 
ATOM 190  H HG11 . VAL A 1 12 ? -9.458  -13.100 11.974  1.00 0.00 ?  12 VAL A HG11 1 
ATOM 191  H HG12 . VAL A 1 12 ? -10.359 -12.205 10.750  1.00 0.00 ?  12 VAL A HG12 1 
ATOM 192  H HG13 . VAL A 1 12 ? -9.086  -13.326 10.265  1.00 0.00 ?  12 VAL A HG13 1 
ATOM 193  H HG21 . VAL A 1 12 ? -12.446 -13.317 12.052  1.00 0.00 ?  12 VAL A HG21 1 
ATOM 194  H HG22 . VAL A 1 12 ? -11.235 -14.153 13.023  1.00 0.00 ?  12 VAL A HG22 1 
ATOM 195  H HG23 . VAL A 1 12 ? -12.458 -15.078 12.152  1.00 0.00 ?  12 VAL A HG23 1 
ATOM 196  N N    . VAL A 1 13 ? -10.249 -15.041 7.927   1.00 0.00 ?  13 VAL A N    1 
ATOM 197  C CA   . VAL A 1 13 ? -9.371  -14.962 6.768   1.00 0.00 ?  13 VAL A CA   1 
ATOM 198  C C    . VAL A 1 13 ? -10.140 -14.353 5.598   1.00 0.00 ?  13 VAL A C    1 
ATOM 199  O O    . VAL A 1 13 ? -9.628  -13.523 4.848   1.00 0.00 ?  13 VAL A O    1 
ATOM 200  C CB   . VAL A 1 13 ? -8.908  -16.373 6.389   1.00 0.00 ?  13 VAL A CB   1 
ATOM 201  C CG1  . VAL A 1 13 ? -8.163  -16.336 5.050   1.00 0.00 ?  13 VAL A CG1  1 
ATOM 202  C CG2  . VAL A 1 13 ? -7.970  -16.908 7.475   1.00 0.00 ?  13 VAL A CG2  1 
ATOM 203  H H    . VAL A 1 13 ? -10.397 -15.906 8.365   1.00 0.00 ?  13 VAL A H    1 
ATOM 204  H HA   . VAL A 1 13 ? -8.502  -14.375 7.029   1.00 0.00 ?  13 VAL A HA   1 
ATOM 205  H HB   . VAL A 1 13 ? -9.768  -17.021 6.303   1.00 0.00 ?  13 VAL A HB   1 
ATOM 206  H HG11 . VAL A 1 13 ? -7.634  -17.265 4.908   1.00 0.00 ?  13 VAL A HG11 1 
ATOM 207  H HG12 . VAL A 1 13 ? -7.459  -15.516 5.054   1.00 0.00 ?  13 VAL A HG12 1 
ATOM 208  H HG13 . VAL A 1 13 ? -8.873  -16.198 4.248   1.00 0.00 ?  13 VAL A HG13 1 
ATOM 209  H HG21 . VAL A 1 13 ? -7.014  -16.409 7.402   1.00 0.00 ?  13 VAL A HG21 1 
ATOM 210  H HG22 . VAL A 1 13 ? -7.834  -17.970 7.342   1.00 0.00 ?  13 VAL A HG22 1 
ATOM 211  H HG23 . VAL A 1 13 ? -8.401  -16.719 8.446   1.00 0.00 ?  13 VAL A HG23 1 
ATOM 212  N N    . ALA A 1 14 ? -11.383 -14.807 5.466   1.00 0.00 ?  14 ALA A N    1 
ATOM 213  C CA   . ALA A 1 14 ? -12.263 -14.351 4.395   1.00 0.00 ?  14 ALA A CA   1 
ATOM 214  C C    . ALA A 1 14 ? -12.467 -12.836 4.477   1.00 0.00 ?  14 ALA A C    1 
ATOM 215  O O    . ALA A 1 14 ? -12.515 -12.149 3.458   1.00 0.00 ?  14 ALA A O    1 
ATOM 216  C CB   . ALA A 1 14 ? -13.616 -15.057 4.492   1.00 0.00 ?  14 ALA A CB   1 
ATOM 217  H H    . ALA A 1 14 ? -11.685 -15.483 6.108   1.00 0.00 ?  14 ALA A H    1 
ATOM 218  H HA   . ALA A 1 14 ? -11.803 -14.604 3.451   1.00 0.00 ?  14 ALA A HA   1 
ATOM 219  H HB1  . ALA A 1 14 ? -14.161 -14.919 3.570   1.00 0.00 ?  14 ALA A HB1  1 
ATOM 220  H HB2  . ALA A 1 14 ? -14.182 -14.639 5.311   1.00 0.00 ?  14 ALA A HB2  1 
ATOM 221  H HB3  . ALA A 1 14 ? -13.460 -16.111 4.662   1.00 0.00 ?  14 ALA A HB3  1 
ATOM 222  N N    . ILE A 1 15 ? -12.591 -12.329 5.698   1.00 0.00 ?  15 ILE A N    1 
ATOM 223  C CA   . ILE A 1 15 ? -12.787 -10.897 5.910   1.00 0.00 ?  15 ILE A CA   1 
ATOM 224  C C    . ILE A 1 15 ? -11.565 -10.097 5.449   1.00 0.00 ?  15 ILE A C    1 
ATOM 225  O O    . ILE A 1 15 ? -11.705 -9.013  4.884   1.00 0.00 ?  15 ILE A O    1 
ATOM 226  C CB   . ILE A 1 15 ? -13.055 -10.614 7.398   1.00 0.00 ?  15 ILE A CB   1 
ATOM 227  C CG1  . ILE A 1 15 ? -14.392 -11.248 7.833   1.00 0.00 ?  15 ILE A CG1  1 
ATOM 228  C CG2  . ILE A 1 15 ? -13.090 -9.102  7.649   1.00 0.00 ?  15 ILE A CG2  1 
ATOM 229  C CD1  . ILE A 1 15 ? -15.572 -10.703 7.010   1.00 0.00 ?  15 ILE A CD1  1 
ATOM 230  H H    . ILE A 1 15 ? -12.547 -12.927 6.473   1.00 0.00 ?  15 ILE A H    1 
ATOM 231  H HA   . ILE A 1 15 ? -13.639 -10.575 5.335   1.00 0.00 ?  15 ILE A HA   1 
ATOM 232  H HB   . ILE A 1 15 ? -12.253 -11.044 7.981   1.00 0.00 ?  15 ILE A HB   1 
ATOM 233  H HG12 . ILE A 1 15 ? -14.335 -12.315 7.701   1.00 0.00 ?  15 ILE A HG12 1 
ATOM 234  H HG13 . ILE A 1 15 ? -14.560 -11.030 8.877   1.00 0.00 ?  15 ILE A HG13 1 
ATOM 235  H HG21 . ILE A 1 15 ? -13.697 -8.625  6.892   1.00 0.00 ?  15 ILE A HG21 1 
ATOM 236  H HG22 . ILE A 1 15 ? -12.086 -8.706  7.606   1.00 0.00 ?  15 ILE A HG22 1 
ATOM 237  H HG23 . ILE A 1 15 ? -13.512 -8.910  8.623   1.00 0.00 ?  15 ILE A HG23 1 
ATOM 238  H HD11 . ILE A 1 15 ? -15.381 -9.686  6.705   1.00 0.00 ?  15 ILE A HD11 1 
ATOM 239  H HD12 . ILE A 1 15 ? -16.469 -10.732 7.610   1.00 0.00 ?  15 ILE A HD12 1 
ATOM 240  H HD13 . ILE A 1 15 ? -15.712 -11.319 6.133   1.00 0.00 ?  15 ILE A HD13 1 
ATOM 241  N N    . ILE A 1 16 ? -10.369 -10.615 5.725   1.00 0.00 ?  16 ILE A N    1 
ATOM 242  C CA   . ILE A 1 16 ? -9.142  -9.905  5.359   1.00 0.00 ?  16 ILE A CA   1 
ATOM 243  C C    . ILE A 1 16 ? -9.068  -9.667  3.851   1.00 0.00 ?  16 ILE A C    1 
ATOM 244  O O    . ILE A 1 16 ? -8.820  -8.548  3.403   1.00 0.00 ?  16 ILE A O    1 
ATOM 245  C CB   . ILE A 1 16 ? -7.931  -10.748 5.780   1.00 0.00 ?  16 ILE A CB   1 
ATOM 246  C CG1  . ILE A 1 16 ? -7.906  -10.922 7.313   1.00 0.00 ?  16 ILE A CG1  1 
ATOM 247  C CG2  . ILE A 1 16 ? -6.636  -10.076 5.312   1.00 0.00 ?  16 ILE A CG2  1 
ATOM 248  C CD1  . ILE A 1 16 ? -7.849  -9.566  8.036   1.00 0.00 ?  16 ILE A CD1  1 
ATOM 249  H H    . ILE A 1 16 ? -10.308 -11.470 6.201   1.00 0.00 ?  16 ILE A H    1 
ATOM 250  H HA   . ILE A 1 16 ? -9.102  -8.966  5.885   1.00 0.00 ?  16 ILE A HA   1 
ATOM 251  H HB   . ILE A 1 16 ? -8.005  -11.722 5.315   1.00 0.00 ?  16 ILE A HB   1 
ATOM 252  H HG12 . ILE A 1 16 ? -8.796  -11.449 7.622   1.00 0.00 ?  16 ILE A HG12 1 
ATOM 253  H HG13 . ILE A 1 16 ? -7.038  -11.505 7.588   1.00 0.00 ?  16 ILE A HG13 1 
ATOM 254  H HG21 . ILE A 1 16 ? -5.796  -10.518 5.826   1.00 0.00 ?  16 ILE A HG21 1 
ATOM 255  H HG22 . ILE A 1 16 ? -6.678  -9.020  5.532   1.00 0.00 ?  16 ILE A HG22 1 
ATOM 256  H HG23 . ILE A 1 16 ? -6.523  -10.218 4.247   1.00 0.00 ?  16 ILE A HG23 1 
ATOM 257  H HD11 . ILE A 1 16 ? -8.854  -9.205  8.200   1.00 0.00 ?  16 ILE A HD11 1 
ATOM 258  H HD12 . ILE A 1 16 ? -7.304  -8.849  7.443   1.00 0.00 ?  16 ILE A HD12 1 
ATOM 259  H HD13 . ILE A 1 16 ? -7.356  -9.690  8.989   1.00 0.00 ?  16 ILE A HD13 1 
ATOM 260  N N    . ILE A 1 17 ? -9.261  -10.729 3.076   1.00 0.00 ?  17 ILE A N    1 
ATOM 261  C CA   . ILE A 1 17 ? -9.186  -10.615 1.622   1.00 0.00 ?  17 ILE A CA   1 
ATOM 262  C C    . ILE A 1 17 ? -10.241 -9.646  1.097   1.00 0.00 ?  17 ILE A C    1 
ATOM 263  O O    . ILE A 1 17 ? -10.033 -8.973  0.091   1.00 0.00 ?  17 ILE A O    1 
ATOM 264  C CB   . ILE A 1 17 ? -9.357  -11.987 0.966   1.00 0.00 ?  17 ILE A CB   1 
ATOM 265  C CG1  . ILE A 1 17 ? -10.660 -12.628 1.439   1.00 0.00 ?  17 ILE A CG1  1 
ATOM 266  C CG2  . ILE A 1 17 ? -8.182  -12.886 1.354   1.00 0.00 ?  17 ILE A CG2  1 
ATOM 267  C CD1  . ILE A 1 17 ? -10.954 -13.871 0.599   1.00 0.00 ?  17 ILE A CD1  1 
ATOM 268  H H    . ILE A 1 17 ? -9.411  -11.600 3.496   1.00 0.00 ?  17 ILE A H    1 
ATOM 269  H HA   . ILE A 1 17 ? -8.206  -10.239 1.371   1.00 0.00 ?  17 ILE A HA   1 
ATOM 270  H HB   . ILE A 1 17 ? -9.380  -11.871 -0.108  1.00 0.00 ?  17 ILE A HB   1 
ATOM 271  H HG12 . ILE A 1 17 ? -10.556 -12.911 2.475   1.00 0.00 ?  17 ILE A HG12 1 
ATOM 272  H HG13 . ILE A 1 17 ? -11.472 -11.924 1.337   1.00 0.00 ?  17 ILE A HG13 1 
ATOM 273  H HG21 . ILE A 1 17 ? -7.265  -12.469 0.964   1.00 0.00 ?  17 ILE A HG21 1 
ATOM 274  H HG22 . ILE A 1 17 ? -8.331  -13.873 0.941   1.00 0.00 ?  17 ILE A HG22 1 
ATOM 275  H HG23 . ILE A 1 17 ? -8.120  -12.953 2.430   1.00 0.00 ?  17 ILE A HG23 1 
ATOM 276  H HD11 . ILE A 1 17 ? -10.982 -13.600 -0.447  1.00 0.00 ?  17 ILE A HD11 1 
ATOM 277  H HD12 . ILE A 1 17 ? -11.909 -14.284 0.888   1.00 0.00 ?  17 ILE A HD12 1 
ATOM 278  H HD13 . ILE A 1 17 ? -10.179 -14.605 0.759   1.00 0.00 ?  17 ILE A HD13 1 
ATOM 279  N N    . ALA A 1 18 ? -11.361 -9.557  1.803   1.00 0.00 ?  18 ALA A N    1 
ATOM 280  C CA   . ALA A 1 18 ? -12.411 -8.634  1.392   1.00 0.00 ?  18 ALA A CA   1 
ATOM 281  C C    . ALA A 1 18 ? -11.858 -7.215  1.439   1.00 0.00 ?  18 ALA A C    1 
ATOM 282  O O    . ALA A 1 18 ? -11.977 -6.446  0.485   1.00 0.00 ?  18 ALA A O    1 
ATOM 283  C CB   . ALA A 1 18 ? -13.619 -8.755  2.324   1.00 0.00 ?  18 ALA A CB   1 
ATOM 284  H H    . ALA A 1 18 ? -11.441 -10.099 2.616   1.00 0.00 ?  18 ALA A H    1 
ATOM 285  H HA   . ALA A 1 18 ? -12.714 -8.866  0.382   1.00 0.00 ?  18 ALA A HA   1 
ATOM 286  H HB1  . ALA A 1 18 ? -13.847 -9.798  2.485   1.00 0.00 ?  18 ALA A HB1  1 
ATOM 287  H HB2  . ALA A 1 18 ? -14.470 -8.266  1.874   1.00 0.00 ?  18 ALA A HB2  1 
ATOM 288  H HB3  . ALA A 1 18 ? -13.393 -8.285  3.270   1.00 0.00 ?  18 ALA A HB3  1 
ATOM 289  N N    . ILE A 1 19 ? -11.255 -6.885  2.576   1.00 0.00 ?  19 ILE A N    1 
ATOM 290  C CA   . ILE A 1 19 ? -10.677 -5.562  2.784   1.00 0.00 ?  19 ILE A CA   1 
ATOM 291  C C    . ILE A 1 19 ? -9.551  -5.299  1.785   1.00 0.00 ?  19 ILE A C    1 
ATOM 292  O O    . ILE A 1 19 ? -9.482  -4.224  1.196   1.00 0.00 ?  19 ILE A O    1 
ATOM 293  C CB   . ILE A 1 19 ? -10.140 -5.440  4.215   1.00 0.00 ?  19 ILE A CB   1 
ATOM 294  C CG1  . ILE A 1 19 ? -11.296 -5.544  5.231   1.00 0.00 ?  19 ILE A CG1  1 
ATOM 295  C CG2  . ILE A 1 19 ? -9.409  -4.105  4.389   1.00 0.00 ?  19 ILE A CG2  1 
ATOM 296  C CD1  . ILE A 1 19 ? -12.353 -4.453  4.995   1.00 0.00 ?  19 ILE A CD1  1 
ATOM 297  H H    . ILE A 1 19 ? -11.243 -7.548  3.299   1.00 0.00 ?  19 ILE A H    1 
ATOM 298  H HA   . ILE A 1 19 ? -11.443 -4.821  2.626   1.00 0.00 ?  19 ILE A HA   1 
ATOM 299  H HB   . ILE A 1 19 ? -9.440  -6.245  4.393   1.00 0.00 ?  19 ILE A HB   1 
ATOM 300  H HG12 . ILE A 1 19 ? -11.763 -6.513  5.136   1.00 0.00 ?  19 ILE A HG12 1 
ATOM 301  H HG13 . ILE A 1 19 ? -10.898 -5.443  6.230   1.00 0.00 ?  19 ILE A HG13 1 
ATOM 302  H HG21 . ILE A 1 19 ? -10.008 -3.311  3.966   1.00 0.00 ?  19 ILE A HG21 1 
ATOM 303  H HG22 . ILE A 1 19 ? -8.456  -4.147  3.883   1.00 0.00 ?  19 ILE A HG22 1 
ATOM 304  H HG23 . ILE A 1 19 ? -9.251  -3.915  5.440   1.00 0.00 ?  19 ILE A HG23 1 
ATOM 305  H HD11 . ILE A 1 19 ? -13.089 -4.813  4.292   1.00 0.00 ?  19 ILE A HD11 1 
ATOM 306  H HD12 . ILE A 1 19 ? -11.890 -3.561  4.603   1.00 0.00 ?  19 ILE A HD12 1 
ATOM 307  H HD13 . ILE A 1 19 ? -12.839 -4.219  5.931   1.00 0.00 ?  19 ILE A HD13 1 
ATOM 308  N N    . VAL A 1 20 ? -8.684  -6.288  1.580   1.00 0.00 ?  20 VAL A N    1 
ATOM 309  C CA   . VAL A 1 20 ? -7.590  -6.130  0.624   1.00 0.00 ?  20 VAL A CA   1 
ATOM 310  C C    . VAL A 1 20 ? -8.155  -5.979  -0.787  1.00 0.00 ?  20 VAL A C    1 
ATOM 311  O O    . VAL A 1 20 ? -7.769  -5.082  -1.538  1.00 0.00 ?  20 VAL A O    1 
ATOM 312  C CB   . VAL A 1 20 ? -6.658  -7.345  0.688   1.00 0.00 ?  20 VAL A CB   1 
ATOM 313  C CG1  . VAL A 1 20 ? -5.632  -7.274  -0.446  1.00 0.00 ?  20 VAL A CG1  1 
ATOM 314  C CG2  . VAL A 1 20 ? -5.929  -7.355  2.033   1.00 0.00 ?  20 VAL A CG2  1 
ATOM 315  H H    . VAL A 1 20 ? -8.810  -7.141  2.048   1.00 0.00 ?  20 VAL A H    1 
ATOM 316  H HA   . VAL A 1 20 ? -7.029  -5.243  0.874   1.00 0.00 ?  20 VAL A HA   1 
ATOM 317  H HB   . VAL A 1 20 ? -7.241  -8.249  0.587   1.00 0.00 ?  20 VAL A HB   1 
ATOM 318  H HG11 . VAL A 1 20 ? -5.211  -6.280  -0.489  1.00 0.00 ?  20 VAL A HG11 1 
ATOM 319  H HG12 . VAL A 1 20 ? -6.115  -7.500  -1.384  1.00 0.00 ?  20 VAL A HG12 1 
ATOM 320  H HG13 . VAL A 1 20 ? -4.845  -7.990  -0.265  1.00 0.00 ?  20 VAL A HG13 1 
ATOM 321  H HG21 . VAL A 1 20 ? -5.356  -6.446  2.138   1.00 0.00 ?  20 VAL A HG21 1 
ATOM 322  H HG22 . VAL A 1 20 ? -5.265  -8.206  2.076   1.00 0.00 ?  20 VAL A HG22 1 
ATOM 323  H HG23 . VAL A 1 20 ? -6.651  -7.420  2.833   1.00 0.00 ?  20 VAL A HG23 1 
ATOM 324  N N    . VAL A 1 21 ? -9.078  -6.869  -1.124  1.00 0.00 ?  21 VAL A N    1 
ATOM 325  C CA   . VAL A 1 21 ? -9.724  -6.860  -2.434  1.00 0.00 ?  21 VAL A CA   1 
ATOM 326  C C    . VAL A 1 21 ? -10.509 -5.570  -2.668  1.00 0.00 ?  21 VAL A C    1 
ATOM 327  O O    . VAL A 1 21 ? -10.445 -5.010  -3.763  1.00 0.00 ?  21 VAL A O    1 
ATOM 328  C CB   . VAL A 1 21 ? -10.650 -8.078  -2.569  1.00 0.00 ?  21 VAL A CB   1 
ATOM 329  C CG1  . VAL A 1 21 ? -11.506 -7.950  -3.835  1.00 0.00 ?  21 VAL A CG1  1 
ATOM 330  C CG2  . VAL A 1 21 ? -9.803  -9.357  -2.659  1.00 0.00 ?  21 VAL A CG2  1 
ATOM 331  H H    . VAL A 1 21 ? -9.328  -7.555  -0.471  1.00 0.00 ?  21 VAL A H    1 
ATOM 332  H HA   . VAL A 1 21 ? -8.985  -6.907  -3.220  1.00 0.00 ?  21 VAL A HA   1 
ATOM 333  H HB   . VAL A 1 21 ? -11.297 -8.134  -1.705  1.00 0.00 ?  21 VAL A HB   1 
ATOM 334  H HG11 . VAL A 1 21 ? -10.882 -7.650  -4.664  1.00 0.00 ?  21 VAL A HG11 1 
ATOM 335  H HG12 . VAL A 1 21 ? -12.276 -7.210  -3.677  1.00 0.00 ?  21 VAL A HG12 1 
ATOM 336  H HG13 . VAL A 1 21 ? -11.964 -8.903  -4.058  1.00 0.00 ?  21 VAL A HG13 1 
ATOM 337  H HG21 . VAL A 1 21 ? -9.419  -9.468  -3.663  1.00 0.00 ?  21 VAL A HG21 1 
ATOM 338  H HG22 . VAL A 1 21 ? -10.417 -10.211 -2.413  1.00 0.00 ?  21 VAL A HG22 1 
ATOM 339  H HG23 . VAL A 1 21 ? -8.977  -9.298  -1.965  1.00 0.00 ?  21 VAL A HG23 1 
ATOM 340  N N    . TRP A 1 22 ? -11.278 -5.103  -1.685  1.00 0.00 ?  22 TRP A N    1 
ATOM 341  C CA   . TRP A 1 22 ? -12.075 -3.894  -1.896  1.00 0.00 ?  22 TRP A CA   1 
ATOM 342  C C    . TRP A 1 22 ? -11.220 -2.635  -1.749  1.00 0.00 ?  22 TRP A C    1 
ATOM 343  O O    . TRP A 1 22 ? -11.644 -1.541  -2.120  1.00 0.00 ?  22 TRP A O    1 
ATOM 344  C CB   . TRP A 1 22 ? -13.239 -3.853  -0.901  1.00 0.00 ?  22 TRP A CB   1 
ATOM 345  C CG   . TRP A 1 22 ? -14.287 -2.902  -1.384  1.00 0.00 ?  22 TRP A CG   1 
ATOM 346  C CD1  . TRP A 1 22 ? -14.542 -1.687  -0.845  1.00 0.00 ?  22 TRP A CD1  1 
ATOM 347  C CD2  . TRP A 1 22 ? -15.220 -3.059  -2.493  1.00 0.00 ?  22 TRP A CD2  1 
ATOM 348  N NE1  . TRP A 1 22 ? -15.573 -1.092  -1.550  1.00 0.00 ?  22 TRP A NE1  1 
ATOM 349  C CE2  . TRP A 1 22 ? -16.023 -1.897  -2.575  1.00 0.00 ?  22 TRP A CE2  1 
ATOM 350  C CE3  . TRP A 1 22 ? -15.445 -4.088  -3.425  1.00 0.00 ?  22 TRP A CE3  1 
ATOM 351  C CZ2  . TRP A 1 22 ? -17.015 -1.762  -3.548  1.00 0.00 ?  22 TRP A CZ2  1 
ATOM 352  C CZ3  . TRP A 1 22 ? -16.441 -3.954  -4.406  1.00 0.00 ?  22 TRP A CZ3  1 
ATOM 353  C CH2  . TRP A 1 22 ? -17.225 -2.793  -4.467  1.00 0.00 ?  22 TRP A CH2  1 
ATOM 354  H H    . TRP A 1 22 ? -11.355 -5.584  -0.834  1.00 0.00 ?  22 TRP A H    1 
ATOM 355  H HA   . TRP A 1 22 ? -12.474 -3.947  -2.901  1.00 0.00 ?  22 TRP A HA   1 
ATOM 356  H HB2  . TRP A 1 22 ? -13.666 -4.841  -0.807  1.00 0.00 ?  22 TRP A HB2  1 
ATOM 357  H HB3  . TRP A 1 22 ? -12.874 -3.528  0.063   1.00 0.00 ?  22 TRP A HB3  1 
ATOM 358  H HD1  . TRP A 1 22 ? -14.027 -1.256  -0.001  1.00 0.00 ?  22 TRP A HD1  1 
ATOM 359  H HE1  . TRP A 1 22 ? -15.951 -0.208  -1.359  1.00 0.00 ?  22 TRP A HE1  1 
ATOM 360  H HE3  . TRP A 1 22 ? -14.846 -4.988  -3.388  1.00 0.00 ?  22 TRP A HE3  1 
ATOM 361  H HZ2  . TRP A 1 22 ? -17.616 -0.865  -3.589  1.00 0.00 ?  22 TRP A HZ2  1 
ATOM 362  H HZ3  . TRP A 1 22 ? -16.605 -4.751  -5.117  1.00 0.00 ?  22 TRP A HZ3  1 
ATOM 363  H HH2  . TRP A 1 22 ? -17.989 -2.696  -5.223  1.00 0.00 ?  22 TRP A HH2  1 
ATOM 364  N N    . SER A 1 23 ? -10.014 -2.793  -1.213  1.00 0.00 ?  23 SER A N    1 
ATOM 365  C CA   . SER A 1 23 ? -9.116  -1.655  -1.036  1.00 0.00 ?  23 SER A CA   1 
ATOM 366  C C    . SER A 1 23 ? -8.789  -1.015  -2.383  1.00 0.00 ?  23 SER A C    1 
ATOM 367  O O    . SER A 1 23 ? -8.708  0.207   -2.489  1.00 0.00 ?  23 SER A O    1 
ATOM 368  C CB   . SER A 1 23 ? -7.823  -2.086  -0.341  1.00 0.00 ?  23 SER A CB   1 
ATOM 369  O OG   . SER A 1 23 ? -6.970  -0.958  -0.200  1.00 0.00 ?  23 SER A OG   1 
ATOM 370  H H    . SER A 1 23 ? -9.722  -3.688  -0.937  1.00 0.00 ?  23 SER A H    1 
ATOM 371  H HA   . SER A 1 23 ? -9.614  -0.915  -0.429  1.00 0.00 ?  23 SER A HA   1 
ATOM 372  H HB2  . SER A 1 23 ? -8.048  -2.478  0.634   1.00 0.00 ?  23 SER A HB2  1 
ATOM 373  H HB3  . SER A 1 23 ? -7.333  -2.848  -0.932  1.00 0.00 ?  23 SER A HB3  1 
ATOM 374  H HG   . SER A 1 23 ? -6.094  -1.208  -0.501  1.00 0.00 ?  23 SER A HG   1 
ATOM 375  N N    . ILE A 1 24 ? -8.598  -1.840  -3.407  1.00 0.00 ?  24 ILE A N    1 
ATOM 376  C CA   . ILE A 1 24 ? -8.276  -1.318  -4.731  1.00 0.00 ?  24 ILE A CA   1 
ATOM 377  C C    . ILE A 1 24 ? -9.402  -0.396  -5.198  1.00 0.00 ?  24 ILE A C    1 
ATOM 378  O O    . ILE A 1 24 ? -9.163  0.694   -5.715  1.00 0.00 ?  24 ILE A O    1 
ATOM 379  C CB   . ILE A 1 24 ? -8.106  -2.476  -5.720  1.00 0.00 ?  24 ILE A CB   1 
ATOM 380  C CG1  . ILE A 1 24 ? -6.844  -3.264  -5.362  1.00 0.00 ?  24 ILE A CG1  1 
ATOM 381  C CG2  . ILE A 1 24 ? -7.971  -1.926  -7.144  1.00 0.00 ?  24 ILE A CG2  1 
ATOM 382  C CD1  . ILE A 1 24 ? -6.814  -4.571  -6.158  1.00 0.00 ?  24 ILE A CD1  1 
ATOM 383  H H    . ILE A 1 24 ? -8.669  -2.809  -3.271  1.00 0.00 ?  24 ILE A H    1 
ATOM 384  H HA   . ILE A 1 24 ? -7.346  -0.776  -4.661  1.00 0.00 ?  24 ILE A HA   1 
ATOM 385  H HB   . ILE A 1 24 ? -8.966  -3.126  -5.664  1.00 0.00 ?  24 ILE A HB   1 
ATOM 386  H HG12 . ILE A 1 24 ? -5.970  -2.675  -5.604  1.00 0.00 ?  24 ILE A HG12 1 
ATOM 387  H HG13 . ILE A 1 24 ? -6.846  -3.488  -4.306  1.00 0.00 ?  24 ILE A HG13 1 
ATOM 388  H HG21 . ILE A 1 24 ? -8.934  -1.574  -7.484  1.00 0.00 ?  24 ILE A HG21 1 
ATOM 389  H HG22 . ILE A 1 24 ? -7.621  -2.710  -7.800  1.00 0.00 ?  24 ILE A HG22 1 
ATOM 390  H HG23 . ILE A 1 24 ? -7.266  -1.110  -7.149  1.00 0.00 ?  24 ILE A HG23 1 
ATOM 391  H HD11 . ILE A 1 24 ? -7.586  -5.233  -5.792  1.00 0.00 ?  24 ILE A HD11 1 
ATOM 392  H HD12 . ILE A 1 24 ? -5.850  -5.043  -6.039  1.00 0.00 ?  24 ILE A HD12 1 
ATOM 393  H HD13 . ILE A 1 24 ? -6.986  -4.361  -7.203  1.00 0.00 ?  24 ILE A HD13 1 
ATOM 394  N N    . VAL A 1 25 ? -10.629 -0.845  -4.969  1.00 0.00 ?  25 VAL A N    1 
ATOM 395  C CA   . VAL A 1 25 ? -11.812 -0.067  -5.322  1.00 0.00 ?  25 VAL A CA   1 
ATOM 396  C C    . VAL A 1 25 ? -11.830 1.252   -4.549  1.00 0.00 ?  25 VAL A C    1 
ATOM 397  O O    . VAL A 1 25 ? -12.056 2.312   -5.131  1.00 0.00 ?  25 VAL A O    1 
ATOM 398  C CB   . VAL A 1 25 ? -13.074 -0.873  -4.992  1.00 0.00 ?  25 VAL A CB   1 
ATOM 399  C CG1  . VAL A 1 25 ? -14.316 0.005   -5.163  1.00 0.00 ?  25 VAL A CG1  1 
ATOM 400  C CG2  . VAL A 1 25 ? -13.170 -2.074  -5.937  1.00 0.00 ?  25 VAL A CG2  1 
ATOM 401  H H    . VAL A 1 25 ? -10.725 -1.706  -4.511  1.00 0.00 ?  25 VAL A H    1 
ATOM 402  H HA   . VAL A 1 25 ? -11.832 0.175   -6.376  1.00 0.00 ?  25 VAL A HA   1 
ATOM 403  H HB   . VAL A 1 25 ? -13.021 -1.221  -3.973  1.00 0.00 ?  25 VAL A HB   1 
ATOM 404  H HG11 . VAL A 1 25 ? -14.377 0.706   -4.343  1.00 0.00 ?  25 VAL A HG11 1 
ATOM 405  H HG12 . VAL A 1 25 ? -15.200 -0.616  -5.172  1.00 0.00 ?  25 VAL A HG12 1 
ATOM 406  H HG13 . VAL A 1 25 ? -14.248 0.548   -6.095  1.00 0.00 ?  25 VAL A HG13 1 
ATOM 407  H HG21 . VAL A 1 25 ? -13.463 -1.736  -6.920  1.00 0.00 ?  25 VAL A HG21 1 
ATOM 408  H HG22 . VAL A 1 25 ? -13.904 -2.770  -5.561  1.00 0.00 ?  25 VAL A HG22 1 
ATOM 409  H HG23 . VAL A 1 25 ? -12.208 -2.562  -5.997  1.00 0.00 ?  25 VAL A HG23 1 
ATOM 410  N N    . ILE A 1 26 ? -11.633 1.181   -3.238  1.00 0.00 ?  26 ILE A N    1 
ATOM 411  C CA   . ILE A 1 26 ? -11.682 2.398   -2.433  1.00 0.00 ?  26 ILE A CA   1 
ATOM 412  C C    . ILE A 1 26 ? -10.627 3.404   -2.902  1.00 0.00 ?  26 ILE A C    1 
ATOM 413  O O    . ILE A 1 26 ? -10.948 4.564   -3.160  1.00 0.00 ?  26 ILE A O    1 
ATOM 414  C CB   . ILE A 1 26 ? -11.452 2.057   -0.956  1.00 0.00 ?  26 ILE A CB   1 
ATOM 415  C CG1  . ILE A 1 26 ? -12.645 1.255   -0.427  1.00 0.00 ?  26 ILE A CG1  1 
ATOM 416  C CG2  . ILE A 1 26 ? -11.309 3.347   -0.139  1.00 0.00 ?  26 ILE A CG2  1 
ATOM 417  C CD1  . ILE A 1 26 ? -12.307 0.671   0.948   1.00 0.00 ?  26 ILE A CD1  1 
ATOM 418  H H    . ILE A 1 26 ? -11.519 0.299   -2.825  1.00 0.00 ?  26 ILE A H    1 
ATOM 419  H HA   . ILE A 1 26 ? -12.659 2.846   -2.536  1.00 0.00 ?  26 ILE A HA   1 
ATOM 420  H HB   . ILE A 1 26 ? -10.550 1.470   -0.859  1.00 0.00 ?  26 ILE A HB   1 
ATOM 421  H HG12 . ILE A 1 26 ? -13.503 1.906   -0.342  1.00 0.00 ?  26 ILE A HG12 1 
ATOM 422  H HG13 . ILE A 1 26 ? -12.869 0.453   -1.113  1.00 0.00 ?  26 ILE A HG13 1 
ATOM 423  H HG21 . ILE A 1 26 ? -11.397 3.118   0.913   1.00 0.00 ?  26 ILE A HG21 1 
ATOM 424  H HG22 . ILE A 1 26 ? -12.089 4.039   -0.423  1.00 0.00 ?  26 ILE A HG22 1 
ATOM 425  H HG23 . ILE A 1 26 ? -10.345 3.792   -0.334  1.00 0.00 ?  26 ILE A HG23 1 
ATOM 426  H HD11 . ILE A 1 26 ? -13.220 0.392   1.453   1.00 0.00 ?  26 ILE A HD11 1 
ATOM 427  H HD12 . ILE A 1 26 ? -11.782 1.408   1.537   1.00 0.00 ?  26 ILE A HD12 1 
ATOM 428  H HD13 . ILE A 1 26 ? -11.683 -0.202  0.824   1.00 0.00 ?  26 ILE A HD13 1 
ATOM 429  N N    . ILE A 1 27 ? -9.371  2.973   -2.996  1.00 0.00 ?  27 ILE A N    1 
ATOM 430  C CA   . ILE A 1 27 ? -8.304  3.879   -3.415  1.00 0.00 ?  27 ILE A CA   1 
ATOM 431  C C    . ILE A 1 27 ? -8.400  4.218   -4.903  1.00 0.00 ?  27 ILE A C    1 
ATOM 432  O O    . ILE A 1 27 ? -8.141  5.354   -5.301  1.00 0.00 ?  27 ILE A O    1 
ATOM 433  C CB   . ILE A 1 27 ? -6.939  3.247   -3.120  1.00 0.00 ?  27 ILE A CB   1 
ATOM 434  C CG1  . ILE A 1 27 ? -5.835  4.292   -3.315  1.00 0.00 ?  27 ILE A CG1  1 
ATOM 435  C CG2  . ILE A 1 27 ? -6.700  2.069   -4.067  1.00 0.00 ?  27 ILE A CG2  1 
ATOM 436  C CD1  . ILE A 1 27 ? -4.518  3.747   -2.758  1.00 0.00 ?  27 ILE A CD1  1 
ATOM 437  H H    . ILE A 1 27 ? -9.140  2.058   -2.730  1.00 0.00 ?  27 ILE A H    1 
ATOM 438  H HA   . ILE A 1 27 ? -8.388  4.793   -2.850  1.00 0.00 ?  27 ILE A HA   1 
ATOM 439  H HB   . ILE A 1 27 ? -6.924  2.894   -2.099  1.00 0.00 ?  27 ILE A HB   1 
ATOM 440  H HG12 . ILE A 1 27 ? -5.722  4.503   -4.369  1.00 0.00 ?  27 ILE A HG12 1 
ATOM 441  H HG13 . ILE A 1 27 ? -6.096  5.199   -2.791  1.00 0.00 ?  27 ILE A HG13 1 
ATOM 442  H HG21 . ILE A 1 27 ? -7.600  1.478   -4.136  1.00 0.00 ?  27 ILE A HG21 1 
ATOM 443  H HG22 . ILE A 1 27 ? -5.895  1.458   -3.686  1.00 0.00 ?  27 ILE A HG22 1 
ATOM 444  H HG23 . ILE A 1 27 ? -6.437  2.440   -5.047  1.00 0.00 ?  27 ILE A HG23 1 
ATOM 445  H HD11 . ILE A 1 27 ? -4.216  2.881   -3.328  1.00 0.00 ?  27 ILE A HD11 1 
ATOM 446  H HD12 . ILE A 1 27 ? -4.653  3.470   -1.723  1.00 0.00 ?  27 ILE A HD12 1 
ATOM 447  H HD13 . ILE A 1 27 ? -3.755  4.509   -2.830  1.00 0.00 ?  27 ILE A HD13 1 
ATOM 448  N N    . GLU A 1 28 ? -8.760  3.227   -5.722  1.00 0.00 ?  28 GLU A N    1 
ATOM 449  C CA   . GLU A 1 28 ? -8.872  3.431   -7.173  1.00 0.00 ?  28 GLU A CA   1 
ATOM 450  C C    . GLU A 1 28 ? -10.312 3.209   -7.631  1.00 0.00 ?  28 GLU A C    1 
ATOM 451  O O    . GLU A 1 28 ? -10.958 2.242   -7.233  1.00 0.00 ?  28 GLU A O    1 
ATOM 452  C CB   . GLU A 1 28 ? -7.936  2.461   -7.907  1.00 0.00 ?  28 GLU A CB   1 
ATOM 453  C CG   . GLU A 1 28 ? -7.982  2.718   -9.417  1.00 0.00 ?  28 GLU A CG   1 
ATOM 454  C CD   . GLU A 1 28 ? -7.456  4.116   -9.725  1.00 0.00 ?  28 GLU A CD   1 
ATOM 455  O OE1  . GLU A 1 28 ? -6.753  4.660   -8.889  1.00 0.00 ?  28 GLU A OE1  1 
ATOM 456  O OE2  . GLU A 1 28 ? -7.763  4.622   -10.791 1.00 0.00 -1 28 GLU A OE2  1 
ATOM 457  H H    . GLU A 1 28 ? -8.945  2.341   -5.349  1.00 0.00 ?  28 GLU A H    1 
ATOM 458  H HA   . GLU A 1 28 ? -8.585  4.445   -7.418  1.00 0.00 ?  28 GLU A HA   1 
ATOM 459  H HB2  . GLU A 1 28 ? -6.925  2.603   -7.552  1.00 0.00 ?  28 GLU A HB2  1 
ATOM 460  H HB3  . GLU A 1 28 ? -8.244  1.447   -7.712  1.00 0.00 ?  28 GLU A HB3  1 
ATOM 461  H HG2  . GLU A 1 28 ? -7.369  1.986   -9.919  1.00 0.00 ?  28 GLU A HG2  1 
ATOM 462  H HG3  . GLU A 1 28 ? -8.998  2.632   -9.771  1.00 0.00 ?  28 GLU A HG3  1 
ATOM 463  N N    . TYR A 1 29 ? -10.804 4.119   -8.465  1.00 0.00 ?  29 TYR A N    1 
ATOM 464  C CA   . TYR A 1 29 ? -12.170 4.021   -8.968  1.00 0.00 ?  29 TYR A CA   1 
ATOM 465  C C    . TYR A 1 29 ? -12.281 2.951   -10.052 1.00 0.00 ?  29 TYR A C    1 
ATOM 466  O O    . TYR A 1 29 ? -11.376 2.775   -10.867 1.00 0.00 ?  29 TYR A O    1 
ATOM 467  C CB   . TYR A 1 29 ? -12.613 5.371   -9.535  1.00 0.00 ?  29 TYR A CB   1 
ATOM 468  C CG   . TYR A 1 29 ? -12.768 6.363   -8.408  1.00 0.00 ?  29 TYR A CG   1 
ATOM 469  C CD1  . TYR A 1 29 ? -13.993 6.480   -7.742  1.00 0.00 ?  29 TYR A CD1  1 
ATOM 470  C CD2  . TYR A 1 29 ? -11.686 7.167   -8.028  1.00 0.00 ?  29 TYR A CD2  1 
ATOM 471  C CE1  . TYR A 1 29 ? -14.138 7.399   -6.696  1.00 0.00 ?  29 TYR A CE1  1 
ATOM 472  C CE2  . TYR A 1 29 ? -11.830 8.087   -6.982  1.00 0.00 ?  29 TYR A CE2  1 
ATOM 473  C CZ   . TYR A 1 29 ? -13.056 8.203   -6.317  1.00 0.00 ?  29 TYR A CZ   1 
ATOM 474  O OH   . TYR A 1 29 ? -13.198 9.109   -5.285  1.00 0.00 ?  29 TYR A OH   1 
ATOM 475  H H    . TYR A 1 29 ? -10.243 4.872   -8.743  1.00 0.00 ?  29 TYR A H    1 
ATOM 476  H HA   . TYR A 1 29 ? -12.824 3.759   -8.151  1.00 0.00 ?  29 TYR A HA   1 
ATOM 477  H HB2  . TYR A 1 29 ? -11.870 5.730   -10.233 1.00 0.00 ?  29 TYR A HB2  1 
ATOM 478  H HB3  . TYR A 1 29 ? -13.559 5.255   -10.043 1.00 0.00 ?  29 TYR A HB3  1 
ATOM 479  H HD1  . TYR A 1 29 ? -14.829 5.860   -8.036  1.00 0.00 ?  29 TYR A HD1  1 
ATOM 480  H HD2  . TYR A 1 29 ? -10.740 7.075   -8.542  1.00 0.00 ?  29 TYR A HD2  1 
ATOM 481  H HE1  . TYR A 1 29 ? -15.084 7.490   -6.182  1.00 0.00 ?  29 TYR A HE1  1 
ATOM 482  H HE2  . TYR A 1 29 ? -10.995 8.705   -6.689  1.00 0.00 ?  29 TYR A HE2  1 
ATOM 483  H HH   . TYR A 1 29 ? -12.785 9.932   -5.556  1.00 0.00 ?  29 TYR A HH   1 
ATOM 484  N N    . ARG A 1 30 ? -13.404 2.243   -10.045 1.00 0.00 ?  30 ARG A N    1 
ATOM 485  C CA   . ARG A 1 30 ? -13.658 1.186   -11.019 1.00 0.00 ?  30 ARG A CA   1 
ATOM 486  C C    . ARG A 1 30 ? -13.708 1.743   -12.441 1.00 0.00 ?  30 ARG A C    1 
ATOM 487  O O    . ARG A 1 30 ? -13.266 1.093   -13.387 1.00 0.00 ?  30 ARG A O    1 
ATOM 488  C CB   . ARG A 1 30 ? -14.980 0.485   -10.697 1.00 0.00 ?  30 ARG A CB   1 
ATOM 489  C CG   . ARG A 1 30 ? -15.218 -0.646  -11.700 1.00 0.00 ?  30 ARG A CG   1 
ATOM 490  C CD   . ARG A 1 30 ? -16.436 -1.464  -11.270 1.00 0.00 ?  30 ARG A CD   1 
ATOM 491  N NE   . ARG A 1 30 ? -16.145 -2.187  -10.036 1.00 0.00 ?  30 ARG A NE   1 
ATOM 492  C CZ   . ARG A 1 30 ? -17.076 -2.921  -9.434  1.00 0.00 ?  30 ARG A CZ   1 
ATOM 493  N NH1  . ARG A 1 30 ? -18.276 -3.001  -9.944  1.00 0.00 ?  30 ARG A NH1  1 
ATOM 494  N NH2  . ARG A 1 30 ? -16.792 -3.562  -8.334  1.00 0.00 1  30 ARG A NH2  1 
ATOM 495  H H    . ARG A 1 30 ? -14.084 2.438   -9.366  1.00 0.00 ?  30 ARG A H    1 
ATOM 496  H HA   . ARG A 1 30 ? -12.861 0.461   -10.959 1.00 0.00 ?  30 ARG A HA   1 
ATOM 497  H HB2  . ARG A 1 30 ? -14.936 0.077   -9.698  1.00 0.00 ?  30 ARG A HB2  1 
ATOM 498  H HB3  . ARG A 1 30 ? -15.789 1.196   -10.761 1.00 0.00 ?  30 ARG A HB3  1 
ATOM 499  H HG2  . ARG A 1 30 ? -15.397 -0.227  -12.681 1.00 0.00 ?  30 ARG A HG2  1 
ATOM 500  H HG3  . ARG A 1 30 ? -14.350 -1.286  -11.734 1.00 0.00 ?  30 ARG A HG3  1 
ATOM 501  H HD2  . ARG A 1 30 ? -17.272 -0.804  -11.106 1.00 0.00 ?  30 ARG A HD2  1 
ATOM 502  H HD3  . ARG A 1 30 ? -16.686 -2.169  -12.049 1.00 0.00 ?  30 ARG A HD3  1 
ATOM 503  H HE   . ARG A 1 30 ? -15.249 -2.132  -9.645  1.00 0.00 ?  30 ARG A HE   1 
ATOM 504  H HH11 . ARG A 1 30 ? -18.494 -2.510  -10.786 1.00 0.00 ?  30 ARG A HH11 1 
ATOM 505  H HH12 . ARG A 1 30 ? -18.976 -3.554  -9.491  1.00 0.00 ?  30 ARG A HH12 1 
ATOM 506  H HH21 . ARG A 1 30 ? -15.872 -3.501  -7.944  1.00 0.00 ?  30 ARG A HH21 1 
ATOM 507  H HH22 . ARG A 1 30 ? -17.491 -4.115  -7.881  1.00 0.00 ?  30 ARG A HH22 1 
ATOM 508  N N    . LYS A 1 31 ? -14.276 2.935   -12.586 1.00 0.00 ?  31 LYS A N    1 
ATOM 509  C CA   . LYS A 1 31 ? -14.411 3.554   -13.901 1.00 0.00 ?  31 LYS A CA   1 
ATOM 510  C C    . LYS A 1 31 ? -13.051 3.751   -14.566 1.00 0.00 ?  31 LYS A C    1 
ATOM 511  O O    . LYS A 1 31 ? -12.913 3.546   -15.771 1.00 0.00 ?  31 LYS A O    1 
ATOM 512  C CB   . LYS A 1 31 ? -15.113 4.908   -13.764 1.00 0.00 ?  31 LYS A CB   1 
ATOM 513  C CG   . LYS A 1 31 ? -16.586 4.688   -13.397 1.00 0.00 ?  31 LYS A CG   1 
ATOM 514  C CD   . LYS A 1 31 ? -17.354 6.017   -13.434 1.00 0.00 ?  31 LYS A CD   1 
ATOM 515  C CE   . LYS A 1 31 ? -16.958 6.897   -12.243 1.00 0.00 ?  31 LYS A CE   1 
ATOM 516  N NZ   . LYS A 1 31 ? -17.858 8.082   -12.187 1.00 0.00 1  31 LYS A NZ   1 
ATOM 517  H H    . LYS A 1 31 ? -14.631 3.398   -11.797 1.00 0.00 ?  31 LYS A H    1 
ATOM 518  H HA   . LYS A 1 31 ? -15.014 2.914   -14.527 1.00 0.00 ?  31 LYS A HA   1 
ATOM 519  H HB2  . LYS A 1 31 ? -14.626 5.477   -12.989 1.00 0.00 ?  31 LYS A HB2  1 
ATOM 520  H HB3  . LYS A 1 31 ? -15.052 5.444   -14.699 1.00 0.00 ?  31 LYS A HB3  1 
ATOM 521  H HG2  . LYS A 1 31 ? -17.032 4.000   -14.101 1.00 0.00 ?  31 LYS A HG2  1 
ATOM 522  H HG3  . LYS A 1 31 ? -16.648 4.270   -12.403 1.00 0.00 ?  31 LYS A HG3  1 
ATOM 523  H HD2  . LYS A 1 31 ? -17.124 6.535   -14.354 1.00 0.00 ?  31 LYS A HD2  1 
ATOM 524  H HD3  . LYS A 1 31 ? -18.414 5.817   -13.393 1.00 0.00 ?  31 LYS A HD3  1 
ATOM 525  H HE2  . LYS A 1 31 ? -17.049 6.330   -11.328 1.00 0.00 ?  31 LYS A HE2  1 
ATOM 526  H HE3  . LYS A 1 31 ? -15.939 7.231   -12.361 1.00 0.00 ?  31 LYS A HE3  1 
ATOM 527  H HZ1  . LYS A 1 31 ? -18.805 7.816   -12.525 1.00 0.00 ?  31 LYS A HZ1  1 
ATOM 528  H HZ2  . LYS A 1 31 ? -17.473 8.838   -12.792 1.00 0.00 ?  31 LYS A HZ2  1 
ATOM 529  H HZ3  . LYS A 1 31 ? -17.924 8.422   -11.207 1.00 0.00 ?  31 LYS A HZ3  1 
ATOM 530  N N    . ILE A 1 32 ? -12.044 4.142   -13.784 1.00 0.00 ?  32 ILE A N    1 
ATOM 531  C CA   . ILE A 1 32 ? -10.696 4.352   -14.328 1.00 0.00 ?  32 ILE A CA   1 
ATOM 532  C C    . ILE A 1 32 ? -9.650  3.706   -13.426 1.00 0.00 ?  32 ILE A C    1 
ATOM 533  O O    . ILE A 1 32 ? -9.526  4.053   -12.251 1.00 0.00 ?  32 ILE A O    1 
ATOM 534  C CB   . ILE A 1 32 ? -10.418 5.854   -14.460 1.00 0.00 ?  32 ILE A CB   1 
ATOM 535  C CG1  . ILE A 1 32 ? -9.058  6.061   -15.134 1.00 0.00 ?  32 ILE A CG1  1 
ATOM 536  C CG2  . ILE A 1 32 ? -10.415 6.516   -13.075 1.00 0.00 ?  32 ILE A CG2  1 
ATOM 537  C CD1  . ILE A 1 32 ? -8.913  7.525   -15.553 1.00 0.00 ?  32 ILE A CD1  1 
ATOM 538  H H    . ILE A 1 32 ? -12.206 4.288   -12.828 1.00 0.00 ?  32 ILE A H    1 
ATOM 539  H HA   . ILE A 1 32 ? -10.630 3.901   -15.309 1.00 0.00 ?  32 ILE A HA   1 
ATOM 540  H HB   . ILE A 1 32 ? -11.190 6.306   -15.067 1.00 0.00 ?  32 ILE A HB   1 
ATOM 541  H HG12 . ILE A 1 32 ? -8.270  5.804   -14.440 1.00 0.00 ?  32 ILE A HG12 1 
ATOM 542  H HG13 . ILE A 1 32 ? -8.989  5.430   -16.008 1.00 0.00 ?  32 ILE A HG13 1 
ATOM 543  H HG21 . ILE A 1 32 ? -11.195 6.084   -12.465 1.00 0.00 ?  32 ILE A HG21 1 
ATOM 544  H HG22 . ILE A 1 32 ? -10.593 7.575   -13.184 1.00 0.00 ?  32 ILE A HG22 1 
ATOM 545  H HG23 . ILE A 1 32 ? -9.458  6.362   -12.597 1.00 0.00 ?  32 ILE A HG23 1 
ATOM 546  H HD11 . ILE A 1 32 ? -8.904  8.151   -14.674 1.00 0.00 ?  32 ILE A HD11 1 
ATOM 547  H HD12 . ILE A 1 32 ? -9.743  7.801   -16.186 1.00 0.00 ?  32 ILE A HD12 1 
ATOM 548  H HD13 . ILE A 1 32 ? -7.988  7.654   -16.096 1.00 0.00 ?  32 ILE A HD13 1 
ATOM 549  N N    . LEU A 1 33 ? -8.902  2.757   -13.984 1.00 0.00 ?  33 LEU A N    1 
ATOM 550  C CA   . LEU A 1 33 ? -7.870  2.062   -13.223 1.00 0.00 ?  33 LEU A CA   1 
ATOM 551  C C    . LEU A 1 33 ? -6.739  3.011   -12.839 1.00 0.00 ?  33 LEU A C    1 
ATOM 552  O O    . LEU A 1 33 ? -6.224  2.958   -11.723 1.00 0.00 ?  33 LEU A O    1 
ATOM 553  C CB   . LEU A 1 33 ? -7.300  0.909   -14.055 1.00 0.00 ?  33 LEU A CB   1 
ATOM 554  C CG   . LEU A 1 33 ? -8.351  -0.201  -14.223 1.00 0.00 ?  33 LEU A CG   1 
ATOM 555  C CD1  . LEU A 1 33 ? -7.843  -1.215  -15.252 1.00 0.00 ?  33 LEU A CD1  1 
ATOM 556  C CD2  . LEU A 1 33 ? -8.608  -0.914  -12.877 1.00 0.00 ?  33 LEU A CD2  1 
ATOM 557  H H    . LEU A 1 33 ? -9.052  2.518   -14.923 1.00 0.00 ?  33 LEU A H    1 
ATOM 558  H HA   . LEU A 1 33 ? -8.306  1.661   -12.323 1.00 0.00 ?  33 LEU A HA   1 
ATOM 559  H HB2  . LEU A 1 33 ? -7.016  1.281   -15.029 1.00 0.00 ?  33 LEU A HB2  1 
ATOM 560  H HB3  . LEU A 1 33 ? -6.427  0.506   -13.562 1.00 0.00 ?  33 LEU A HB3  1 
ATOM 561  H HG   . LEU A 1 33 ? -9.272  0.237   -14.581 1.00 0.00 ?  33 LEU A HG   1 
ATOM 562  H HD11 . LEU A 1 33 ? -8.545  -2.032  -15.330 1.00 0.00 ?  33 LEU A HD11 1 
ATOM 563  H HD12 . LEU A 1 33 ? -6.882  -1.595  -14.940 1.00 0.00 ?  33 LEU A HD12 1 
ATOM 564  H HD13 . LEU A 1 33 ? -7.745  -0.733  -16.214 1.00 0.00 ?  33 LEU A HD13 1 
ATOM 565  H HD21 . LEU A 1 33 ? -7.698  -0.950  -12.298 1.00 0.00 ?  33 LEU A HD21 1 
ATOM 566  H HD22 . LEU A 1 33 ? -8.955  -1.922  -13.059 1.00 0.00 ?  33 LEU A HD22 1 
ATOM 567  H HD23 . LEU A 1 33 ? -9.366  -0.379  -12.325 1.00 0.00 ?  33 LEU A HD23 1 
ATOM 568  N N    . ARG A 1 34 ? -6.350  3.876   -13.770 1.00 0.00 ?  34 ARG A N    1 
ATOM 569  C CA   . ARG A 1 34 ? -5.270  4.828   -13.515 1.00 0.00 ?  34 ARG A CA   1 
ATOM 570  C C    . ARG A 1 34 ? -3.951  4.098   -13.221 1.00 0.00 ?  34 ARG A C    1 
ATOM 571  O O    . ARG A 1 34 ? -2.887  4.716   -13.173 1.00 0.00 ?  34 ARG A O    1 
ATOM 572  C CB   . ARG A 1 34 ? -5.645  5.718   -12.324 1.00 0.00 ?  34 ARG A CB   1 
ATOM 573  C CG   . ARG A 1 34 ? -4.813  7.004   -12.339 1.00 0.00 ?  34 ARG A CG   1 
ATOM 574  C CD   . ARG A 1 34 ? -5.015  7.756   -11.023 1.00 0.00 ?  34 ARG A CD   1 
ATOM 575  N NE   . ARG A 1 34 ? -4.393  7.025   -9.925  1.00 0.00 ?  34 ARG A NE   1 
ATOM 576  C CZ   . ARG A 1 34 ? -4.588  7.386   -8.661  1.00 0.00 ?  34 ARG A CZ   1 
ATOM 577  N NH1  . ARG A 1 34 ? -5.346  8.412   -8.384  1.00 0.00 ?  34 ARG A NH1  1 
ATOM 578  N NH2  . ARG A 1 34 ? -4.022  6.715   -7.696  1.00 0.00 1  34 ARG A NH2  1 
ATOM 579  H H    . ARG A 1 34 ? -6.791  3.872   -14.646 1.00 0.00 ?  34 ARG A H    1 
ATOM 580  H HA   . ARG A 1 34 ? -5.140  5.451   -14.388 1.00 0.00 ?  34 ARG A HA   1 
ATOM 581  H HB2  . ARG A 1 34 ? -6.693  5.973   -12.387 1.00 0.00 ?  34 ARG A HB2  1 
ATOM 582  H HB3  . ARG A 1 34 ? -5.462  5.185   -11.402 1.00 0.00 ?  34 ARG A HB3  1 
ATOM 583  H HG2  . ARG A 1 34 ? -3.769  6.759   -12.458 1.00 0.00 ?  34 ARG A HG2  1 
ATOM 584  H HG3  . ARG A 1 34 ? -5.132  7.629   -13.159 1.00 0.00 ?  34 ARG A HG3  1 
ATOM 585  H HD2  . ARG A 1 34 ? -4.565  8.736   -11.098 1.00 0.00 ?  34 ARG A HD2  1 
ATOM 586  H HD3  . ARG A 1 34 ? -6.072  7.863   -10.832 1.00 0.00 ?  34 ARG A HD3  1 
ATOM 587  H HE   . ARG A 1 34 ? -3.822  6.254   -10.123 1.00 0.00 ?  34 ARG A HE   1 
ATOM 588  H HH11 . ARG A 1 34 ? -5.779  8.927   -9.123  1.00 0.00 ?  34 ARG A HH11 1 
ATOM 589  H HH12 . ARG A 1 34 ? -5.492  8.683   -7.433  1.00 0.00 ?  34 ARG A HH12 1 
ATOM 590  H HH21 . ARG A 1 34 ? -3.442  5.927   -7.909  1.00 0.00 ?  34 ARG A HH21 1 
ATOM 591  H HH22 . ARG A 1 34 ? -4.169  6.985   -6.744  1.00 0.00 ?  34 ARG A HH22 1 
ATOM 592  N N    . GLN A 1 35 ? -4.030  2.784   -13.022 1.00 0.00 ?  35 GLN A N    1 
ATOM 593  C CA   . GLN A 1 35 ? -2.850  1.977   -12.725 1.00 0.00 ?  35 GLN A CA   1 
ATOM 594  C C    . GLN A 1 35 ? -1.856  1.973   -13.882 1.00 0.00 ?  35 GLN A C    1 
ATOM 595  O O    . GLN A 1 35 ? -0.645  1.966   -13.668 1.00 0.00 ?  35 GLN A O    1 
ATOM 596  C CB   . GLN A 1 35 ? -3.269  0.538   -12.415 1.00 0.00 ?  35 GLN A CB   1 
ATOM 597  C CG   . GLN A 1 35 ? -3.992  0.492   -11.069 1.00 0.00 ?  35 GLN A CG   1 
ATOM 598  C CD   . GLN A 1 35 ? -4.595  -0.891  -10.848 1.00 0.00 ?  35 GLN A CD   1 
ATOM 599  O OE1  . GLN A 1 35 ? -4.946  -1.578  -11.807 1.00 0.00 ?  35 GLN A OE1  1 
ATOM 600  N NE2  . GLN A 1 35 ? -4.736  -1.344  -9.631  1.00 0.00 ?  35 GLN A NE2  1 
ATOM 601  H H    . GLN A 1 35 ? -4.897  2.342   -13.063 1.00 0.00 ?  35 GLN A H    1 
ATOM 602  H HA   . GLN A 1 35 ? -2.364  2.384   -11.852 1.00 0.00 ?  35 GLN A HA   1 
ATOM 603  H HB2  . GLN A 1 35 ? -3.929  0.181   -13.193 1.00 0.00 ?  35 GLN A HB2  1 
ATOM 604  H HB3  . GLN A 1 35 ? -2.392  -0.092  -12.372 1.00 0.00 ?  35 GLN A HB3  1 
ATOM 605  H HG2  . GLN A 1 35 ? -3.290  0.708   -10.276 1.00 0.00 ?  35 GLN A HG2  1 
ATOM 606  H HG3  . GLN A 1 35 ? -4.781  1.229   -11.060 1.00 0.00 ?  35 GLN A HG3  1 
ATOM 607  H HE21 . GLN A 1 35 ? -4.457  -0.796  -8.868  1.00 0.00 ?  35 GLN A HE21 1 
ATOM 608  H HE22 . GLN A 1 35 ? -5.123  -2.233  -9.481  1.00 0.00 ?  35 GLN A HE22 1 
ATOM 609  N N    . ARG A 1 36 ? -2.365  1.945   -15.107 1.00 0.00 ?  36 ARG A N    1 
ATOM 610  C CA   . ARG A 1 36 ? -1.492  1.900   -16.275 1.00 0.00 ?  36 ARG A CA   1 
ATOM 611  C C    . ARG A 1 36 ? -0.572  3.119   -16.318 1.00 0.00 ?  36 ARG A C    1 
ATOM 612  O O    . ARG A 1 36 ? 0.554   3.034   -16.804 1.00 0.00 ?  36 ARG A O    1 
ATOM 613  C CB   . ARG A 1 36 ? -2.316  1.803   -17.559 1.00 0.00 ?  36 ARG A CB   1 
ATOM 614  C CG   . ARG A 1 36 ? -2.992  0.433   -17.629 1.00 0.00 ?  36 ARG A CG   1 
ATOM 615  C CD   . ARG A 1 36 ? -3.987  0.410   -18.791 1.00 0.00 ?  36 ARG A CD   1 
ATOM 616  N NE   . ARG A 1 36 ? -5.101  1.311   -18.517 1.00 0.00 ?  36 ARG A NE   1 
ATOM 617  C CZ   . ARG A 1 36 ? -6.068  1.503   -19.409 1.00 0.00 ?  36 ARG A CZ   1 
ATOM 618  N NH1  . ARG A 1 36 ? -6.033  0.875   -20.552 1.00 0.00 ?  36 ARG A NH1  1 
ATOM 619  N NH2  . ARG A 1 36 ? -7.052  2.315   -19.140 1.00 0.00 1  36 ARG A NH2  1 
ATOM 620  H H    . ARG A 1 36 ? -3.337  1.925   -15.227 1.00 0.00 ?  36 ARG A H    1 
ATOM 621  H HA   . ARG A 1 36 ? -0.877  1.019   -16.175 1.00 0.00 ?  36 ARG A HA   1 
ATOM 622  H HB2  . ARG A 1 36 ? -3.070  2.578   -17.563 1.00 0.00 ?  36 ARG A HB2  1 
ATOM 623  H HB3  . ARG A 1 36 ? -1.669  1.926   -18.415 1.00 0.00 ?  36 ARG A HB3  1 
ATOM 624  H HG2  . ARG A 1 36 ? -2.242  -0.331  -17.782 1.00 0.00 ?  36 ARG A HG2  1 
ATOM 625  H HG3  . ARG A 1 36 ? -3.517  0.243   -16.705 1.00 0.00 ?  36 ARG A HG3  1 
ATOM 626  H HD2  . ARG A 1 36 ? -3.489  0.723   -19.694 1.00 0.00 ?  36 ARG A HD2  1 
ATOM 627  H HD3  . ARG A 1 36 ? -4.363  -0.595  -18.919 1.00 0.00 ?  36 ARG A HD3  1 
ATOM 628  H HE   . ARG A 1 36 ? -5.135  1.788   -17.661 1.00 0.00 ?  36 ARG A HE   1 
ATOM 629  H HH11 . ARG A 1 36 ? -5.279  0.251   -20.759 1.00 0.00 ?  36 ARG A HH11 1 
ATOM 630  H HH12 . ARG A 1 36 ? -6.760  1.017   -21.224 1.00 0.00 ?  36 ARG A HH12 1 
ATOM 631  H HH21 . ARG A 1 36 ? -7.078  2.795   -18.263 1.00 0.00 ?  36 ARG A HH21 1 
ATOM 632  H HH22 . ARG A 1 36 ? -7.780  2.458   -19.810 1.00 0.00 ?  36 ARG A HH22 1 
ATOM 633  N N    . LYS A 1 37 ? -1.041  4.248   -15.802 1.00 0.00 ?  37 LYS A N    1 
ATOM 634  C CA   . LYS A 1 37 ? -0.216  5.453   -15.791 1.00 0.00 ?  37 LYS A CA   1 
ATOM 635  C C    . LYS A 1 37 ? 1.062   5.195   -14.992 1.00 0.00 ?  37 LYS A C    1 
ATOM 636  O O    . LYS A 1 37 ? 2.143   5.642   -15.370 1.00 0.00 ?  37 LYS A O    1 
ATOM 637  C CB   . LYS A 1 37 ? -0.988  6.619   -15.173 1.00 0.00 ?  37 LYS A CB   1 
ATOM 638  C CG   . LYS A 1 37 ? -2.111  7.048   -16.119 1.00 0.00 ?  37 LYS A CG   1 
ATOM 639  C CD   . LYS A 1 37 ? -2.874  8.224   -15.506 1.00 0.00 ?  37 LYS A CD   1 
ATOM 640  C CE   . LYS A 1 37 ? -4.014  8.633   -16.440 1.00 0.00 ?  37 LYS A CE   1 
ATOM 641  N NZ   . LYS A 1 37 ? -3.450  9.102   -17.737 1.00 0.00 1  37 LYS A NZ   1 
ATOM 642  H H    . LYS A 1 37 ? -1.940  4.269   -15.412 1.00 0.00 ?  37 LYS A H    1 
ATOM 643  H HA   . LYS A 1 37 ? 0.049   5.705   -16.806 1.00 0.00 ?  37 LYS A HA   1 
ATOM 644  H HB2  . LYS A 1 37 ? -1.410  6.310   -14.227 1.00 0.00 ?  37 LYS A HB2  1 
ATOM 645  H HB3  . LYS A 1 37 ? -0.317  7.450   -15.013 1.00 0.00 ?  37 LYS A HB3  1 
ATOM 646  H HG2  . LYS A 1 37 ? -1.688  7.345   -17.067 1.00 0.00 ?  37 LYS A HG2  1 
ATOM 647  H HG3  . LYS A 1 37 ? -2.788  6.221   -16.271 1.00 0.00 ?  37 LYS A HG3  1 
ATOM 648  H HD2  . LYS A 1 37 ? -3.277  7.930   -14.549 1.00 0.00 ?  37 LYS A HD2  1 
ATOM 649  H HD3  . LYS A 1 37 ? -2.202  9.058   -15.373 1.00 0.00 ?  37 LYS A HD3  1 
ATOM 650  H HE2  . LYS A 1 37 ? -4.661  7.787   -16.612 1.00 0.00 ?  37 LYS A HE2  1 
ATOM 651  H HE3  . LYS A 1 37 ? -4.581  9.432   -15.984 1.00 0.00 ?  37 LYS A HE3  1 
ATOM 652  H HZ1  . LYS A 1 37 ? -3.979  9.934   -18.066 1.00 0.00 ?  37 LYS A HZ1  1 
ATOM 653  H HZ2  . LYS A 1 37 ? -3.528  8.340   -18.443 1.00 0.00 ?  37 LYS A HZ2  1 
ATOM 654  H HZ3  . LYS A 1 37 ? -2.451  9.357   -17.610 1.00 0.00 ?  37 LYS A HZ3  1 
ATOM 655  N N    . ILE A 1 38 ? 0.928   4.456   -13.894 1.00 0.00 ?  38 ILE A N    1 
ATOM 656  C CA   . ILE A 1 38 ? 2.076   4.120   -13.054 1.00 0.00 ?  38 ILE A CA   1 
ATOM 657  C C    . ILE A 1 38 ? 3.080   3.281   -13.846 1.00 0.00 ?  38 ILE A C    1 
ATOM 658  O O    . ILE A 1 38 ? 4.291   3.446   -13.709 1.00 0.00 ?  38 ILE A O    1 
ATOM 659  C CB   . ILE A 1 38 ? 1.612   3.349   -11.813 1.00 0.00 ?  38 ILE A CB   1 
ATOM 660  C CG1  . ILE A 1 38 ? 0.790   4.278   -10.917 1.00 0.00 ?  38 ILE A CG1  1 
ATOM 661  C CG2  . ILE A 1 38 ? 2.831   2.847   -11.032 1.00 0.00 ?  38 ILE A CG2  1 
ATOM 662  C CD1  . ILE A 1 38 ? 0.096   3.458   -9.828  1.00 0.00 ?  38 ILE A CD1  1 
ATOM 663  H H    . ILE A 1 38 ? 0.041   4.119   -13.652 1.00 0.00 ?  38 ILE A H    1 
ATOM 664  H HA   . ILE A 1 38 ? 2.561   5.032   -12.733 1.00 0.00 ?  38 ILE A HA   1 
ATOM 665  H HB   . ILE A 1 38 ? 1.009   2.508   -12.115 1.00 0.00 ?  38 ILE A HB   1 
ATOM 666  H HG12 . ILE A 1 38 ? 1.444   5.006   -10.458 1.00 0.00 ?  38 ILE A HG12 1 
ATOM 667  H HG13 . ILE A 1 38 ? 0.045   4.786   -11.511 1.00 0.00 ?  38 ILE A HG13 1 
ATOM 668  H HG21 . ILE A 1 38 ? 3.287   2.027   -11.565 1.00 0.00 ?  38 ILE A HG21 1 
ATOM 669  H HG22 . ILE A 1 38 ? 2.517   2.510   -10.054 1.00 0.00 ?  38 ILE A HG22 1 
ATOM 670  H HG23 . ILE A 1 38 ? 3.544   3.649   -10.925 1.00 0.00 ?  38 ILE A HG23 1 
ATOM 671  H HD11 . ILE A 1 38 ? 0.840   2.994   -9.198  1.00 0.00 ?  38 ILE A HD11 1 
ATOM 672  H HD12 . ILE A 1 38 ? -0.514  2.693   -10.287 1.00 0.00 ?  38 ILE A HD12 1 
ATOM 673  H HD13 . ILE A 1 38 ? -0.528  4.106   -9.231  1.00 0.00 ?  38 ILE A HD13 1 
ATOM 674  N N    . ASP A 1 39 ? 2.558   2.370   -14.662 1.00 0.00 ?  39 ASP A N    1 
ATOM 675  C CA   . ASP A 1 39 ? 3.400   1.487   -15.468 1.00 0.00 ?  39 ASP A CA   1 
ATOM 676  C C    . ASP A 1 39 ? 4.253   2.287   -16.451 1.00 0.00 ?  39 ASP A C    1 
ATOM 677  O O    . ASP A 1 39 ? 5.226   1.771   -16.998 1.00 0.00 ?  39 ASP A O    1 
ATOM 678  C CB   . ASP A 1 39 ? 2.531   0.488   -16.237 1.00 0.00 ?  39 ASP A CB   1 
ATOM 679  C CG   . ASP A 1 39 ? 1.938   -0.536  -15.276 1.00 0.00 ?  39 ASP A CG   1 
ATOM 680  O OD1  . ASP A 1 39 ? 2.396   -0.596  -14.147 1.00 0.00 ?  39 ASP A OD1  1 
ATOM 681  O OD2  . ASP A 1 39 ? 1.033   -1.246  -15.683 1.00 0.00 -1 39 ASP A OD2  1 
ATOM 682  H H    . ASP A 1 39 ? 1.585   2.283   -14.718 1.00 0.00 ?  39 ASP A H    1 
ATOM 683  H HA   . ASP A 1 39 ? 4.055   0.939   -14.810 1.00 0.00 ?  39 ASP A HA   1 
ATOM 684  H HB2  . ASP A 1 39 ? 1.734   1.014   -16.737 1.00 0.00 ?  39 ASP A HB2  1 
ATOM 685  H HB3  . ASP A 1 39 ? 3.138   -0.022  -16.970 1.00 0.00 ?  39 ASP A HB3  1 
ATOM 686  N N    . ARG A 1 40 ? 3.898   3.552   -16.658 1.00 0.00 ?  40 ARG A N    1 
ATOM 687  C CA   . ARG A 1 40 ? 4.666   4.404   -17.567 1.00 0.00 ?  40 ARG A CA   1 
ATOM 688  C C    . ARG A 1 40 ? 5.869   4.978   -16.824 1.00 0.00 ?  40 ARG A C    1 
ATOM 689  O O    . ARG A 1 40 ? 6.783   5.539   -17.427 1.00 0.00 ?  40 ARG A O    1 
ATOM 690  C CB   . ARG A 1 40 ? 3.792   5.543   -18.098 1.00 0.00 ?  40 ARG A CB   1 
ATOM 691  C CG   . ARG A 1 40 ? 2.624   4.962   -18.895 1.00 0.00 ?  40 ARG A CG   1 
ATOM 692  C CD   . ARG A 1 40 ? 1.769   6.101   -19.452 1.00 0.00 ?  40 ARG A CD   1 
ATOM 693  N NE   . ARG A 1 40 ? 2.520   6.855   -20.450 1.00 0.00 ?  40 ARG A NE   1 
ATOM 694  C CZ   . ARG A 1 40 ? 2.626   6.422   -21.702 1.00 0.00 ?  40 ARG A CZ   1 
ATOM 695  N NH1  . ARG A 1 40 ? 2.052   5.304   -22.057 1.00 0.00 ?  40 ARG A NH1  1 
ATOM 696  N NH2  . ARG A 1 40 ? 3.304   7.114   -22.576 1.00 0.00 1  40 ARG A NH2  1 
ATOM 697  H H    . ARG A 1 40 ? 3.129   3.917   -16.169 1.00 0.00 ?  40 ARG A H    1 
ATOM 698  H HA   . ARG A 1 40 ? 5.016   3.810   -18.400 1.00 0.00 ?  40 ARG A HA   1 
ATOM 699  H HB2  . ARG A 1 40 ? 3.414   6.124   -17.270 1.00 0.00 ?  40 ARG A HB2  1 
ATOM 700  H HB3  . ARG A 1 40 ? 4.383   6.179   -18.740 1.00 0.00 ?  40 ARG A HB3  1 
ATOM 701  H HG2  . ARG A 1 40 ? 3.007   4.366   -19.711 1.00 0.00 ?  40 ARG A HG2  1 
ATOM 702  H HG3  . ARG A 1 40 ? 2.019   4.342   -18.250 1.00 0.00 ?  40 ARG A HG3  1 
ATOM 703  H HD2  . ARG A 1 40 ? 0.880   5.692   -19.909 1.00 0.00 ?  40 ARG A HD2  1 
ATOM 704  H HD3  . ARG A 1 40 ? 1.482   6.759   -18.644 1.00 0.00 ?  40 ARG A HD3  1 
ATOM 705  H HE   . ARG A 1 40 ? 2.954   7.694   -20.192 1.00 0.00 ?  40 ARG A HE   1 
ATOM 706  H HH11 . ARG A 1 40 ? 1.532   4.774   -21.388 1.00 0.00 ?  40 ARG A HH11 1 
ATOM 707  H HH12 . ARG A 1 40 ? 2.132   4.980   -23.000 1.00 0.00 ?  40 ARG A HH12 1 
ATOM 708  H HH21 . ARG A 1 40 ? 3.744   7.970   -22.305 1.00 0.00 ?  40 ARG A HH21 1 
ATOM 709  H HH22 . ARG A 1 40 ? 3.383   6.789   -23.519 1.00 0.00 ?  40 ARG A HH22 1 
ATOM 710  N N    . LEU A 1 41 ? 5.855   4.822   -15.514 1.00 0.00 ?  41 LEU A N    1 
ATOM 711  C CA   . LEU A 1 41 ? 6.948   5.284   -14.664 1.00 0.00 ?  41 LEU A CA   1 
ATOM 712  C C    . LEU A 1 41 ? 8.277   4.773   -15.165 1.00 0.00 ?  41 LEU A C    1 
ATOM 713  O O    . LEU A 1 41 ? 9.292   5.464   -15.117 1.00 0.00 ?  41 LEU A O    1 
ATOM 714  C CB   . LEU A 1 41 ? 6.709   4.857   -13.187 1.00 0.00 ?  41 LEU A CB   1 
ATOM 715  C CG   . LEU A 1 41 ? 5.562   5.549   -12.402 1.00 0.00 ?  41 LEU A CG   1 
ATOM 716  C CD1  . LEU A 1 41 ? 5.378   4.877   -11.034 1.00 0.00 ?  41 LEU A CD1  1 
ATOM 717  C CD2  . LEU A 1 41 ? 5.797   7.057   -12.213 1.00 0.00 ?  41 LEU A CD2  1 
ATOM 718  H H    . LEU A 1 41 ? 5.079   4.375   -15.094 1.00 0.00 ?  41 LEU A H    1 
ATOM 719  H HA   . LEU A 1 41 ? 6.997   6.386   -14.726 1.00 0.00 ?  41 LEU A HA   1 
ATOM 720  H HB2  . LEU A 1 41 ? 6.535   3.762   -13.158 1.00 0.00 ?  41 LEU A HB2  1 
ATOM 721  H HB3  . LEU A 1 41 ? 7.652   5.002   -12.624 1.00 0.00 ?  41 LEU A HB3  1 
ATOM 722  H HG   . LEU A 1 41 ? 4.621   5.414   -12.977 1.00 0.00 ?  41 LEU A HG   1 
ATOM 723  H HD11 . LEU A 1 41 ? 5.165   3.796   -11.132 1.00 0.00 ?  41 LEU A HD11 1 
ATOM 724  H HD12 . LEU A 1 41 ? 6.276   4.975   -10.395 1.00 0.00 ?  41 LEU A HD12 1 
ATOM 725  H HD13 . LEU A 1 41 ? 4.532   5.317   -10.476 1.00 0.00 ?  41 LEU A HD13 1 
ATOM 726  H HD21 . LEU A 1 41 ? 4.996   7.528   -11.614 1.00 0.00 ?  41 LEU A HD21 1 
ATOM 727  H HD22 . LEU A 1 41 ? 6.759   7.271   -11.713 1.00 0.00 ?  41 LEU A HD22 1 
ATOM 728  H HD23 . LEU A 1 41 ? 5.805   7.587   -13.183 1.00 0.00 ?  41 LEU A HD23 1 
ATOM 729  N N    . ILE A 1 42 ? 8.278   3.516   -15.606 1.00 0.00 ?  42 ILE A N    1 
ATOM 730  C CA   . ILE A 1 42 ? 9.498   2.884   -16.096 1.00 0.00 ?  42 ILE A CA   1 
ATOM 731  C C    . ILE A 1 42 ? 10.062  3.648   -17.293 1.00 0.00 ?  42 ILE A C    1 
ATOM 732  O O    . ILE A 1 42 ? 11.270  3.864   -17.386 1.00 0.00 ?  42 ILE A O    1 
ATOM 733  C CB   . ILE A 1 42 ? 9.204   1.433   -16.494 1.00 0.00 ?  42 ILE A CB   1 
ATOM 734  C CG1  . ILE A 1 42 ? 8.884   0.620   -15.237 1.00 0.00 ?  42 ILE A CG1  1 
ATOM 735  C CG2  . ILE A 1 42 ? 10.428  0.825   -17.188 1.00 0.00 ?  42 ILE A CG2  1 
ATOM 736  C CD1  . ILE A 1 42 ? 8.318   -0.744  -15.640 1.00 0.00 ?  42 ILE A CD1  1 
ATOM 737  H H    . ILE A 1 42 ? 7.444   3.001   -15.597 1.00 0.00 ?  42 ILE A H    1 
ATOM 738  H HA   . ILE A 1 42 ? 10.232  2.883   -15.305 1.00 0.00 ?  42 ILE A HA   1 
ATOM 739  H HB   . ILE A 1 42 ? 8.359   1.409   -17.167 1.00 0.00 ?  42 ILE A HB   1 
ATOM 740  H HG12 . ILE A 1 42 ? 9.786   0.479   -14.661 1.00 0.00 ?  42 ILE A HG12 1 
ATOM 741  H HG13 . ILE A 1 42 ? 8.154   1.149   -14.643 1.00 0.00 ?  42 ILE A HG13 1 
ATOM 742  H HG21 . ILE A 1 42 ? 10.515  1.234   -18.185 1.00 0.00 ?  42 ILE A HG21 1 
ATOM 743  H HG22 . ILE A 1 42 ? 10.313  -0.246  -17.249 1.00 0.00 ?  42 ILE A HG22 1 
ATOM 744  H HG23 . ILE A 1 42 ? 11.317  1.061   -16.622 1.00 0.00 ?  42 ILE A HG23 1 
ATOM 745  H HD11 . ILE A 1 42 ? 7.372   -0.607  -16.141 1.00 0.00 ?  42 ILE A HD11 1 
ATOM 746  H HD12 . ILE A 1 42 ? 8.174   -1.349  -14.756 1.00 0.00 ?  42 ILE A HD12 1 
ATOM 747  H HD13 . ILE A 1 42 ? 9.011   -1.238  -16.306 1.00 0.00 ?  42 ILE A HD13 1 
ATOM 748  N N    . ASP A 1 43 ? 9.186   4.048   -18.208 1.00 0.00 ?  43 ASP A N    1 
ATOM 749  C CA   . ASP A 1 43 ? 9.619   4.777   -19.397 1.00 0.00 ?  43 ASP A CA   1 
ATOM 750  C C    . ASP A 1 43 ? 10.311  6.081   -19.009 1.00 0.00 ?  43 ASP A C    1 
ATOM 751  O O    . ASP A 1 43 ? 11.311  6.466   -19.617 1.00 0.00 ?  43 ASP A O    1 
ATOM 752  C CB   . ASP A 1 43 ? 8.419   5.077   -20.296 1.00 0.00 ?  43 ASP A CB   1 
ATOM 753  C CG   . ASP A 1 43 ? 8.886   5.750   -21.581 1.00 0.00 ?  43 ASP A CG   1 
ATOM 754  O OD1  . ASP A 1 43 ? 10.056  6.087   -21.659 1.00 0.00 -1 43 ASP A OD1  1 
ATOM 755  O OD2  . ASP A 1 43 ? 8.066   5.918   -22.470 1.00 0.00 ?  43 ASP A OD2  1 
ATOM 756  H H    . ASP A 1 43 ? 8.234   3.847   -18.091 1.00 0.00 ?  43 ASP A H    1 
ATOM 757  H HA   . ASP A 1 43 ? 10.318  4.160   -19.940 1.00 0.00 ?  43 ASP A HA   1 
ATOM 758  H HB2  . ASP A 1 43 ? 7.911   4.154   -20.537 1.00 0.00 ?  43 ASP A HB2  1 
ATOM 759  H HB3  . ASP A 1 43 ? 7.737   5.734   -19.775 1.00 0.00 ?  43 ASP A HB3  1 
ATOM 760  N N    . ARG A 1 44 ? 9.779   6.756   -17.996 1.00 0.00 ?  44 ARG A N    1 
ATOM 761  C CA   . ARG A 1 44 ? 10.364  8.014   -17.543 1.00 0.00 ?  44 ARG A CA   1 
ATOM 762  C C    . ARG A 1 44 ? 11.783  7.797   -17.021 1.00 0.00 ?  44 ARG A C    1 
ATOM 763  O O    . ARG A 1 44 ? 12.656  8.633   -17.249 1.00 0.00 ?  44 ARG A O    1 
ATOM 764  C CB   . ARG A 1 44 ? 9.497   8.664   -16.463 1.00 0.00 ?  44 ARG A CB   1 
ATOM 765  C CG   . ARG A 1 44 ? 8.202   9.182   -17.092 1.00 0.00 ?  44 ARG A CG   1 
ATOM 766  C CD   . ARG A 1 44 ? 7.413   9.978   -16.051 1.00 0.00 ?  44 ARG A CD   1 
ATOM 767  N NE   . ARG A 1 44 ? 6.953   9.100   -14.984 1.00 0.00 ?  44 ARG A NE   1 
ATOM 768  C CZ   . ARG A 1 44 ? 6.380   9.591   -13.889 1.00 0.00 ?  44 ARG A CZ   1 
ATOM 769  N NH1  . ARG A 1 44 ? 6.223   10.879  -13.758 1.00 0.00 ?  44 ARG A NH1  1 
ATOM 770  N NH2  . ARG A 1 44 ? 5.978   8.784   -12.946 1.00 0.00 1  44 ARG A NH2  1 
ATOM 771  H H    . ARG A 1 44 ? 8.987   6.402   -17.543 1.00 0.00 ?  44 ARG A H    1 
ATOM 772  H HA   . ARG A 1 44 ? 10.447  8.687   -18.383 1.00 0.00 ?  44 ARG A HA   1 
ATOM 773  H HB2  . ARG A 1 44 ? 9.262   7.932   -15.703 1.00 0.00 ?  44 ARG A HB2  1 
ATOM 774  H HB3  . ARG A 1 44 ? 10.033  9.487   -16.018 1.00 0.00 ?  44 ARG A HB3  1 
ATOM 775  H HG2  . ARG A 1 44 ? 8.440   9.820   -17.931 1.00 0.00 ?  44 ARG A HG2  1 
ATOM 776  H HG3  . ARG A 1 44 ? 7.607   8.348   -17.431 1.00 0.00 ?  44 ARG A HG3  1 
ATOM 777  H HD2  . ARG A 1 44 ? 8.045   10.746  -15.633 1.00 0.00 ?  44 ARG A HD2  1 
ATOM 778  H HD3  . ARG A 1 44 ? 6.560   10.442  -16.529 1.00 0.00 ?  44 ARG A HD3  1 
ATOM 779  H HE   . ARG A 1 44 ? 7.069   8.132   -15.073 1.00 0.00 ?  44 ARG A HE   1 
ATOM 780  H HH11 . ARG A 1 44 ? 6.533   11.498  -14.480 1.00 0.00 ?  44 ARG A HH11 1 
ATOM 781  H HH12 . ARG A 1 44 ? 5.792   11.249  -12.934 1.00 0.00 ?  44 ARG A HH12 1 
ATOM 782  H HH21 . ARG A 1 44 ? 6.099   7.796   -13.047 1.00 0.00 ?  44 ARG A HH21 1 
ATOM 783  H HH22 . ARG A 1 44 ? 5.548   9.154   -12.122 1.00 0.00 ?  44 ARG A HH22 1 
ATOM 784  N N    . LEU A 1 45 ? 12.031  6.682   -16.342 1.00 0.00 ?  45 LEU A N    1 
ATOM 785  C CA   . LEU A 1 45 ? 13.379  6.433   -15.842 1.00 0.00 ?  45 LEU A CA   1 
ATOM 786  C C    . LEU A 1 45 ? 14.335  6.390   -17.030 1.00 0.00 ?  45 LEU A C    1 
ATOM 787  O O    . LEU A 1 45 ? 15.411  6.986   -17.003 1.00 0.00 ?  45 LEU A O    1 
ATOM 788  C CB   . LEU A 1 45 ? 13.429  5.098   -15.090 1.00 0.00 ?  45 LEU A CB   1 
ATOM 789  C CG   . LEU A 1 45 ? 12.645  5.200   -13.773 1.00 0.00 ?  45 LEU A CG   1 
ATOM 790  C CD1  . LEU A 1 45 ? 12.517  3.802   -13.159 1.00 0.00 ?  45 LEU A CD1  1 
ATOM 791  C CD2  . LEU A 1 45 ? 13.368  6.137   -12.782 1.00 0.00 ?  45 LEU A CD2  1 
ATOM 792  H H    . LEU A 1 45 ? 11.316  6.030   -16.190 1.00 0.00 ?  45 LEU A H    1 
ATOM 793  H HA   . LEU A 1 45 ? 13.672  7.232   -15.180 1.00 0.00 ?  45 LEU A HA   1 
ATOM 794  H HB2  . LEU A 1 45 ? 12.991  4.327   -15.707 1.00 0.00 ?  45 LEU A HB2  1 
ATOM 795  H HB3  . LEU A 1 45 ? 14.457  4.843   -14.879 1.00 0.00 ?  45 LEU A HB3  1 
ATOM 796  H HG   . LEU A 1 45 ? 11.657  5.588   -13.979 1.00 0.00 ?  45 LEU A HG   1 
ATOM 797  H HD11 . LEU A 1 45 ? 11.873  3.845   -12.294 1.00 0.00 ?  45 LEU A HD11 1 
ATOM 798  H HD12 . LEU A 1 45 ? 13.494  3.449   -12.863 1.00 0.00 ?  45 LEU A HD12 1 
ATOM 799  H HD13 . LEU A 1 45 ? 12.096  3.126   -13.889 1.00 0.00 ?  45 LEU A HD13 1 
ATOM 800  H HD21 . LEU A 1 45 ? 13.107  5.867   -11.767 1.00 0.00 ?  45 LEU A HD21 1 
ATOM 801  H HD22 . LEU A 1 45 ? 13.065  7.157   -12.962 1.00 0.00 ?  45 LEU A HD22 1 
ATOM 802  H HD23 . LEU A 1 45 ? 14.438  6.054   -12.909 1.00 0.00 ?  45 LEU A HD23 1 
ATOM 803  N N    . ILE A 1 46 ? 13.911  5.698   -18.080 1.00 0.00 ?  46 ILE A N    1 
ATOM 804  C CA   . ILE A 1 46 ? 14.703  5.592   -19.300 1.00 0.00 ?  46 ILE A CA   1 
ATOM 805  C C    . ILE A 1 46 ? 14.906  6.976   -19.914 1.00 0.00 ?  46 ILE A C    1 
ATOM 806  O O    . ILE A 1 46 ? 16.011  7.318   -20.338 1.00 0.00 ?  46 ILE A O    1 
ATOM 807  C CB   . ILE A 1 46 ? 13.991  4.677   -20.303 1.00 0.00 ?  46 ILE A CB   1 
ATOM 808  C CG1  . ILE A 1 46 ? 14.002  3.241   -19.771 1.00 0.00 ?  46 ILE A CG1  1 
ATOM 809  C CG2  . ILE A 1 46 ? 14.720  4.719   -21.650 1.00 0.00 ?  46 ILE A CG2  1 
ATOM 810  C CD1  . ILE A 1 46 ? 13.060  2.376   -20.613 1.00 0.00 ?  46 ILE A CD1  1 
ATOM 811  H H    . ILE A 1 46 ? 13.041  5.248   -18.030 1.00 0.00 ?  46 ILE A H    1 
ATOM 812  H HA   . ILE A 1 46 ? 15.674  5.177   -19.078 1.00 0.00 ?  46 ILE A HA   1 
ATOM 813  H HB   . ILE A 1 46 ? 12.972  5.007   -20.434 1.00 0.00 ?  46 ILE A HB   1 
ATOM 814  H HG12 . ILE A 1 46 ? 15.004  2.843   -19.828 1.00 0.00 ?  46 ILE A HG12 1 
ATOM 815  H HG13 . ILE A 1 46 ? 13.669  3.235   -18.744 1.00 0.00 ?  46 ILE A HG13 1 
ATOM 816  H HG21 . ILE A 1 46 ? 14.516  5.661   -22.139 1.00 0.00 ?  46 ILE A HG21 1 
ATOM 817  H HG22 . ILE A 1 46 ? 14.373  3.909   -22.273 1.00 0.00 ?  46 ILE A HG22 1 
ATOM 818  H HG23 . ILE A 1 46 ? 15.783  4.621   -21.488 1.00 0.00 ?  46 ILE A HG23 1 
ATOM 819  H HD11 . ILE A 1 46 ? 13.253  1.333   -20.411 1.00 0.00 ?  46 ILE A HD11 1 
ATOM 820  H HD12 . ILE A 1 46 ? 13.229  2.576   -21.661 1.00 0.00 ?  46 ILE A HD12 1 
ATOM 821  H HD13 . ILE A 1 46 ? 12.037  2.608   -20.363 1.00 0.00 ?  46 ILE A HD13 1 
ATOM 822  N N    . GLU A 1 47 ? 13.840  7.767   -19.963 1.00 0.00 ?  47 GLU A N    1 
ATOM 823  C CA   . GLU A 1 47 ? 13.923  9.109   -20.531 1.00 0.00 ?  47 GLU A CA   1 
ATOM 824  C C    . GLU A 1 47 ? 14.907  9.967   -19.737 1.00 0.00 ?  47 GLU A C    1 
ATOM 825  O O    . GLU A 1 47 ? 15.686  10.725  -20.313 1.00 0.00 ?  47 GLU A O    1 
ATOM 826  C CB   . GLU A 1 47 ? 12.541  9.767   -20.531 1.00 0.00 ?  47 GLU A CB   1 
ATOM 827  C CG   . GLU A 1 47 ? 12.623  11.148  -21.187 1.00 0.00 ?  47 GLU A CG   1 
ATOM 828  C CD   . GLU A 1 47 ? 11.236  11.776  -21.254 1.00 0.00 ?  47 GLU A CD   1 
ATOM 829  O OE1  . GLU A 1 47 ? 10.296  11.139  -20.805 1.00 0.00 ?  47 GLU A OE1  1 
ATOM 830  O OE2  . GLU A 1 47 ? 11.131  12.884  -21.752 1.00 0.00 -1 47 GLU A OE2  1 
ATOM 831  H H    . GLU A 1 47 ? 12.983  7.445   -19.612 1.00 0.00 ?  47 GLU A H    1 
ATOM 832  H HA   . GLU A 1 47 ? 14.275  9.031   -21.549 1.00 0.00 ?  47 GLU A HA   1 
ATOM 833  H HB2  . GLU A 1 47 ? 11.849  9.147   -21.082 1.00 0.00 ?  47 GLU A HB2  1 
ATOM 834  H HB3  . GLU A 1 47 ? 12.194  9.874   -19.514 1.00 0.00 ?  47 GLU A HB3  1 
ATOM 835  H HG2  . GLU A 1 47 ? 13.274  11.785  -20.607 1.00 0.00 ?  47 GLU A HG2  1 
ATOM 836  H HG3  . GLU A 1 47 ? 13.018  11.047  -22.187 1.00 0.00 ?  47 GLU A HG3  1 
ATOM 837  N N    . ARG A 1 48 ? 14.861  9.844   -18.413 1.00 0.00 ?  48 ARG A N    1 
ATOM 838  C CA   . ARG A 1 48 ? 15.753  10.623  -17.557 1.00 0.00 ?  48 ARG A CA   1 
ATOM 839  C C    . ARG A 1 48 ? 17.206  10.216  -17.775 1.00 0.00 ?  48 ARG A C    1 
ATOM 840  O O    . ARG A 1 48 ? 18.101  11.058  -17.734 1.00 0.00 ?  48 ARG A O    1 
ATOM 841  C CB   . ARG A 1 48 ? 15.379  10.408  -16.090 1.00 0.00 ?  48 ARG A CB   1 
ATOM 842  C CG   . ARG A 1 48 ? 14.038  11.086  -15.796 1.00 0.00 ?  48 ARG A CG   1 
ATOM 843  C CD   . ARG A 1 48 ? 13.572  10.707  -14.389 1.00 0.00 ?  48 ARG A CD   1 
ATOM 844  N NE   . ARG A 1 48 ? 14.519  11.194  -13.394 1.00 0.00 ?  48 ARG A NE   1 
ATOM 845  C CZ   . ARG A 1 48 ? 14.416  10.841  -12.117 1.00 0.00 ?  48 ARG A CZ   1 
ATOM 846  N NH1  . ARG A 1 48 ? 13.455  10.045  -11.735 1.00 0.00 ?  48 ARG A NH1  1 
ATOM 847  N NH2  . ARG A 1 48 ? 15.276  11.291  -11.244 1.00 0.00 1  48 ARG A NH2  1 
ATOM 848  H H    . ARG A 1 48 ? 14.211  9.232   -18.011 1.00 0.00 ?  48 ARG A H    1 
ATOM 849  H HA   . ARG A 1 48 ? 15.649  11.673  -17.786 1.00 0.00 ?  48 ARG A HA   1 
ATOM 850  H HB2  . ARG A 1 48 ? 15.299  9.349   -15.890 1.00 0.00 ?  48 ARG A HB2  1 
ATOM 851  H HB3  . ARG A 1 48 ? 16.143  10.835  -15.457 1.00 0.00 ?  48 ARG A HB3  1 
ATOM 852  H HG2  . ARG A 1 48 ? 14.158  12.158  -15.859 1.00 0.00 ?  48 ARG A HG2  1 
ATOM 853  H HG3  . ARG A 1 48 ? 13.304  10.763  -16.517 1.00 0.00 ?  48 ARG A HG3  1 
ATOM 854  H HD2  . ARG A 1 48 ? 12.603  11.148  -14.205 1.00 0.00 ?  48 ARG A HD2  1 
ATOM 855  H HD3  . ARG A 1 48 ? 13.494  9.631   -14.316 1.00 0.00 ?  48 ARG A HD3  1 
ATOM 856  H HE   . ARG A 1 48 ? 15.244  11.792  -13.671 1.00 0.00 ?  48 ARG A HE   1 
ATOM 857  H HH11 . ARG A 1 48 ? 12.796  9.701   -12.405 1.00 0.00 ?  48 ARG A HH11 1 
ATOM 858  H HH12 . ARG A 1 48 ? 13.378  9.780   -10.775 1.00 0.00 ?  48 ARG A HH12 1 
ATOM 859  H HH21 . ARG A 1 48 ? 16.013  11.901  -11.536 1.00 0.00 ?  48 ARG A HH21 1 
ATOM 860  H HH22 . ARG A 1 48 ? 15.199  11.025  -10.284 1.00 0.00 ?  48 ARG A HH22 1 
ATOM 861  N N    . ALA A 1 49 ? 17.436  8.931   -18.031 1.00 0.00 ?  49 ALA A N    1 
ATOM 862  C CA   . ALA A 1 49 ? 18.792  8.444   -18.276 1.00 0.00 ?  49 ALA A CA   1 
ATOM 863  C C    . ALA A 1 49 ? 18.799  6.926   -18.436 1.00 0.00 ?  49 ALA A C    1 
ATOM 864  O O    . ALA A 1 49 ? 18.074  6.216   -17.737 1.00 0.00 ?  49 ALA A O    1 
ATOM 865  C CB   . ALA A 1 49 ? 19.719  8.853   -17.120 1.00 0.00 ?  49 ALA A CB   1 
ATOM 866  H H    . ALA A 1 49 ? 16.684  8.302   -18.067 1.00 0.00 ?  49 ALA A H    1 
ATOM 867  H HA   . ALA A 1 49 ? 19.152  8.893   -19.190 1.00 0.00 ?  49 ALA A HA   1 
ATOM 868  H HB1  . ALA A 1 49 ? 19.181  8.780   -16.187 1.00 0.00 ?  49 ALA A HB1  1 
ATOM 869  H HB2  . ALA A 1 49 ? 20.051  9.869   -17.266 1.00 0.00 ?  49 ALA A HB2  1 
ATOM 870  H HB3  . ALA A 1 49 ? 20.579  8.198   -17.092 1.00 0.00 ?  49 ALA A HB3  1 
ATOM 871  N N    . GLU A 1 50 ? 19.633  6.432   -19.344 1.00 0.00 ?  50 GLU A N    1 
ATOM 872  C CA   . GLU A 1 50 ? 19.734  4.995   -19.566 1.00 0.00 ?  50 GLU A CA   1 
ATOM 873  C C    . GLU A 1 50 ? 20.246  4.319   -18.297 1.00 0.00 ?  50 GLU A C    1 
ATOM 874  O O    . GLU A 1 50 ? 19.746  3.270   -17.891 1.00 0.00 ?  50 GLU A O    1 
ATOM 875  C CB   . GLU A 1 50 ? 20.690  4.714   -20.734 1.00 0.00 ?  50 GLU A CB   1 
ATOM 876  C CG   . GLU A 1 50 ? 20.782  3.206   -20.996 1.00 0.00 ?  50 GLU A CG   1 
ATOM 877  C CD   . GLU A 1 50 ? 19.419  2.657   -21.407 1.00 0.00 ?  50 GLU A CD   1 
ATOM 878  O OE1  . GLU A 1 50 ? 18.596  3.444   -21.846 1.00 0.00 -1 50 GLU A OE1  1 
ATOM 879  O OE2  . GLU A 1 50 ? 19.221  1.461   -21.281 1.00 0.00 ?  50 GLU A OE2  1 
ATOM 880  H H    . GLU A 1 50 ? 20.197  7.042   -19.864 1.00 0.00 ?  50 GLU A H    1 
ATOM 881  H HA   . GLU A 1 50 ? 18.757  4.605   -19.806 1.00 0.00 ?  50 GLU A HA   1 
ATOM 882  H HB2  . GLU A 1 50 ? 20.324  5.209   -21.621 1.00 0.00 ?  50 GLU A HB2  1 
ATOM 883  H HB3  . GLU A 1 50 ? 21.671  5.094   -20.492 1.00 0.00 ?  50 GLU A HB3  1 
ATOM 884  H HG2  . GLU A 1 50 ? 21.492  3.026   -21.791 1.00 0.00 ?  50 GLU A HG2  1 
ATOM 885  H HG3  . GLU A 1 50 ? 21.116  2.700   -20.104 1.00 0.00 ?  50 GLU A HG3  1 
ATOM 886  N N    . ASP A 1 51 ? 21.244  4.942   -17.674 1.00 0.00 ?  51 ASP A N    1 
ATOM 887  C CA   . ASP A 1 51 ? 21.830  4.417   -16.442 1.00 0.00 ?  51 ASP A CA   1 
ATOM 888  C C    . ASP A 1 51 ? 21.106  4.990   -15.228 1.00 0.00 ?  51 ASP A C    1 
ATOM 889  O O    . ASP A 1 51 ? 21.213  6.181   -14.936 1.00 0.00 ?  51 ASP A O    1 
ATOM 890  C CB   . ASP A 1 51 ? 23.313  4.788   -16.374 1.00 0.00 ?  51 ASP A CB   1 
ATOM 891  C CG   . ASP A 1 51 ? 23.940  4.201   -15.113 1.00 0.00 ?  51 ASP A CG   1 
ATOM 892  O OD1  . ASP A 1 51 ? 23.203  3.656   -14.308 1.00 0.00 -1 51 ASP A OD1  1 
ATOM 893  O OD2  . ASP A 1 51 ? 25.147  4.309   -14.970 1.00 0.00 ?  51 ASP A OD2  1 
ATOM 894  H H    . ASP A 1 51 ? 21.592  5.778   -18.049 1.00 0.00 ?  51 ASP A H    1 
ATOM 895  H HA   . ASP A 1 51 ? 21.740  3.340   -16.432 1.00 0.00 ?  51 ASP A HA   1 
ATOM 896  H HB2  . ASP A 1 51 ? 23.821  4.397   -17.243 1.00 0.00 ?  51 ASP A HB2  1 
ATOM 897  H HB3  . ASP A 1 51 ? 23.414  5.864   -16.356 1.00 0.00 ?  51 ASP A HB3  1 
ATOM 898  N N    . SER A 1 52 ? 20.363  4.139   -14.526 1.00 0.00 ?  52 SER A N    1 
ATOM 899  C CA   . SER A 1 52 ? 19.624  4.585   -13.352 1.00 0.00 ?  52 SER A CA   1 
ATOM 900  C C    . SER A 1 52 ? 20.580  4.952   -12.221 1.00 0.00 ?  52 SER A C    1 
ATOM 901  O O    . SER A 1 52 ? 21.733  4.523   -12.207 1.00 0.00 ?  52 SER A O    1 
ATOM 902  C CB   . SER A 1 52 ? 18.677  3.481   -12.882 1.00 0.00 ?  52 SER A CB   1 
ATOM 903  O OG   . SER A 1 52 ? 19.437  2.404   -12.354 1.00 0.00 ?  52 SER A OG   1 
ATOM 904  H H    . SER A 1 52 ? 20.308  3.202   -14.805 1.00 0.00 ?  52 SER A H    1 
ATOM 905  H HA   . SER A 1 52 ? 19.041  5.456   -13.614 1.00 0.00 ?  52 SER A HA   1 
ATOM 906  H HB2  . SER A 1 52 ? 18.025  3.866   -12.115 1.00 0.00 ?  52 SER A HB2  1 
ATOM 907  H HB3  . SER A 1 52 ? 18.080  3.140   -13.718 1.00 0.00 ?  52 SER A HB3  1 
ATOM 908  H HG   . SER A 1 52 ? 20.364  2.648   -12.394 1.00 0.00 ?  52 SER A HG   1 
ATOM 909  N N    . GLY A 1 53 ? 20.092  5.756   -11.281 1.00 0.00 ?  53 GLY A N    1 
ATOM 910  C CA   . GLY A 1 53 ? 20.910  6.185   -10.154 1.00 0.00 ?  53 GLY A CA   1 
ATOM 911  C C    . GLY A 1 53 ? 20.260  7.361   -9.434  1.00 0.00 ?  53 GLY A C    1 
ATOM 912  O O    . GLY A 1 53 ? 19.076  7.638   -9.623  1.00 0.00 ?  53 GLY A O    1 
ATOM 913  H H    . GLY A 1 53 ? 19.167  6.070   -11.351 1.00 0.00 ?  53 GLY A H    1 
ATOM 914  H HA2  . GLY A 1 53 ? 21.023  5.361   -9.463  1.00 0.00 ?  53 GLY A HA2  1 
ATOM 915  H HA3  . GLY A 1 53 ? 21.883  6.486   -10.513 1.00 0.00 ?  53 GLY A HA3  1 
ATOM 916  N N    . ASN A 1 54 ? 21.040  8.052   -8.609  1.00 0.00 ?  54 ASN A N    1 
ATOM 917  C CA   . ASN A 1 54 ? 20.524  9.199   -7.872  1.00 0.00 ?  54 ASN A CA   1 
ATOM 918  C C    . ASN A 1 54 ? 19.281  8.814   -7.076  1.00 0.00 ?  54 ASN A C    1 
ATOM 919  O O    . ASN A 1 54 ? 18.295  9.552   -7.050  1.00 0.00 ?  54 ASN A O    1 
ATOM 920  C CB   . ASN A 1 54 ? 20.181  10.333  -8.841  1.00 0.00 ?  54 ASN A CB   1 
ATOM 921  C CG   . ASN A 1 54 ? 21.417  10.725  -9.642  1.00 0.00 ?  54 ASN A CG   1 
ATOM 922  O OD1  . ASN A 1 54 ? 21.413  10.643  -10.871 1.00 0.00 ?  54 ASN A OD1  1 
ATOM 923  N ND2  . ASN A 1 54 ? 22.480  11.150  -9.017  1.00 0.00 ?  54 ASN A ND2  1 
ATOM 924  H H    . ASN A 1 54 ? 21.977  7.789   -8.496  1.00 0.00 ?  54 ASN A H    1 
ATOM 925  H HA   . ASN A 1 54 ? 21.284  9.546   -7.187  1.00 0.00 ?  54 ASN A HA   1 
ATOM 926  H HB2  . ASN A 1 54 ? 19.404  10.003  -9.516  1.00 0.00 ?  54 ASN A HB2  1 
ATOM 927  H HB3  . ASN A 1 54 ? 19.830  11.188  -8.283  1.00 0.00 ?  54 ASN A HB3  1 
ATOM 928  H HD21 . ASN A 1 54 ? 22.481  11.216  -8.039  1.00 0.00 ?  54 ASN A HD21 1 
ATOM 929  H HD22 . ASN A 1 54 ? 23.279  11.405  -9.525  1.00 0.00 ?  54 ASN A HD22 1 
ATOM 930  N N    . GLU A 1 55 ? 19.334  7.654   -6.424  1.00 0.00 ?  55 GLU A N    1 
ATOM 931  C CA   . GLU A 1 55 ? 18.208  7.170   -5.625  1.00 0.00 ?  55 GLU A CA   1 
ATOM 932  C C    . GLU A 1 55 ? 18.712  6.462   -4.373  1.00 0.00 ?  55 GLU A C    1 
ATOM 933  O O    . GLU A 1 55 ? 19.851  5.999   -4.325  1.00 0.00 ?  55 GLU A O    1 
ATOM 934  C CB   . GLU A 1 55 ? 17.353  6.205   -6.454  1.00 0.00 ?  55 GLU A CB   1 
ATOM 935  C CG   . GLU A 1 55 ? 18.217  5.048   -6.970  1.00 0.00 ?  55 GLU A CG   1 
ATOM 936  C CD   . GLU A 1 55 ? 18.461  4.024   -5.862  1.00 0.00 ?  55 GLU A CD   1 
ATOM 937  O OE1  . GLU A 1 55 ? 17.674  3.985   -4.930  1.00 0.00 ?  55 GLU A OE1  1 
ATOM 938  O OE2  . GLU A 1 55 ? 19.431  3.292   -5.964  1.00 0.00 -1 55 GLU A OE2  1 
ATOM 939  H H    . GLU A 1 55 ? 20.148  7.111   -6.483  1.00 0.00 ?  55 GLU A H    1 
ATOM 940  H HA   . GLU A 1 55 ? 17.594  8.008   -5.326  1.00 0.00 ?  55 GLU A HA   1 
ATOM 941  H HB2  . GLU A 1 55 ? 16.553  5.816   -5.840  1.00 0.00 ?  55 GLU A HB2  1 
ATOM 942  H HB3  . GLU A 1 55 ? 16.930  6.735   -7.293  1.00 0.00 ?  55 GLU A HB3  1 
ATOM 943  H HG2  . GLU A 1 55 ? 17.711  4.566   -7.793  1.00 0.00 ?  55 GLU A HG2  1 
ATOM 944  H HG3  . GLU A 1 55 ? 19.167  5.432   -7.313  1.00 0.00 ?  55 GLU A HG3  1 
ATOM 945  N N    . SER A 1 56 ? 17.857  6.391   -3.354  1.00 0.00 ?  56 SER A N    1 
ATOM 946  C CA   . SER A 1 56 ? 18.225  5.745   -2.096  1.00 0.00 ?  56 SER A CA   1 
ATOM 947  C C    . SER A 1 56 ? 16.990  5.186   -1.397  1.00 0.00 ?  56 SER A C    1 
ATOM 948  O O    . SER A 1 56 ? 15.889  5.718   -1.542  1.00 0.00 ?  56 SER A O    1 
ATOM 949  C CB   . SER A 1 56 ? 18.919  6.752   -1.178  1.00 0.00 ?  56 SER A CB   1 
ATOM 950  O OG   . SER A 1 56 ? 19.268  6.111   0.042   1.00 0.00 ?  56 SER A OG   1 
ATOM 951  H H    . SER A 1 56 ? 16.965  6.784   -3.449  1.00 0.00 ?  56 SER A H    1 
ATOM 952  H HA   . SER A 1 56 ? 18.907  4.933   -2.299  1.00 0.00 ?  56 SER A HA   1 
ATOM 953  H HB2  . SER A 1 56 ? 19.813  7.118   -1.653  1.00 0.00 ?  56 SER A HB2  1 
ATOM 954  H HB3  . SER A 1 56 ? 18.250  7.579   -0.984  1.00 0.00 ?  56 SER A HB3  1 
ATOM 955  H HG   . SER A 1 56 ? 19.606  5.238   -0.167  1.00 0.00 ?  56 SER A HG   1 
ATOM 956  N N    . GLU A 1 57 ? 17.181  4.110   -0.635  1.00 0.00 ?  57 GLU A N    1 
ATOM 957  C CA   . GLU A 1 57 ? 16.080  3.478   0.090   1.00 0.00 ?  57 GLU A CA   1 
ATOM 958  C C    . GLU A 1 57 ? 16.564  2.914   1.424   1.00 0.00 ?  57 GLU A C    1 
ATOM 959  O O    . GLU A 1 57 ? 17.753  2.650   1.602   1.00 0.00 ?  57 GLU A O    1 
ATOM 960  C CB   . GLU A 1 57 ? 15.459  2.364   -0.768  1.00 0.00 ?  57 GLU A CB   1 
ATOM 961  C CG   . GLU A 1 57 ? 16.518  1.302   -1.138  1.00 0.00 ?  57 GLU A CG   1 
ATOM 962  C CD   . GLU A 1 57 ? 17.247  1.701   -2.419  1.00 0.00 ?  57 GLU A CD   1 
ATOM 963  O OE1  . GLU A 1 57 ? 17.260  2.883   -2.726  1.00 0.00 ?  57 GLU A OE1  1 
ATOM 964  O OE2  . GLU A 1 57 ? 17.782  0.821   -3.073  1.00 0.00 -1 57 GLU A OE2  1 
ATOM 965  H H    . GLU A 1 57 ? 18.082  3.733   -0.559  1.00 0.00 ?  57 GLU A H    1 
ATOM 966  H HA   . GLU A 1 57 ? 15.318  4.219   0.291   1.00 0.00 ?  57 GLU A HA   1 
ATOM 967  H HB2  . GLU A 1 57 ? 14.663  1.892   -0.208  1.00 0.00 ?  57 GLU A HB2  1 
ATOM 968  H HB3  . GLU A 1 57 ? 15.049  2.795   -1.670  1.00 0.00 ?  57 GLU A HB3  1 
ATOM 969  H HG2  . GLU A 1 57 ? 17.236  1.198   -0.339  1.00 0.00 ?  57 GLU A HG2  1 
ATOM 970  H HG3  . GLU A 1 57 ? 16.028  0.352   -1.296  1.00 0.00 ?  57 GLU A HG3  1 
ATOM 971  N N    . GLY A 1 58 ? 15.636  2.739   2.359   1.00 0.00 ?  58 GLY A N    1 
ATOM 972  C CA   . GLY A 1 58 ? 15.980  2.216   3.677   1.00 0.00 ?  58 GLY A CA   1 
ATOM 973  C C    . GLY A 1 58 ? 16.495  3.333   4.578   1.00 0.00 ?  58 GLY A C    1 
ATOM 974  O O    . GLY A 1 58 ? 15.940  3.590   5.646   1.00 0.00 ?  58 GLY A O    1 
ATOM 975  H H    . GLY A 1 58 ? 14.704  2.972   2.161   1.00 0.00 ?  58 GLY A H    1 
ATOM 976  H HA2  . GLY A 1 58 ? 15.100  1.773   4.124   1.00 0.00 ?  58 GLY A HA2  1 
ATOM 977  H HA3  . GLY A 1 58 ? 16.746  1.462   3.576   1.00 0.00 ?  58 GLY A HA3  1 
ATOM 978  N N    . GLU A 1 59 ? 17.556  3.998   4.133   1.00 0.00 ?  59 GLU A N    1 
ATOM 979  C CA   . GLU A 1 59 ? 18.137  5.095   4.899   1.00 0.00 ?  59 GLU A CA   1 
ATOM 980  C C    . GLU A 1 59 ? 17.130  6.230   5.048   1.00 0.00 ?  59 GLU A C    1 
ATOM 981  O O    . GLU A 1 59 ? 17.022  6.845   6.107   1.00 0.00 ?  59 GLU A O    1 
ATOM 982  C CB   . GLU A 1 59 ? 19.398  5.612   4.197   1.00 0.00 ?  59 GLU A CB   1 
ATOM 983  C CG   . GLU A 1 59 ? 20.091  6.663   5.073   1.00 0.00 ?  59 GLU A CG   1 
ATOM 984  C CD   . GLU A 1 59 ? 19.387  8.013   4.949   1.00 0.00 ?  59 GLU A CD   1 
ATOM 985  O OE1  . GLU A 1 59 ? 18.796  8.263   3.912   1.00 0.00 ?  59 GLU A OE1  1 
ATOM 986  O OE2  . GLU A 1 59 ? 19.450  8.779   5.896   1.00 0.00 -1 59 GLU A OE2  1 
ATOM 987  H H    . GLU A 1 59 ? 17.951  3.751   3.272   1.00 0.00 ?  59 GLU A H    1 
ATOM 988  H HA   . GLU A 1 59 ? 18.406  4.732   5.880   1.00 0.00 ?  59 GLU A HA   1 
ATOM 989  H HB2  . GLU A 1 59 ? 20.073  4.786   4.026   1.00 0.00 ?  59 GLU A HB2  1 
ATOM 990  H HB3  . GLU A 1 59 ? 19.126  6.053   3.249   1.00 0.00 ?  59 GLU A HB3  1 
ATOM 991  H HG2  . GLU A 1 59 ? 20.073  6.344   6.105   1.00 0.00 ?  59 GLU A HG2  1 
ATOM 992  H HG3  . GLU A 1 59 ? 21.119  6.768   4.753   1.00 0.00 ?  59 GLU A HG3  1 
ATOM 993  N N    . ILE A 1 60 ? 16.397  6.502   3.973   1.00 0.00 ?  60 ILE A N    1 
ATOM 994  C CA   . ILE A 1 60 ? 15.401  7.567   3.982   1.00 0.00 ?  60 ILE A CA   1 
ATOM 995  C C    . ILE A 1 60 ? 14.353  7.321   5.065   1.00 0.00 ?  60 ILE A C    1 
ATOM 996  O O    . ILE A 1 60 ? 13.929  8.250   5.753   1.00 0.00 ?  60 ILE A O    1 
ATOM 997  C CB   . ILE A 1 60 ? 14.713  7.627   2.613   1.00 0.00 ?  60 ILE A CB   1 
ATOM 998  C CG1  . ILE A 1 60 ? 13.813  8.873   2.531   1.00 0.00 ?  60 ILE A CG1  1 
ATOM 999  C CG2  . ILE A 1 60 ? 13.859  6.373   2.410   1.00 0.00 ?  60 ILE A CG2  1 
ATOM 1000 C CD1  . ILE A 1 60 ? 14.656  10.157  2.565   1.00 0.00 ?  60 ILE A CD1  1 
ATOM 1001 H H    . ILE A 1 60 ? 16.531  5.978   3.155   1.00 0.00 ?  60 ILE A H    1 
ATOM 1002 H HA   . ILE A 1 60 ? 15.885  8.512   4.162   1.00 0.00 ?  60 ILE A HA   1 
ATOM 1003 H HB   . ILE A 1 60 ? 15.464  7.672   1.838   1.00 0.00 ?  60 ILE A HB   1 
ATOM 1004 H HG12 . ILE A 1 60 ? 13.249  8.842   1.611   1.00 0.00 ?  60 ILE A HG12 1 
ATOM 1005 H HG13 . ILE A 1 60 ? 13.129  8.874   3.367   1.00 0.00 ?  60 ILE A HG13 1 
ATOM 1006 H HG21 . ILE A 1 60 ? 13.590  6.285   1.369   1.00 0.00 ?  60 ILE A HG21 1 
ATOM 1007 H HG22 . ILE A 1 60 ? 12.962  6.446   3.008   1.00 0.00 ?  60 ILE A HG22 1 
ATOM 1008 H HG23 . ILE A 1 60 ? 14.422  5.501   2.712   1.00 0.00 ?  60 ILE A HG23 1 
ATOM 1009 H HD11 . ILE A 1 60 ? 15.627  9.978   2.124   1.00 0.00 ?  60 ILE A HD11 1 
ATOM 1010 H HD12 . ILE A 1 60 ? 14.780  10.481  3.588   1.00 0.00 ?  60 ILE A HD12 1 
ATOM 1011 H HD13 . ILE A 1 60 ? 14.149  10.931  2.007   1.00 0.00 ?  60 ILE A HD13 1 
ATOM 1012 N N    . SER A 1 61 ? 13.928  6.069   5.198   1.00 0.00 ?  61 SER A N    1 
ATOM 1013 C CA   . SER A 1 61 ? 12.914  5.721   6.189   1.00 0.00 ?  61 SER A CA   1 
ATOM 1014 C C    . SER A 1 61 ? 13.484  5.803   7.601   1.00 0.00 ?  61 SER A C    1 
ATOM 1015 O O    . SER A 1 61 ? 12.741  5.819   8.583   1.00 0.00 ?  61 SER A O    1 
ATOM 1016 C CB   . SER A 1 61 ? 12.401  4.304   5.929   1.00 0.00 ?  61 SER A CB   1 
ATOM 1017 O OG   . SER A 1 61 ? 13.444  3.372   6.185   1.00 0.00 ?  61 SER A OG   1 
ATOM 1018 H H    . SER A 1 61 ? 14.287  5.374   4.607   1.00 0.00 ?  61 SER A H    1 
ATOM 1019 H HA   . SER A 1 61 ? 12.093  6.412   6.080   1.00 0.00 ?  61 SER A HA   1 
ATOM 1020 H HB2  . SER A 1 61 ? 11.571  4.094   6.582   1.00 0.00 ?  61 SER A HB2  1 
ATOM 1021 H HB3  . SER A 1 61 ? 12.076  4.223   4.900   1.00 0.00 ?  61 SER A HB3  1 
ATOM 1022 H HG   . SER A 1 61 ? 13.925  3.671   6.961   1.00 0.00 ?  61 SER A HG   1 
ATOM 1023 N N    . ALA A 1 62 ? 14.807  5.847   7.689   1.00 0.00 ?  62 ALA A N    1 
ATOM 1024 C CA   . ALA A 1 62 ? 15.478  5.916   8.983   1.00 0.00 ?  62 ALA A CA   1 
ATOM 1025 C C    . ALA A 1 62 ? 15.176  7.236   9.687   1.00 0.00 ?  62 ALA A C    1 
ATOM 1026 O O    . ALA A 1 62 ? 15.026  7.274   10.909  1.00 0.00 ?  62 ALA A O    1 
ATOM 1027 C CB   . ALA A 1 62 ? 16.988  5.768   8.798   1.00 0.00 ?  62 ALA A CB   1 
ATOM 1028 H H    . ALA A 1 62 ? 15.336  5.833   6.865   1.00 0.00 ?  62 ALA A H    1 
ATOM 1029 H HA   . ALA A 1 62 ? 15.122  5.105   9.599   1.00 0.00 ?  62 ALA A HA   1 
ATOM 1030 H HB1  . ALA A 1 62 ? 17.189  4.980   8.087   1.00 0.00 ?  62 ALA A HB1  1 
ATOM 1031 H HB2  . ALA A 1 62 ? 17.445  5.522   9.745   1.00 0.00 ?  62 ALA A HB2  1 
ATOM 1032 H HB3  . ALA A 1 62 ? 17.400  6.697   8.432   1.00 0.00 ?  62 ALA A HB3  1 
ATOM 1033 N N    . LEU A 1 63 ? 15.094  8.316   8.916   1.00 0.00 ?  63 LEU A N    1 
ATOM 1034 C CA   . LEU A 1 63 ? 14.819  9.635   9.485   1.00 0.00 ?  63 LEU A CA   1 
ATOM 1035 C C    . LEU A 1 63 ? 13.318  9.847   9.673   1.00 0.00 ?  63 LEU A C    1 
ATOM 1036 O O    . LEU A 1 63 ? 12.897  10.722  10.430  1.00 0.00 ?  63 LEU A O    1 
ATOM 1037 C CB   . LEU A 1 63 ? 15.371  10.725  8.562   1.00 0.00 ?  63 LEU A CB   1 
ATOM 1038 C CG   . LEU A 1 63 ? 16.886  10.554  8.392   1.00 0.00 ?  63 LEU A CG   1 
ATOM 1039 C CD1  . LEU A 1 63 ? 17.398  11.603  7.397   1.00 0.00 ?  63 LEU A CD1  1 
ATOM 1040 C CD2  . LEU A 1 63 ? 17.600  10.736  9.747   1.00 0.00 ?  63 LEU A CD2  1 
ATOM 1041 H H    . LEU A 1 63 ? 15.228  8.228   7.950   1.00 0.00 ?  63 LEU A H    1 
ATOM 1042 H HA   . LEU A 1 63 ? 15.302  9.712   10.446  1.00 0.00 ?  63 LEU A HA   1 
ATOM 1043 H HB2  . LEU A 1 63 ? 14.891  10.653  7.597   1.00 0.00 ?  63 LEU A HB2  1 
ATOM 1044 H HB3  . LEU A 1 63 ? 15.167  11.695  8.992   1.00 0.00 ?  63 LEU A HB3  1 
ATOM 1045 H HG   . LEU A 1 63 ? 17.093  9.567   8.004   1.00 0.00 ?  63 LEU A HG   1 
ATOM 1046 H HD11 . LEU A 1 63 ? 17.359  12.582  7.854   1.00 0.00 ?  63 LEU A HD11 1 
ATOM 1047 H HD12 . LEU A 1 63 ? 16.778  11.594  6.514   1.00 0.00 ?  63 LEU A HD12 1 
ATOM 1048 H HD13 . LEU A 1 63 ? 18.418  11.374  7.125   1.00 0.00 ?  63 LEU A HD13 1 
ATOM 1049 H HD21 . LEU A 1 63 ? 17.083  11.481  10.336  1.00 0.00 ?  63 LEU A HD21 1 
ATOM 1050 H HD22 . LEU A 1 63 ? 18.619  11.054  9.583   1.00 0.00 ?  63 LEU A HD22 1 
ATOM 1051 H HD23 . LEU A 1 63 ? 17.604  9.796   10.278  1.00 0.00 ?  63 LEU A HD23 1 
ATOM 1052 N N    . VAL A 1 64 ? 12.516  9.059   8.966   1.00 0.00 ?  64 VAL A N    1 
ATOM 1053 C CA   . VAL A 1 64 ? 11.064  9.188   9.048   1.00 0.00 ?  64 VAL A CA   1 
ATOM 1054 C C    . VAL A 1 64 ? 10.566  8.952   10.474  1.00 0.00 ?  64 VAL A C    1 
ATOM 1055 O O    . VAL A 1 64 ? 9.722   9.699   10.969  1.00 0.00 ?  64 VAL A O    1 
ATOM 1056 C CB   . VAL A 1 64 ? 10.403  8.187   8.091   1.00 0.00 ?  64 VAL A CB   1 
ATOM 1057 C CG1  . VAL A 1 64 ? 8.888   8.155   8.328   1.00 0.00 ?  64 VAL A CG1  1 
ATOM 1058 C CG2  . VAL A 1 64 ? 10.676  8.614   6.647   1.00 0.00 ?  64 VAL A CG2  1 
ATOM 1059 H H    . VAL A 1 64 ? 12.904  8.394   8.359   1.00 0.00 ?  64 VAL A H    1 
ATOM 1060 H HA   . VAL A 1 64 ? 10.788  10.186  8.744   1.00 0.00 ?  64 VAL A HA   1 
ATOM 1061 H HB   . VAL A 1 64 ? 10.813  7.203   8.261   1.00 0.00 ?  64 VAL A HB   1 
ATOM 1062 H HG11 . VAL A 1 64 ? 8.679   7.626   9.247   1.00 0.00 ?  64 VAL A HG11 1 
ATOM 1063 H HG12 . VAL A 1 64 ? 8.405   7.650   7.504   1.00 0.00 ?  64 VAL A HG12 1 
ATOM 1064 H HG13 . VAL A 1 64 ? 8.514   9.165   8.400   1.00 0.00 ?  64 VAL A HG13 1 
ATOM 1065 H HG21 . VAL A 1 64 ? 10.267  7.877   5.971   1.00 0.00 ?  64 VAL A HG21 1 
ATOM 1066 H HG22 . VAL A 1 64 ? 11.742  8.695   6.491   1.00 0.00 ?  64 VAL A HG22 1 
ATOM 1067 H HG23 . VAL A 1 64 ? 10.212  9.570   6.460   1.00 0.00 ?  64 VAL A HG23 1 
ATOM 1068 N N    . GLU A 1 65 ? 11.077  7.915   11.129  1.00 0.00 ?  65 GLU A N    1 
ATOM 1069 C CA   . GLU A 1 65 ? 10.649  7.612   12.489  1.00 0.00 ?  65 GLU A CA   1 
ATOM 1070 C C    . GLU A 1 65 ? 11.015  8.751   13.439  1.00 0.00 ?  65 GLU A C    1 
ATOM 1071 O O    . GLU A 1 65 ? 10.254  9.080   14.348  1.00 0.00 ?  65 GLU A O    1 
ATOM 1072 C CB   . GLU A 1 65 ? 11.309  6.315   12.965  1.00 0.00 ?  65 GLU A CB   1 
ATOM 1073 C CG   . GLU A 1 65 ? 10.798  5.953   14.363  1.00 0.00 ?  65 GLU A CG   1 
ATOM 1074 C CD   . GLU A 1 65 ? 11.399  4.626   14.810  1.00 0.00 ?  65 GLU A CD   1 
ATOM 1075 O OE1  . GLU A 1 65 ? 12.164  4.057   14.049  1.00 0.00 ?  65 GLU A OE1  1 
ATOM 1076 O OE2  . GLU A 1 65 ? 11.086  4.196   15.908  1.00 0.00 -1 65 GLU A OE2  1 
ATOM 1077 H H    . GLU A 1 65 ? 11.746  7.343   10.697  1.00 0.00 ?  65 GLU A H    1 
ATOM 1078 H HA   . GLU A 1 65 ? 9.578   7.481   12.499  1.00 0.00 ?  65 GLU A HA   1 
ATOM 1079 H HB2  . GLU A 1 65 ? 11.069  5.516   12.277  1.00 0.00 ?  65 GLU A HB2  1 
ATOM 1080 H HB3  . GLU A 1 65 ? 12.380  6.447   13.000  1.00 0.00 ?  65 GLU A HB3  1 
ATOM 1081 H HG2  . GLU A 1 65 ? 11.082  6.726   15.061  1.00 0.00 ?  65 GLU A HG2  1 
ATOM 1082 H HG3  . GLU A 1 65 ? 9.722   5.868   14.340  1.00 0.00 ?  65 GLU A HG3  1 
ATOM 1083 N N    . LEU A 1 66 ? 12.177  9.355   13.218  1.00 0.00 ?  66 LEU A N    1 
ATOM 1084 C CA   . LEU A 1 66 ? 12.619  10.462  14.059  1.00 0.00 ?  66 LEU A CA   1 
ATOM 1085 C C    . LEU A 1 66 ? 11.722  11.680  13.861  1.00 0.00 ?  66 LEU A C    1 
ATOM 1086 O O    . LEU A 1 66 ? 11.394  12.380  14.818  1.00 0.00 ?  66 LEU A O    1 
ATOM 1087 C CB   . LEU A 1 66 ? 14.075  10.825  13.746  1.00 0.00 ?  66 LEU A CB   1 
ATOM 1088 C CG   . LEU A 1 66 ? 15.017  9.788   14.367  1.00 0.00 ?  66 LEU A CG   1 
ATOM 1089 C CD1  . LEU A 1 66 ? 14.613  8.380   13.916  1.00 0.00 ?  66 LEU A CD1  1 
ATOM 1090 C CD2  . LEU A 1 66 ? 16.452  10.077  13.917  1.00 0.00 ?  66 LEU A CD2  1 
ATOM 1091 H H    . LEU A 1 66 ? 12.741  9.060   12.472  1.00 0.00 ?  66 LEU A H    1 
ATOM 1092 H HA   . LEU A 1 66 ? 12.546  10.162  15.094  1.00 0.00 ?  66 LEU A HA   1 
ATOM 1093 H HB2  . LEU A 1 66 ? 14.218  10.844  12.676  1.00 0.00 ?  66 LEU A HB2  1 
ATOM 1094 H HB3  . LEU A 1 66 ? 14.301  11.800  14.155  1.00 0.00 ?  66 LEU A HB3  1 
ATOM 1095 H HG   . LEU A 1 66 ? 14.957  9.848   15.444  1.00 0.00 ?  66 LEU A HG   1 
ATOM 1096 H HD11 . LEU A 1 66 ? 15.430  7.695   14.086  1.00 0.00 ?  66 LEU A HD11 1 
ATOM 1097 H HD12 . LEU A 1 66 ? 14.369  8.394   12.865  1.00 0.00 ?  66 LEU A HD12 1 
ATOM 1098 H HD13 . LEU A 1 66 ? 13.752  8.055   14.481  1.00 0.00 ?  66 LEU A HD13 1 
ATOM 1099 H HD21 . LEU A 1 66 ? 16.713  11.092  14.178  1.00 0.00 ?  66 LEU A HD21 1 
ATOM 1100 H HD22 . LEU A 1 66 ? 16.528  9.947   12.848  1.00 0.00 ?  66 LEU A HD22 1 
ATOM 1101 H HD23 . LEU A 1 66 ? 17.129  9.393   14.412  1.00 0.00 ?  66 LEU A HD23 1 
ATOM 1102 N N    . GLY A 1 67 ? 11.325  11.930  12.617  1.00 0.00 ?  67 GLY A N    1 
ATOM 1103 C CA   . GLY A 1 67 ? 10.466  13.072  12.326  1.00 0.00 ?  67 GLY A CA   1 
ATOM 1104 C C    . GLY A 1 67 ? 9.035   12.803  12.775  1.00 0.00 ?  67 GLY A C    1 
ATOM 1105 O O    . GLY A 1 67 ? 8.375   13.681  13.331  1.00 0.00 ?  67 GLY A O    1 
ATOM 1106 H H    . GLY A 1 67 ? 11.615  11.342  11.887  1.00 0.00 ?  67 GLY A H    1 
ATOM 1107 H HA2  . GLY A 1 67 ? 10.846  13.943  12.842  1.00 0.00 ?  67 GLY A HA2  1 
ATOM 1108 H HA3  . GLY A 1 67 ? 10.472  13.259  11.262  1.00 0.00 ?  67 GLY A HA3  1 
ATOM 1109 N N    . VAL A 1 68 ? 8.556   11.590  12.519  1.00 0.00 ?  68 VAL A N    1 
ATOM 1110 C CA   . VAL A 1 68 ? 7.193   11.227  12.893  1.00 0.00 ?  68 VAL A CA   1 
ATOM 1111 C C    . VAL A 1 68 ? 7.052   11.157  14.411  1.00 0.00 ?  68 VAL A C    1 
ATOM 1112 O O    . VAL A 1 68 ? 6.073   11.650  14.971  1.00 0.00 ?  68 VAL A O    1 
ATOM 1113 C CB   . VAL A 1 68 ? 6.831   9.873   12.273  1.00 0.00 ?  68 VAL A CB   1 
ATOM 1114 C CG1  . VAL A 1 68 ? 5.478   9.398   12.809  1.00 0.00 ?  68 VAL A CG1  1 
ATOM 1115 C CG2  . VAL A 1 68 ? 6.753   10.015  10.751  1.00 0.00 ?  68 VAL A CG2  1 
ATOM 1116 H H    . VAL A 1 68 ? 9.118   10.940  12.051  1.00 0.00 ?  68 VAL A H    1 
ATOM 1117 H HA   . VAL A 1 68 ? 6.515   11.976  12.511  1.00 0.00 ?  68 VAL A HA   1 
ATOM 1118 H HB   . VAL A 1 68 ? 7.591   9.147   12.528  1.00 0.00 ?  68 VAL A HB   1 
ATOM 1119 H HG11 . VAL A 1 68 ? 5.590   9.069   13.831  1.00 0.00 ?  68 VAL A HG11 1 
ATOM 1120 H HG12 . VAL A 1 68 ? 5.118   8.580   12.204  1.00 0.00 ?  68 VAL A HG12 1 
ATOM 1121 H HG13 . VAL A 1 68 ? 4.770   10.212  12.769  1.00 0.00 ?  68 VAL A HG13 1 
ATOM 1122 H HG21 . VAL A 1 68 ? 6.750   9.035   10.297  1.00 0.00 ?  68 VAL A HG21 1 
ATOM 1123 H HG22 . VAL A 1 68 ? 7.606   10.573  10.396  1.00 0.00 ?  68 VAL A HG22 1 
ATOM 1124 H HG23 . VAL A 1 68 ? 5.846   10.537  10.485  1.00 0.00 ?  68 VAL A HG23 1 
ATOM 1125 N N    . GLU A 1 69 ? 8.030   10.550  15.073  1.00 0.00 ?  69 GLU A N    1 
ATOM 1126 C CA   . GLU A 1 69 ? 7.986   10.439  16.526  1.00 0.00 ?  69 GLU A CA   1 
ATOM 1127 C C    . GLU A 1 69 ? 7.988   11.832  17.149  1.00 0.00 ?  69 GLU A C    1 
ATOM 1128 O O    . GLU A 1 69 ? 7.200   12.125  18.048  1.00 0.00 ?  69 GLU A O    1 
ATOM 1129 C CB   . GLU A 1 69 ? 9.195   9.635   17.025  1.00 0.00 ?  69 GLU A CB   1 
ATOM 1130 C CG   . GLU A 1 69 ? 9.148   9.494   18.552  1.00 0.00 ?  69 GLU A CG   1 
ATOM 1131 C CD   . GLU A 1 69 ? 7.904   8.718   18.971  1.00 0.00 ?  69 GLU A CD   1 
ATOM 1132 O OE1  . GLU A 1 69 ? 7.363   8.008   18.138  1.00 0.00 ?  69 GLU A OE1  1 
ATOM 1133 O OE2  . GLU A 1 69 ? 7.508   8.847   20.117  1.00 0.00 -1 69 GLU A OE2  1 
ATOM 1134 H H    . GLU A 1 69 ? 8.790   10.178  14.579  1.00 0.00 ?  69 GLU A H    1 
ATOM 1135 H HA   . GLU A 1 69 ? 7.080   9.928   16.812  1.00 0.00 ?  69 GLU A HA   1 
ATOM 1136 H HB2  . GLU A 1 69 ? 9.180   8.654   16.575  1.00 0.00 ?  69 GLU A HB2  1 
ATOM 1137 H HB3  . GLU A 1 69 ? 10.104  10.145  16.742  1.00 0.00 ?  69 GLU A HB3  1 
ATOM 1138 H HG2  . GLU A 1 69 ? 10.027  8.961   18.885  1.00 0.00 ?  69 GLU A HG2  1 
ATOM 1139 H HG3  . GLU A 1 69 ? 9.133   10.471  19.009  1.00 0.00 ?  69 GLU A HG3  1 
ATOM 1140 N N    . LEU A 1 70 ? 8.876   12.688  16.656  1.00 0.00 ?  70 LEU A N    1 
ATOM 1141 C CA   . LEU A 1 70 ? 8.974   14.053  17.158  1.00 0.00 ?  70 LEU A CA   1 
ATOM 1142 C C    . LEU A 1 70 ? 7.683   14.816  16.882  1.00 0.00 ?  70 LEU A C    1 
ATOM 1143 O O    . LEU A 1 70 ? 7.173   15.526  17.749  1.00 0.00 ?  70 LEU A O    1 
ATOM 1144 C CB   . LEU A 1 70 ? 10.161  14.765  16.491  1.00 0.00 ?  70 LEU A CB   1 
ATOM 1145 C CG   . LEU A 1 70 ? 10.280  16.212  16.995  1.00 0.00 ?  70 LEU A CG   1 
ATOM 1146 C CD1  . LEU A 1 70 ? 10.506  16.231  18.516  1.00 0.00 ?  70 LEU A CD1  1 
ATOM 1147 C CD2  . LEU A 1 70 ? 11.466  16.882  16.291  1.00 0.00 ?  70 LEU A CD2  1 
ATOM 1148 H H    . LEU A 1 70 ? 9.477   12.395  15.937  1.00 0.00 ?  70 LEU A H    1 
ATOM 1149 H HA   . LEU A 1 70 ? 9.136   14.027  18.224  1.00 0.00 ?  70 LEU A HA   1 
ATOM 1150 H HB2  . LEU A 1 70 ? 11.072  14.232  16.724  1.00 0.00 ?  70 LEU A HB2  1 
ATOM 1151 H HB3  . LEU A 1 70 ? 10.015  14.772  15.422  1.00 0.00 ?  70 LEU A HB3  1 
ATOM 1152 H HG   . LEU A 1 70 ? 9.376   16.754  16.761  1.00 0.00 ?  70 LEU A HG   1 
ATOM 1153 H HD11 . LEU A 1 70 ? 11.130  15.395  18.804  1.00 0.00 ?  70 LEU A HD11 1 
ATOM 1154 H HD12 . LEU A 1 70 ? 9.554   16.160  19.021  1.00 0.00 ?  70 LEU A HD12 1 
ATOM 1155 H HD13 . LEU A 1 70 ? 10.990  17.154  18.803  1.00 0.00 ?  70 LEU A HD13 1 
ATOM 1156 H HD21 . LEU A 1 70 ? 11.384  16.733  15.225  1.00 0.00 ?  70 LEU A HD21 1 
ATOM 1157 H HD22 . LEU A 1 70 ? 12.389  16.447  16.646  1.00 0.00 ?  70 LEU A HD22 1 
ATOM 1158 H HD23 . LEU A 1 70 ? 11.461  17.942  16.508  1.00 0.00 ?  70 LEU A HD23 1 
ATOM 1159 N N    . GLY A 1 71 ? 7.159   14.668  15.670  1.00 0.00 ?  71 GLY A N    1 
ATOM 1160 C CA   . GLY A 1 71 ? 5.926   15.354  15.296  1.00 0.00 ?  71 GLY A CA   1 
ATOM 1161 C C    . GLY A 1 71 ? 4.723   14.752  16.014  1.00 0.00 ?  71 GLY A C    1 
ATOM 1162 O O    . GLY A 1 71 ? 4.678   13.548  16.270  1.00 0.00 ?  71 GLY A O    1 
ATOM 1163 H H    . GLY A 1 71 ? 7.608   14.092  15.017  1.00 0.00 ?  71 GLY A H    1 
ATOM 1164 H HA2  . GLY A 1 71 ? 6.009   16.399  15.557  1.00 0.00 ?  71 GLY A HA2  1 
ATOM 1165 H HA3  . GLY A 1 71 ? 5.781   15.263  14.230  1.00 0.00 ?  71 GLY A HA3  1 
ATOM 1166 N N    . HIS A 1 72 ? 3.749   15.596  16.331  1.00 0.00 ?  72 HIS A N    1 
ATOM 1167 C CA   . HIS A 1 72 ? 2.543   15.139  17.014  1.00 0.00 ?  72 HIS A CA   1 
ATOM 1168 C C    . HIS A 1 72 ? 1.758   14.182  16.124  1.00 0.00 ?  72 HIS A C    1 
ATOM 1169 O O    . HIS A 1 72 ? 1.206   13.188  16.598  1.00 0.00 ?  72 HIS A O    1 
ATOM 1170 C CB   . HIS A 1 72 ? 1.662   16.337  17.383  1.00 0.00 ?  72 HIS A CB   1 
ATOM 1171 C CG   . HIS A 1 72 ? 2.293   17.098  18.518  1.00 0.00 ?  72 HIS A CG   1 
ATOM 1172 N ND1  . HIS A 1 72 ? 3.328   18.000  18.319  1.00 0.00 ?  72 HIS A ND1  1 
ATOM 1173 C CD2  . HIS A 1 72 ? 2.046   17.102  19.868  1.00 0.00 ?  72 HIS A CD2  1 
ATOM 1174 C CE1  . HIS A 1 72 ? 3.661   18.504  19.521  1.00 0.00 ?  72 HIS A CE1  1 
ATOM 1175 N NE2  . HIS A 1 72 ? 2.911   17.990  20.500  1.00 0.00 ?  72 HIS A NE2  1 
ATOM 1176 H H    . HIS A 1 72 ? 3.839   16.545  16.098  1.00 0.00 ?  72 HIS A H    1 
ATOM 1177 H HA   . HIS A 1 72 ? 2.827   14.622  17.918  1.00 0.00 ?  72 HIS A HA   1 
ATOM 1178 H HB2  . HIS A 1 72 ? 1.562   16.986  16.526  1.00 0.00 ?  72 HIS A HB2  1 
ATOM 1179 H HB3  . HIS A 1 72 ? 0.688   15.985  17.685  1.00 0.00 ?  72 HIS A HB3  1 
ATOM 1180 H HD1  . HIS A 1 72 ? 3.740   18.228  17.460  1.00 0.00 ?  72 HIS A HD1  1 
ATOM 1181 H HD2  . HIS A 1 72 ? 1.294   16.506  20.364  1.00 0.00 ?  72 HIS A HD2  1 
ATOM 1182 H HE1  . HIS A 1 72 ? 4.441   19.235  19.676  1.00 0.00 ?  72 HIS A HE1  1 
ATOM 1183 H HE2  . HIS A 1 72 ? 2.959   18.195  21.457  1.00 0.00 ?  72 HIS A HE2  1 
ATOM 1184 N N    . HIS A 1 73 ? 1.709   14.492  14.830  1.00 0.00 ?  73 HIS A N    1 
ATOM 1185 C CA   . HIS A 1 73 ? 0.985   13.660  13.873  1.00 0.00 ?  73 HIS A CA   1 
ATOM 1186 C C    . HIS A 1 73 ? 1.611   13.771  12.487  1.00 0.00 ?  73 HIS A C    1 
ATOM 1187 O O    . HIS A 1 73 ? 2.058   14.844  12.082  1.00 0.00 ?  73 HIS A O    1 
ATOM 1188 C CB   . HIS A 1 73 ? -0.480  14.093  13.807  1.00 0.00 ?  73 HIS A CB   1 
ATOM 1189 C CG   . HIS A 1 73 ? -1.225  13.198  12.855  1.00 0.00 ?  73 HIS A CG   1 
ATOM 1190 N ND1  . HIS A 1 73 ? -1.535  11.883  13.167  1.00 0.00 ?  73 HIS A ND1  1 
ATOM 1191 C CD2  . HIS A 1 73 ? -1.725  13.412  11.594  1.00 0.00 ?  73 HIS A CD2  1 
ATOM 1192 C CE1  . HIS A 1 73 ? -2.193  11.361  12.116  1.00 0.00 ?  73 HIS A CE1  1 
ATOM 1193 N NE2  . HIS A 1 73 ? -2.335  12.252  11.130  1.00 0.00 ?  73 HIS A NE2  1 
ATOM 1194 H H    . HIS A 1 73 ? 2.166   15.298  14.515  1.00 0.00 ?  73 HIS A H    1 
ATOM 1195 H HA   . HIS A 1 73 ? 1.028   12.629  14.193  1.00 0.00 ?  73 HIS A HA   1 
ATOM 1196 H HB2  . HIS A 1 73 ? -0.921  14.022  14.790  1.00 0.00 ?  73 HIS A HB2  1 
ATOM 1197 H HB3  . HIS A 1 73 ? -0.539  15.113  13.459  1.00 0.00 ?  73 HIS A HB3  1 
ATOM 1198 H HD1  . HIS A 1 73 ? -1.315  11.418  14.002  1.00 0.00 ?  73 HIS A HD1  1 
ATOM 1199 H HD2  . HIS A 1 73 ? -1.654  14.340  11.046  1.00 0.00 ?  73 HIS A HD2  1 
ATOM 1200 H HE1  . HIS A 1 73 ? -2.561  10.347  12.074  1.00 0.00 ?  73 HIS A HE1  1 
ATOM 1201 H HE2  . HIS A 1 73 ? -2.776  12.115  10.265  1.00 0.00 ?  73 HIS A HE2  1 
ATOM 1202 N N    . ALA A 1 74 ? 1.642   12.652  11.764  1.00 0.00 ?  74 ALA A N    1 
ATOM 1203 C CA   . ALA A 1 74 ? 2.217   12.614  10.416  1.00 0.00 ?  74 ALA A CA   1 
ATOM 1204 C C    . ALA A 1 74 ? 1.223   11.961  9.447   1.00 0.00 ?  74 ALA A C    1 
ATOM 1205 O O    . ALA A 1 74 ? 0.332   11.234  9.885   1.00 0.00 ?  74 ALA A O    1 
ATOM 1206 C CB   . ALA A 1 74 ? 3.528   11.815  10.445  1.00 0.00 ?  74 ALA A CB   1 
ATOM 1207 H H    . ALA A 1 74 ? 1.269   11.830  12.146  1.00 0.00 ?  74 ALA A H    1 
ATOM 1208 H HA   . ALA A 1 74 ? 2.427   13.620  10.093  1.00 0.00 ?  74 ALA A HA   1 
ATOM 1209 H HB1  . ALA A 1 74 ? 4.150   12.109  9.615   1.00 0.00 ?  74 ALA A HB1  1 
ATOM 1210 H HB2  . ALA A 1 74 ? 3.313   10.759  10.379  1.00 0.00 ?  74 ALA A HB2  1 
ATOM 1211 H HB3  . ALA A 1 74 ? 4.048   12.016  11.371  1.00 0.00 ?  74 ALA A HB3  1 
ATOM 1212 N N    . PRO A 1 75 ? 1.344   12.183  8.153   1.00 0.00 ?  75 PRO A N    1 
ATOM 1213 C CA   . PRO A 1 75 ? 0.407   11.568  7.162   1.00 0.00 ?  75 PRO A CA   1 
ATOM 1214 C C    . PRO A 1 75 ? 0.253   10.064  7.385   1.00 0.00 ?  75 PRO A C    1 
ATOM 1215 O O    . PRO A 1 75 ? -0.840  9.514   7.243   1.00 0.00 ?  75 PRO A O    1 
ATOM 1216 C CB   . PRO A 1 75 ? 1.082   11.856  5.815   1.00 0.00 ?  75 PRO A CB   1 
ATOM 1217 C CG   . PRO A 1 75 ? 1.834   13.120  6.043   1.00 0.00 ?  75 PRO A CG   1 
ATOM 1218 C CD   . PRO A 1 75 ? 2.354   13.032  7.479   1.00 0.00 ?  75 PRO A CD   1 
ATOM 1219 H HA   . PRO A 1 75 ? -0.555  12.055  7.199   1.00 0.00 ?  75 PRO A HA   1 
ATOM 1220 H HB2  . PRO A 1 75 ? 1.760   11.054  5.548   1.00 0.00 ?  75 PRO A HB2  1 
ATOM 1221 H HB3  . PRO A 1 75 ? 0.341   11.998  5.040   1.00 0.00 ?  75 PRO A HB3  1 
ATOM 1222 H HG2  . PRO A 1 75 ? 2.658   13.196  5.345   1.00 0.00 ?  75 PRO A HG2  1 
ATOM 1223 H HG3  . PRO A 1 75 ? 1.177   13.972  5.943   1.00 0.00 ?  75 PRO A HG3  1 
ATOM 1224 H HD2  . PRO A 1 75 ? 3.329   12.565  7.497   1.00 0.00 ?  75 PRO A HD2  1 
ATOM 1225 H HD3  . PRO A 1 75 ? 2.388   14.013  7.922   1.00 0.00 ?  75 PRO A HD3  1 
ATOM 1226 N N    . TRP A 1 76 ? 1.354   9.409   7.740   1.00 0.00 ?  76 TRP A N    1 
ATOM 1227 C CA   . TRP A 1 76 ? 1.332   7.969   7.989   1.00 0.00 ?  76 TRP A CA   1 
ATOM 1228 C C    . TRP A 1 76 ? 0.942   7.692   9.437   1.00 0.00 ?  76 TRP A C    1 
ATOM 1229 O O    . TRP A 1 76 ? 1.662   8.060   10.366  1.00 0.00 ?  76 TRP A O    1 
ATOM 1230 C CB   . TRP A 1 76 ? 2.714   7.375   7.710   1.00 0.00 ?  76 TRP A CB   1 
ATOM 1231 C CG   . TRP A 1 76 ? 2.692   5.905   7.981   1.00 0.00 ?  76 TRP A CG   1 
ATOM 1232 C CD1  . TRP A 1 76 ? 2.338   4.955   7.087   1.00 0.00 ?  76 TRP A CD1  1 
ATOM 1233 C CD2  . TRP A 1 76 ? 3.031   5.204   9.212   1.00 0.00 ?  76 TRP A CD2  1 
ATOM 1234 N NE1  . TRP A 1 76 ? 2.439   3.713   7.690   1.00 0.00 ?  76 TRP A NE1  1 
ATOM 1235 C CE2  . TRP A 1 76 ? 2.862   3.816   9.001   1.00 0.00 ?  76 TRP A CE2  1 
ATOM 1236 C CE3  . TRP A 1 76 ? 3.465   5.634   10.479  1.00 0.00 ?  76 TRP A CE3  1 
ATOM 1237 C CZ2  . TRP A 1 76 ? 3.114   2.885   10.010  1.00 0.00 ?  76 TRP A CZ2  1 
ATOM 1238 C CZ3  . TRP A 1 76 ? 3.720   4.701   11.497  1.00 0.00 ?  76 TRP A CZ3  1 
ATOM 1239 C CH2  . TRP A 1 76 ? 3.545   3.330   11.263  1.00 0.00 ?  76 TRP A CH2  1 
ATOM 1240 H H    . TRP A 1 76 ? 2.195   9.901   7.843   1.00 0.00 ?  76 TRP A H    1 
ATOM 1241 H HA   . TRP A 1 76 ? 0.612   7.504   7.334   1.00 0.00 ?  76 TRP A HA   1 
ATOM 1242 H HB2  . TRP A 1 76 ? 2.976   7.547   6.676   1.00 0.00 ?  76 TRP A HB2  1 
ATOM 1243 H HB3  . TRP A 1 76 ? 3.445   7.847   8.349   1.00 0.00 ?  76 TRP A HB3  1 
ATOM 1244 H HD1  . TRP A 1 76 ? 2.028   5.135   6.068   1.00 0.00 ?  76 TRP A HD1  1 
ATOM 1245 H HE1  . TRP A 1 76 ? 2.238   2.858   7.259   1.00 0.00 ?  76 TRP A HE1  1 
ATOM 1246 H HE3  . TRP A 1 76 ? 3.603   6.689   10.670  1.00 0.00 ?  76 TRP A HE3  1 
ATOM 1247 H HZ2  . TRP A 1 76 ? 2.978   1.831   9.824   1.00 0.00 ?  76 TRP A HZ2  1 
ATOM 1248 H HZ3  . TRP A 1 76 ? 4.053   5.043   12.466  1.00 0.00 ?  76 TRP A HZ3  1 
ATOM 1249 H HH2  . TRP A 1 76 ? 3.741   2.618   12.050  1.00 0.00 ?  76 TRP A HH2  1 
ATOM 1250 N N    . ASP A 1 77 ? -0.203  7.041   9.624   1.00 0.00 ?  77 ASP A N    1 
ATOM 1251 C CA   . ASP A 1 77 ? -0.684  6.719   10.964  1.00 0.00 ?  77 ASP A CA   1 
ATOM 1252 C C    . ASP A 1 77 ? -0.050  5.427   11.469  1.00 0.00 ?  77 ASP A C    1 
ATOM 1253 O O    . ASP A 1 77 ? 0.758   4.808   10.777  1.00 0.00 ?  77 ASP A O    1 
ATOM 1254 C CB   . ASP A 1 77 ? -2.208  6.572   10.950  1.00 0.00 ?  77 ASP A CB   1 
ATOM 1255 C CG   . ASP A 1 77 ? -2.613  5.350   10.131  1.00 0.00 ?  77 ASP A CG   1 
ATOM 1256 O OD1  . ASP A 1 77 ? -1.730  4.685   9.614   1.00 0.00 ?  77 ASP A OD1  1 
ATOM 1257 O OD2  . ASP A 1 77 ? -3.801  5.096   10.032  1.00 0.00 -1 77 ASP A OD2  1 
ATOM 1258 H H    . ASP A 1 77 ? -0.735  6.773   8.845   1.00 0.00 ?  77 ASP A H    1 
ATOM 1259 H HA   . ASP A 1 77 ? -0.421  7.523   11.636  1.00 0.00 ?  77 ASP A HA   1 
ATOM 1260 H HB2  . ASP A 1 77 ? -2.565  6.458   11.962  1.00 0.00 ?  77 ASP A HB2  1 
ATOM 1261 H HB3  . ASP A 1 77 ? -2.648  7.456   10.512  1.00 0.00 ?  77 ASP A HB3  1 
ATOM 1262 N N    . VAL A 1 78 ? -0.424  5.026   12.680  1.00 0.00 ?  78 VAL A N    1 
ATOM 1263 C CA   . VAL A 1 78 ? 0.111   3.805   13.268  1.00 0.00 ?  78 VAL A CA   1 
ATOM 1264 C C    . VAL A 1 78 ? -0.438  2.580   12.545  1.00 0.00 ?  78 VAL A C    1 
ATOM 1265 O O    . VAL A 1 78 ? 0.186   1.519   12.537  1.00 0.00 ?  78 VAL A O    1 
ATOM 1266 C CB   . VAL A 1 78 ? -0.258  3.734   14.750  1.00 0.00 ?  78 VAL A CB   1 
ATOM 1267 C CG1  . VAL A 1 78 ? 0.352   4.928   15.486  1.00 0.00 ?  78 VAL A CG1  1 
ATOM 1268 C CG2  . VAL A 1 78 ? -1.781  3.772   14.897  1.00 0.00 ?  78 VAL A CG2  1 
ATOM 1269 H H    . VAL A 1 78 ? -1.074  5.559   13.184  1.00 0.00 ?  78 VAL A H    1 
ATOM 1270 H HA   . VAL A 1 78 ? 1.188   3.813   13.178  1.00 0.00 ?  78 VAL A HA   1 
ATOM 1271 H HB   . VAL A 1 78 ? 0.123   2.817   15.174  1.00 0.00 ?  78 VAL A HB   1 
ATOM 1272 H HG11 . VAL A 1 78 ? 0.219   4.801   16.551  1.00 0.00 ?  78 VAL A HG11 1 
ATOM 1273 H HG12 . VAL A 1 78 ? -0.139  5.836   15.168  1.00 0.00 ?  78 VAL A HG12 1 
ATOM 1274 H HG13 . VAL A 1 78 ? 1.406   4.990   15.259  1.00 0.00 ?  78 VAL A HG13 1 
ATOM 1275 H HG21 . VAL A 1 78 ? -2.173  4.634   14.375  1.00 0.00 ?  78 VAL A HG21 1 
ATOM 1276 H HG22 . VAL A 1 78 ? -2.041  3.837   15.944  1.00 0.00 ?  78 VAL A HG22 1 
ATOM 1277 H HG23 . VAL A 1 78 ? -2.207  2.873   14.476  1.00 0.00 ?  78 VAL A HG23 1 
ATOM 1278 N N    . ASP A 1 79 ? -1.612  2.737   11.938  1.00 0.00 ?  79 ASP A N    1 
ATOM 1279 C CA   . ASP A 1 79 ? -2.244  1.639   11.210  1.00 0.00 ?  79 ASP A CA   1 
ATOM 1280 C C    . ASP A 1 79 ? -1.737  1.591   9.772   1.00 0.00 ?  79 ASP A C    1 
ATOM 1281 O O    . ASP A 1 79 ? -2.087  2.439   8.951   1.00 0.00 ?  79 ASP A O    1 
ATOM 1282 C CB   . ASP A 1 79 ? -3.763  1.825   11.209  1.00 0.00 ?  79 ASP A CB   1 
ATOM 1283 C CG   . ASP A 1 79 ? -4.429  0.664   10.481  1.00 0.00 ?  79 ASP A CG   1 
ATOM 1284 O OD1  . ASP A 1 79 ? -4.371  -0.443  10.993  1.00 0.00 ?  79 ASP A OD1  1 
ATOM 1285 O OD2  . ASP A 1 79 ? -4.988  0.896   9.421   1.00 0.00 -1 79 ASP A OD2  1 
ATOM 1286 H H    . ASP A 1 79 ? -2.060  3.606   11.980  1.00 0.00 ?  79 ASP A H    1 
ATOM 1287 H HA   . ASP A 1 79 ? -2.008  0.705   11.698  1.00 0.00 ?  79 ASP A HA   1 
ATOM 1288 H HB2  . ASP A 1 79 ? -4.119  1.861   12.229  1.00 0.00 ?  79 ASP A HB2  1 
ATOM 1289 H HB3  . ASP A 1 79 ? -4.012  2.749   10.710  1.00 0.00 ?  79 ASP A HB3  1 
ATOM 1290 N N    . ASP A 1 80 ? -0.913  0.592   9.473   1.00 0.00 ?  80 ASP A N    1 
ATOM 1291 C CA   . ASP A 1 80 ? -0.361  0.440   8.130   1.00 0.00 ?  80 ASP A CA   1 
ATOM 1292 C C    . ASP A 1 80 ? -1.342  -0.300  7.226   1.00 0.00 ?  80 ASP A C    1 
ATOM 1293 O O    . ASP A 1 80 ? -1.050  -0.563  6.059   1.00 0.00 ?  80 ASP A O    1 
ATOM 1294 C CB   . ASP A 1 80 ? 0.960   -0.330  8.192   1.00 0.00 ?  80 ASP A CB   1 
ATOM 1295 C CG   . ASP A 1 80 ? 0.712   -1.761  8.659   1.00 0.00 ?  80 ASP A CG   1 
ATOM 1296 O OD1  . ASP A 1 80 ? -0.437  -2.097  8.898   1.00 0.00 ?  80 ASP A OD1  1 
ATOM 1297 O OD2  . ASP A 1 80 ? 1.676   -2.502  8.770   1.00 0.00 -1 80 ASP A OD2  1 
ATOM 1298 H H    . ASP A 1 80 ? -0.669  -0.054  10.168  1.00 0.00 ?  80 ASP A H    1 
ATOM 1299 H HA   . ASP A 1 80 ? -0.171  1.419   7.712   1.00 0.00 ?  80 ASP A HA   1 
ATOM 1300 H HB2  . ASP A 1 80 ? 1.411   -0.346  7.210   1.00 0.00 ?  80 ASP A HB2  1 
ATOM 1301 H HB3  . ASP A 1 80 ? 1.627   0.160   8.884   1.00 0.00 ?  80 ASP A HB3  1 
ATOM 1302 N N    . LEU A 1 81 ? -2.508  -0.632  7.774   1.00 0.00 ?  81 LEU A N    1 
ATOM 1303 C CA   . LEU A 1 81 ? -3.525  -1.340  7.008   1.00 0.00 ?  81 LEU A CA   1 
ATOM 1304 C C    . LEU A 1 81 ? -2.924  -2.576  6.343   1.00 0.00 ?  81 LEU A C    1 
ATOM 1305 O O    . LEU A 1 81 ? -3.077  -3.654  6.892   1.00 0.00 ?  81 LEU A O    1 
ATOM 1306 C CB   . LEU A 1 81 ? -4.118  -0.405  5.945   1.00 0.00 ?  81 LEU A CB   1 
ATOM 1307 C CG   . LEU A 1 81 ? -5.188  -1.134  5.116   1.00 0.00 ?  81 LEU A CG   1 
ATOM 1308 C CD1  . LEU A 1 81 ? -6.332  -1.610  6.025   1.00 0.00 ?  81 LEU A CD1  1 
ATOM 1309 C CD2  . LEU A 1 81 ? -5.741  -0.166  4.062   1.00 0.00 ?  81 LEU A CD2  1 
ATOM 1310 O OXT  . LEU A 1 81 ? -2.319  -2.424  5.295   1.00 0.00 ?  81 LEU A OXT  1 
ATOM 1311 H H    . LEU A 1 81 ? -2.685  -0.394  8.707   1.00 0.00 ?  81 LEU A H    1 
ATOM 1312 H HA   . LEU A 1 81 ? -4.311  -1.650  7.679   1.00 0.00 ?  81 LEU A HA   1 
ATOM 1313 H HB2  . LEU A 1 81 ? -4.565  0.449   6.432   1.00 0.00 ?  81 LEU A HB2  1 
ATOM 1314 H HB3  . LEU A 1 81 ? -3.329  -0.067  5.289   1.00 0.00 ?  81 LEU A HB3  1 
ATOM 1315 H HG   . LEU A 1 81 ? -4.746  -1.985  4.619   1.00 0.00 ?  81 LEU A HG   1 
ATOM 1316 H HD11 . LEU A 1 81 ? -7.235  -1.736  5.442   1.00 0.00 ?  81 LEU A HD11 1 
ATOM 1317 H HD12 . LEU A 1 81 ? -6.508  -0.883  6.805   1.00 0.00 ?  81 LEU A HD12 1 
ATOM 1318 H HD13 . LEU A 1 81 ? -6.066  -2.558  6.471   1.00 0.00 ?  81 LEU A HD13 1 
ATOM 1319 H HD21 . LEU A 1 81 ? -4.999  -0.012  3.291   1.00 0.00 ?  81 LEU A HD21 1 
ATOM 1320 H HD22 . LEU A 1 81 ? -5.974  0.779   4.529   1.00 0.00 ?  81 LEU A HD22 1 
ATOM 1321 H HD23 . LEU A 1 81 ? -6.634  -0.583  3.623   1.00 0.00 ?  81 LEU A HD23 1 
# 
